data_8YO4
#
_entry.id   8YO4
#
loop_
_entity.id
_entity.type
_entity.pdbx_description
1 polymer 'DNA topoisomerase medium subunit'
2 polymer 'phage T4 topoisomerase II gp39-gp60 subunit'
3 polymer "DNA (5'-D(P*TP*GP*TP*GP*TP*GP*TP*AP*TP*AP*TP*AP*TP*AP*CP*AP*CP*AP*TP*AP*TP*AP*TP*A)-3')"
4 polymer "DNA (5'-D(P*AP*TP*AP*TP*AP*TP*GP*TP*GP*TP*AP*TP*AP*TP*AP*TP*AP*CP*AP*CP*AP*CP*AP*T)-3')"
5 non-polymer 'MAGNESIUM ION'
#
loop_
_entity_poly.entity_id
_entity_poly.type
_entity_poly.pdbx_seq_one_letter_code
_entity_poly.pdbx_strand_id
1 'polypeptide(L)'
;MQLNNRDLKSIIDNEALAYAMYTVENRAIPNMIDGFKPVQRFVIARALDLARGNKDKFHKLASIAGGVADLGYHHGENSA
QDAGALMANTWNNNFPLLDGQGNFGSRTVQKAAASRYIFARVSKNFYNVYKDTEYAPVHQDKEHIPPAFYLPIIPTVLLN
GVSGIATGYATYILPHSVSSVKKAVLQALQGKKVTKPKVEFPEFRGEVVEIDGQYEIRGTYKFTSRTQMHITEIPYKYDR
ETYVSKILDPLENKGFITWDDACGEHGFGFKVKFRKEYSLSDNEEERHAKIMKDFGLIERRSQNITVINEKGKLQVYDNV
VDLIKDFVEVRKTYVQKRIDNKIKETESAFRLAFAKAHFIKKVISGEIVVQGKTRKELTEELSKIDMYSSYVDKLVGMNI
FHMTSDEAKKLAEEAKAKKEENEYWKTTDVVTEYTKDLEEIKHHHHHHHHHH
;
A,B
2 'polypeptide(L)'
;MIKNEIKILSDIEHIKKRSGMYIGSSANETHERFMFGKWESVQYVPGLVKLIDEIIDNSVDEGIRTKFKFANKINVTIKN
NQVTVEDNGRGIPQAMVKTPTGEEIPGPVAAWTIPKAGGNFGDDKERVTGGMNGVGSSLTNIFSVMFVGETGDGQNNIVV
RCSNGMENKSWEDIPGKWKGTRVTFIPDFMSFETNELSQVYLDITLDRLQTLAVVYPDIQFTFNGKKVQGNFKKYARQYD
EHAIVQEQENCSIAVGRSPDGFRQLTYVNNIHTKNGGHHIDCAMDDICEDLIPQIKRKFKIDVTKARVKECLTIVMFVRD
MKNMRLIRQTKERLTSPFGEIRSHIQLDAKKISRDILNNEAILMPIIEAALARKLAAEKAAETKAAKKASKAKVHKHIKA
NLCGKDADTTLFLTEGDSAIGYLIDVRDKELHGGYPLRGKVLNSWGMSYADMLKNKELFDICAITGLVLGEKAFEEKEDG
EWFTFELNGDTIIVNENDEVQINGKWITVGELRKNLMKFVKIDSSSVDMKKYKLQNNVRRSIKSSSMNYANVAIMTDADH
DGLGSIYPSLLGFFSNWPELFEQGRIRFVKTPVIIAQVGKKQEWFYTVAEYESAKDALPKHSIRYIKGLGSLEKSEYREM
IQNPVYDVVKLPENWKELFEMLMGDNADLRKEWMSQHHHHHH
;
C,D
3 'polydeoxyribonucleotide'
;(DA)(DT)(DG)(DC)(DA)(DT)(DA)(DT)(DA)(DT)(DA)(DT)(DG)(DT)(DA)(DT)(DA)(DT)(DG)(DT)
(DA)(DT)(DG)(DT)(DG)(DT)(DG)(DT)(DA)(DT)(DA)(DT)(DA)(DT)(DA)(DC)(DA)(DC)(DA)(DT)
(DA)(DT)(DA)(DT)(DA)(DT)(DA)(DT)(DA)(DT)(DA)(DT)
;
E
4 'polydeoxyribonucleotide'
;(DA)(DT)(DA)(DT)(DA)(DT)(DA)(DT)(DA)(DT)(DA)(DT)(DA)(DT)(DG)(DT)(DG)(DT)(DA)(DT)
(DA)(DT)(DA)(DT)(DA)(DC)(DA)(DC)(DA)(DC)(DA)(DT)(DA)(DC)(DA)(DT)(DA)(DT)(DA)(DC)
(DA)(DT)(DA)(DT)(DA)(DT)(DA)(DT)(DG)(DC)(DA)(DT)
;
F
#
# COMPACT_ATOMS: atom_id res chain seq x y z
N MET A 1 33.99 -16.54 -10.14
CA MET A 1 33.52 -17.85 -10.55
C MET A 1 33.78 -18.88 -9.45
N GLN A 2 32.70 -19.38 -8.87
CA GLN A 2 32.76 -20.31 -7.74
C GLN A 2 31.83 -21.50 -7.98
N LEU A 3 31.95 -22.12 -9.15
CA LEU A 3 31.12 -23.26 -9.51
C LEU A 3 31.20 -24.36 -8.45
N ASN A 4 30.09 -24.61 -7.77
CA ASN A 4 29.97 -25.68 -6.80
C ASN A 4 29.01 -26.74 -7.34
N ASN A 5 28.83 -27.80 -6.55
CA ASN A 5 27.94 -28.90 -6.93
C ASN A 5 26.91 -29.12 -5.84
N ARG A 6 25.65 -29.22 -6.23
CA ARG A 6 24.55 -29.43 -5.30
C ARG A 6 23.64 -30.52 -5.85
N ASP A 7 23.51 -31.60 -5.10
CA ASP A 7 22.62 -32.69 -5.48
C ASP A 7 21.17 -32.27 -5.30
N LEU A 8 20.29 -32.91 -6.09
CA LEU A 8 18.87 -32.61 -5.97
C LEU A 8 18.32 -33.03 -4.62
N LYS A 9 18.78 -34.17 -4.10
CA LYS A 9 18.32 -34.62 -2.79
C LYS A 9 18.68 -33.63 -1.69
N SER A 10 19.80 -32.94 -1.83
CA SER A 10 20.19 -31.90 -0.87
C SER A 10 19.43 -30.61 -1.08
N ILE A 11 18.76 -30.44 -2.22
CA ILE A 11 17.95 -29.25 -2.47
C ILE A 11 16.55 -29.39 -1.88
N ILE A 12 15.91 -30.54 -2.11
CA ILE A 12 14.54 -30.76 -1.65
C ILE A 12 14.47 -31.22 -0.20
N ASP A 13 15.62 -31.40 0.46
CA ASP A 13 15.64 -31.76 1.87
C ASP A 13 16.06 -30.61 2.77
N ASN A 14 16.69 -29.57 2.23
CA ASN A 14 17.13 -28.42 2.99
C ASN A 14 16.39 -27.14 2.63
N GLU A 15 16.09 -26.92 1.36
CA GLU A 15 15.42 -25.71 0.91
C GLU A 15 13.95 -25.92 0.55
N ALA A 16 13.55 -27.14 0.19
CA ALA A 16 12.13 -27.43 0.03
C ALA A 16 11.50 -27.81 1.35
N LEU A 17 12.20 -28.56 2.20
CA LEU A 17 11.75 -28.79 3.57
C LEU A 17 12.23 -27.66 4.48
N ALA A 18 12.05 -26.44 3.98
CA ALA A 18 12.10 -25.23 4.78
C ALA A 18 11.01 -24.24 4.38
N TYR A 19 10.42 -24.40 3.20
CA TYR A 19 9.20 -23.71 2.80
C TYR A 19 7.97 -24.56 3.08
N ALA A 20 8.12 -25.88 3.06
CA ALA A 20 7.03 -26.76 3.46
C ALA A 20 6.69 -26.57 4.93
N MET A 21 7.68 -26.64 5.81
CA MET A 21 7.45 -26.31 7.21
C MET A 21 7.76 -24.84 7.48
N TYR A 22 7.25 -23.99 6.62
CA TYR A 22 7.07 -22.56 6.83
C TYR A 22 5.67 -22.13 6.45
N THR A 23 5.12 -22.69 5.38
CA THR A 23 3.71 -22.51 5.06
C THR A 23 2.82 -23.22 6.06
N VAL A 24 3.37 -24.19 6.80
CA VAL A 24 2.59 -24.88 7.81
C VAL A 24 2.65 -24.15 9.15
N GLU A 25 3.86 -23.74 9.56
CA GLU A 25 4.03 -23.13 10.88
C GLU A 25 3.89 -21.61 10.82
N ASN A 26 4.74 -20.94 10.05
CA ASN A 26 4.72 -19.49 9.95
C ASN A 26 3.75 -18.99 8.89
N ARG A 27 2.77 -19.80 8.52
CA ARG A 27 1.71 -19.40 7.60
C ARG A 27 0.56 -20.39 7.79
N ALA A 28 -0.67 -19.93 7.59
CA ALA A 28 -1.84 -20.77 7.78
C ALA A 28 -1.85 -21.42 9.16
N ILE A 29 -2.70 -22.41 9.35
CA ILE A 29 -2.67 -23.28 10.53
C ILE A 29 -2.62 -22.44 11.81
N PRO A 30 -3.72 -21.79 12.18
CA PRO A 30 -3.66 -20.81 13.26
C PRO A 30 -3.16 -21.41 14.58
N ASN A 31 -2.43 -20.59 15.33
CA ASN A 31 -1.93 -21.02 16.63
C ASN A 31 -3.10 -21.33 17.56
N MET A 32 -2.99 -22.43 18.30
CA MET A 32 -4.10 -22.86 19.15
C MET A 32 -4.38 -21.84 20.24
N ILE A 33 -3.34 -21.25 20.82
CA ILE A 33 -3.50 -20.29 21.90
C ILE A 33 -3.83 -18.90 21.37
N ASP A 34 -2.98 -18.39 20.49
CA ASP A 34 -3.13 -17.01 20.02
C ASP A 34 -4.45 -16.83 19.27
N GLY A 35 -4.79 -17.78 18.40
CA GLY A 35 -5.96 -17.68 17.57
C GLY A 35 -5.73 -17.03 16.23
N PHE A 36 -4.53 -16.51 15.96
CA PHE A 36 -4.23 -15.87 14.69
C PHE A 36 -3.17 -16.64 13.93
N LYS A 37 -3.21 -16.48 12.61
CA LYS A 37 -2.07 -16.75 11.77
C LYS A 37 -1.04 -15.63 11.96
N PRO A 38 0.20 -15.85 11.56
CA PRO A 38 1.23 -14.80 11.76
C PRO A 38 0.85 -13.44 11.18
N VAL A 39 0.23 -13.41 9.99
CA VAL A 39 -0.13 -12.13 9.39
C VAL A 39 -1.15 -11.39 10.24
N GLN A 40 -2.16 -12.12 10.74
CA GLN A 40 -3.16 -11.49 11.61
C GLN A 40 -2.52 -10.98 12.89
N ARG A 41 -1.57 -11.74 13.44
CA ARG A 41 -0.88 -11.32 14.66
C ARG A 41 -0.09 -10.03 14.41
N PHE A 42 0.60 -9.94 13.28
CA PHE A 42 1.33 -8.72 12.96
C PHE A 42 0.38 -7.53 12.77
N VAL A 43 -0.75 -7.77 12.09
CA VAL A 43 -1.71 -6.70 11.86
C VAL A 43 -2.24 -6.17 13.19
N ILE A 44 -2.57 -7.09 14.10
CA ILE A 44 -3.10 -6.66 15.40
C ILE A 44 -2.01 -6.00 16.24
N ALA A 45 -0.76 -6.45 16.10
CA ALA A 45 0.33 -5.77 16.81
C ALA A 45 0.49 -4.34 16.35
N ARG A 46 0.44 -4.10 15.04
CA ARG A 46 0.54 -2.72 14.54
C ARG A 46 -0.68 -1.90 14.93
N ALA A 47 -1.86 -2.52 14.93
CA ALA A 47 -3.07 -1.82 15.37
C ALA A 47 -2.97 -1.42 16.84
N LEU A 48 -2.40 -2.29 17.67
CA LEU A 48 -2.15 -1.93 19.07
C LEU A 48 -1.14 -0.81 19.20
N ASP A 49 -0.08 -0.85 18.37
CA ASP A 49 0.90 0.23 18.37
C ASP A 49 0.24 1.57 18.05
N LEU A 50 -0.66 1.58 17.07
CA LEU A 50 -1.37 2.82 16.73
C LEU A 50 -2.35 3.21 17.84
N ALA A 51 -3.05 2.24 18.43
CA ALA A 51 -4.03 2.54 19.47
C ALA A 51 -3.39 2.94 20.78
N ARG A 52 -2.08 2.75 20.92
CA ARG A 52 -1.38 3.21 22.12
C ARG A 52 -1.64 4.68 22.38
N GLY A 53 -1.52 5.51 21.34
CA GLY A 53 -1.84 6.92 21.50
C GLY A 53 -3.31 7.17 21.76
N ASN A 54 -4.17 6.47 21.02
CA ASN A 54 -5.62 6.64 21.16
C ASN A 54 -6.31 5.41 20.59
N LYS A 55 -7.07 4.71 21.45
CA LYS A 55 -7.69 3.46 21.05
C LYS A 55 -9.05 3.64 20.38
N ASP A 56 -9.61 4.85 20.40
CA ASP A 56 -10.87 5.13 19.75
C ASP A 56 -10.71 5.76 18.37
N LYS A 57 -9.49 5.88 17.87
CA LYS A 57 -9.24 6.51 16.58
C LYS A 57 -9.15 5.46 15.47
N PHE A 58 -9.81 5.75 14.35
CA PHE A 58 -9.77 4.88 13.19
C PHE A 58 -8.58 5.26 12.31
N HIS A 59 -7.77 4.27 11.96
CA HIS A 59 -6.66 4.45 11.04
C HIS A 59 -6.95 3.73 9.74
N LYS A 60 -6.38 4.25 8.65
CA LYS A 60 -6.56 3.64 7.35
C LYS A 60 -5.99 2.23 7.34
N LEU A 61 -6.63 1.34 6.59
CA LEU A 61 -6.10 -0.01 6.45
C LEU A 61 -4.79 -0.04 5.69
N ALA A 62 -4.45 1.04 4.98
CA ALA A 62 -3.12 1.20 4.43
C ALA A 62 -2.11 1.66 5.48
N SER A 63 -2.59 2.14 6.63
CA SER A 63 -1.73 2.46 7.77
C SER A 63 -1.73 1.38 8.83
N ILE A 64 -2.86 0.68 9.02
CA ILE A 64 -2.87 -0.49 9.88
C ILE A 64 -1.92 -1.55 9.35
N ALA A 65 -1.88 -1.72 8.04
CA ALA A 65 -0.83 -2.47 7.37
C ALA A 65 0.26 -1.50 6.94
N GLY A 66 1.21 -2.00 6.14
CA GLY A 66 2.28 -1.16 5.66
C GLY A 66 3.38 -0.95 6.67
N GLY A 67 3.01 -0.58 7.90
CA GLY A 67 3.95 -0.40 8.98
C GLY A 67 4.37 -1.67 9.67
N VAL A 68 3.86 -2.82 9.24
CA VAL A 68 4.25 -4.10 9.83
C VAL A 68 5.55 -4.64 9.27
N ALA A 69 6.19 -3.92 8.34
CA ALA A 69 7.46 -4.37 7.79
C ALA A 69 8.57 -4.30 8.83
N ASP A 70 8.61 -3.22 9.61
CA ASP A 70 9.60 -3.09 10.66
C ASP A 70 9.31 -3.97 11.87
N LEU A 71 8.10 -4.52 11.97
CA LEU A 71 7.76 -5.42 13.06
C LEU A 71 8.23 -6.85 12.82
N GLY A 72 8.70 -7.16 11.63
CA GLY A 72 9.17 -8.48 11.30
C GLY A 72 8.33 -9.27 10.31
N TYR A 73 7.48 -8.61 9.52
CA TYR A 73 6.64 -9.27 8.52
C TYR A 73 7.20 -8.93 7.14
N HIS A 74 8.05 -9.82 6.63
CA HIS A 74 8.70 -9.61 5.34
C HIS A 74 7.98 -10.42 4.25
N HIS A 75 6.71 -10.09 4.03
CA HIS A 75 5.90 -10.84 3.06
C HIS A 75 4.98 -9.96 2.24
N GLY A 76 5.34 -8.69 2.05
CA GLY A 76 4.51 -7.83 1.23
C GLY A 76 3.28 -7.32 1.95
N GLU A 77 2.92 -6.06 1.72
CA GLU A 77 1.88 -5.42 2.50
C GLU A 77 0.48 -5.56 1.91
N ASN A 78 0.36 -6.05 0.68
CA ASN A 78 -0.99 -6.29 0.14
C ASN A 78 -1.65 -7.48 0.81
N SER A 79 -0.89 -8.53 1.13
CA SER A 79 -1.40 -9.66 1.88
C SER A 79 -1.86 -9.26 3.27
N ALA A 80 -1.11 -8.38 3.94
CA ALA A 80 -1.53 -7.87 5.25
C ALA A 80 -2.82 -7.08 5.17
N GLN A 81 -2.98 -6.22 4.16
CA GLN A 81 -4.24 -5.49 4.00
C GLN A 81 -5.39 -6.44 3.73
N ASP A 82 -5.19 -7.42 2.86
CA ASP A 82 -6.25 -8.37 2.55
C ASP A 82 -6.62 -9.24 3.74
N ALA A 83 -5.66 -9.62 4.57
CA ALA A 83 -5.94 -10.39 5.78
C ALA A 83 -6.55 -9.55 6.89
N GLY A 84 -6.26 -8.25 6.93
CA GLY A 84 -6.90 -7.37 7.89
C GLY A 84 -8.29 -6.94 7.50
N ALA A 85 -8.60 -6.94 6.20
CA ALA A 85 -9.96 -6.65 5.76
C ALA A 85 -10.92 -7.79 6.10
N LEU A 86 -10.41 -9.01 6.22
CA LEU A 86 -11.22 -10.16 6.58
C LEU A 86 -11.41 -10.32 8.08
N MET A 87 -10.84 -9.43 8.89
CA MET A 87 -10.90 -9.52 10.33
C MET A 87 -11.83 -8.47 10.96
N ALA A 88 -12.16 -7.41 10.24
CA ALA A 88 -13.00 -6.33 10.74
C ALA A 88 -14.47 -6.52 10.40
N ASN A 89 -14.85 -7.64 9.80
CA ASN A 89 -16.21 -7.85 9.36
C ASN A 89 -17.09 -8.33 10.50
N THR A 90 -18.40 -8.15 10.34
CA THR A 90 -19.38 -8.74 11.23
C THR A 90 -20.19 -9.87 10.57
N TRP A 91 -20.24 -9.88 9.24
CA TRP A 91 -20.92 -10.97 8.53
C TRP A 91 -20.08 -12.23 8.52
N ASN A 92 -18.76 -12.11 8.59
CA ASN A 92 -17.85 -13.24 8.51
C ASN A 92 -17.32 -13.69 9.87
N ASN A 93 -17.26 -12.81 10.85
CA ASN A 93 -16.66 -13.10 12.15
C ASN A 93 -17.74 -13.13 13.22
N ASN A 94 -17.79 -14.23 13.96
CA ASN A 94 -18.69 -14.34 15.11
C ASN A 94 -18.17 -13.62 16.33
N PHE A 95 -16.94 -13.11 16.29
CA PHE A 95 -16.33 -12.39 17.39
C PHE A 95 -15.21 -11.52 16.85
N PRO A 96 -15.53 -10.41 16.19
CA PRO A 96 -14.49 -9.59 15.55
C PRO A 96 -13.55 -8.98 16.58
N LEU A 97 -12.26 -8.96 16.24
CA LEU A 97 -11.26 -8.32 17.07
C LEU A 97 -10.79 -6.99 16.48
N LEU A 98 -11.34 -6.59 15.34
CA LEU A 98 -11.08 -5.29 14.75
C LEU A 98 -12.41 -4.64 14.40
N ASP A 99 -12.57 -3.40 14.80
CA ASP A 99 -13.73 -2.60 14.40
C ASP A 99 -13.39 -1.85 13.11
N GLY A 100 -14.41 -1.68 12.27
CA GLY A 100 -14.21 -1.10 10.96
C GLY A 100 -15.13 0.07 10.70
N GLN A 101 -14.67 0.96 9.83
CA GLN A 101 -15.44 2.12 9.39
C GLN A 101 -15.34 2.19 7.87
N GLY A 102 -16.46 1.98 7.19
CA GLY A 102 -16.52 1.93 5.75
C GLY A 102 -17.23 0.67 5.31
N ASN A 103 -17.03 0.32 4.04
CA ASN A 103 -17.64 -0.88 3.47
C ASN A 103 -16.62 -2.02 3.57
N PHE A 104 -16.74 -2.82 4.62
CA PHE A 104 -15.88 -3.98 4.80
C PHE A 104 -16.50 -5.25 4.24
N GLY A 105 -17.68 -5.16 3.63
CA GLY A 105 -18.30 -6.32 3.02
C GLY A 105 -19.63 -6.69 3.65
N SER A 106 -20.44 -7.42 2.89
CA SER A 106 -21.70 -7.96 3.36
C SER A 106 -21.80 -9.41 2.89
N ARG A 107 -22.82 -10.13 3.37
CA ARG A 107 -22.98 -11.51 2.95
C ARG A 107 -23.34 -11.61 1.47
N THR A 108 -24.14 -10.67 0.97
CA THR A 108 -24.51 -10.69 -0.45
C THR A 108 -23.28 -10.50 -1.33
N VAL A 109 -22.41 -9.57 -0.98
CA VAL A 109 -21.17 -9.32 -1.71
C VAL A 109 -20.02 -9.45 -0.70
N GLN A 110 -19.37 -10.62 -0.71
CA GLN A 110 -18.33 -10.93 0.27
C GLN A 110 -16.98 -10.38 -0.22
N LYS A 111 -16.92 -9.05 -0.28
CA LYS A 111 -15.70 -8.37 -0.69
C LYS A 111 -15.69 -6.97 -0.10
N ALA A 112 -14.67 -6.68 0.70
CA ALA A 112 -14.51 -5.35 1.24
C ALA A 112 -14.10 -4.36 0.15
N ALA A 113 -14.30 -3.08 0.43
CA ALA A 113 -13.84 -2.05 -0.48
C ALA A 113 -12.32 -2.03 -0.52
N ALA A 114 -11.77 -1.17 -1.38
CA ALA A 114 -10.33 -1.03 -1.44
C ALA A 114 -9.81 -0.36 -0.16
N SER A 115 -8.53 -0.60 0.14
CA SER A 115 -7.95 -0.07 1.37
C SER A 115 -7.89 1.45 1.37
N ARG A 116 -8.09 2.09 0.23
CA ARG A 116 -8.11 3.55 0.17
C ARG A 116 -9.32 4.14 0.90
N TYR A 117 -10.33 3.35 1.19
CA TYR A 117 -11.55 3.84 1.82
C TYR A 117 -11.73 3.39 3.26
N ILE A 118 -11.41 2.15 3.56
CA ILE A 118 -11.84 1.52 4.81
C ILE A 118 -10.84 1.84 5.92
N PHE A 119 -11.36 2.10 7.12
CA PHE A 119 -10.56 2.35 8.30
C PHE A 119 -10.74 1.21 9.30
N ALA A 120 -9.67 0.89 10.02
CA ALA A 120 -9.71 -0.22 10.97
C ALA A 120 -9.06 0.20 12.29
N ARG A 121 -9.63 -0.29 13.39
CA ARG A 121 -9.08 -0.08 14.72
C ARG A 121 -9.27 -1.34 15.52
N VAL A 122 -8.66 -1.38 16.71
CA VAL A 122 -8.82 -2.53 17.60
C VAL A 122 -10.20 -2.49 18.24
N SER A 123 -10.87 -3.64 18.27
CA SER A 123 -12.23 -3.71 18.77
C SER A 123 -12.25 -3.83 20.29
N LYS A 124 -13.43 -3.62 20.87
CA LYS A 124 -13.62 -3.80 22.30
C LYS A 124 -13.47 -5.26 22.71
N ASN A 125 -13.80 -6.18 21.80
CA ASN A 125 -13.69 -7.60 22.10
C ASN A 125 -12.24 -8.00 22.39
N PHE A 126 -11.30 -7.46 21.61
CA PHE A 126 -9.89 -7.76 21.84
C PHE A 126 -9.45 -7.32 23.23
N TYR A 127 -9.85 -6.11 23.65
CA TYR A 127 -9.46 -5.63 24.96
C TYR A 127 -10.16 -6.39 26.08
N ASN A 128 -11.38 -6.86 25.85
CA ASN A 128 -12.07 -7.64 26.86
C ASN A 128 -11.58 -9.08 26.95
N VAL A 129 -10.94 -9.59 25.90
CA VAL A 129 -10.57 -11.00 25.84
C VAL A 129 -9.06 -11.20 25.93
N TYR A 130 -8.27 -10.32 25.31
CA TYR A 130 -6.83 -10.50 25.26
C TYR A 130 -6.16 -9.75 26.39
N LYS A 131 -5.55 -10.49 27.31
CA LYS A 131 -4.90 -9.94 28.50
C LYS A 131 -3.47 -10.45 28.56
N ASP A 132 -2.72 -9.92 29.53
CA ASP A 132 -1.37 -10.39 29.84
C ASP A 132 -0.45 -10.33 28.62
N THR A 133 -0.60 -9.27 27.82
CA THR A 133 0.27 -9.11 26.66
C THR A 133 1.72 -8.89 27.08
N GLU A 134 1.94 -8.12 28.15
CA GLU A 134 3.29 -7.85 28.62
C GLU A 134 3.98 -9.10 29.15
N TYR A 135 3.22 -10.14 29.48
CA TYR A 135 3.78 -11.41 29.94
C TYR A 135 3.72 -12.49 28.87
N ALA A 136 3.35 -12.14 27.65
CA ALA A 136 3.36 -13.10 26.56
C ALA A 136 4.79 -13.49 26.20
N PRO A 137 5.01 -14.73 25.76
CA PRO A 137 6.37 -15.15 25.41
C PRO A 137 6.92 -14.38 24.23
N VAL A 138 8.23 -14.20 24.23
CA VAL A 138 8.92 -13.48 23.16
C VAL A 138 9.40 -14.49 22.13
N HIS A 139 9.43 -14.05 20.87
CA HIS A 139 9.87 -14.92 19.78
C HIS A 139 11.38 -15.13 19.84
N GLN A 140 11.82 -16.24 19.25
CA GLN A 140 13.25 -16.52 19.19
C GLN A 140 13.99 -15.47 18.39
N ASP A 141 13.44 -15.06 17.26
CA ASP A 141 14.06 -14.02 16.45
C ASP A 141 13.91 -12.66 17.12
N LYS A 142 14.99 -11.87 17.09
CA LYS A 142 14.92 -10.52 17.64
C LYS A 142 14.14 -9.57 16.74
N GLU A 143 14.04 -9.88 15.44
CA GLU A 143 13.28 -9.04 14.52
C GLU A 143 11.78 -9.17 14.72
N HIS A 144 11.33 -10.31 15.26
CA HIS A 144 9.90 -10.55 15.49
C HIS A 144 9.46 -9.73 16.69
N ILE A 145 9.17 -8.45 16.43
CA ILE A 145 8.77 -7.54 17.52
C ILE A 145 7.51 -8.00 18.24
N PRO A 146 6.44 -8.42 17.55
CA PRO A 146 5.28 -8.92 18.29
C PRO A 146 5.64 -10.18 19.06
N PRO A 147 4.92 -10.47 20.14
CA PRO A 147 5.23 -11.65 20.95
C PRO A 147 5.04 -12.93 20.16
N ALA A 148 5.48 -14.04 20.76
CA ALA A 148 5.33 -15.34 20.11
C ALA A 148 3.87 -15.66 19.87
N PHE A 149 3.01 -15.40 20.85
CA PHE A 149 1.57 -15.51 20.67
C PHE A 149 0.88 -14.78 21.80
N TYR A 150 -0.21 -14.10 21.48
CA TYR A 150 -0.99 -13.41 22.49
C TYR A 150 -1.72 -14.41 23.37
N LEU A 151 -2.22 -13.93 24.52
CA LEU A 151 -2.84 -14.77 25.54
C LEU A 151 -4.28 -14.32 25.75
N PRO A 152 -5.24 -14.93 25.06
CA PRO A 152 -6.65 -14.63 25.31
C PRO A 152 -7.21 -15.49 26.45
N ILE A 153 -8.39 -15.09 26.93
CA ILE A 153 -9.05 -15.85 27.97
C ILE A 153 -9.80 -17.04 27.40
N ILE A 154 -10.25 -16.96 26.15
CA ILE A 154 -11.05 -18.01 25.53
C ILE A 154 -10.37 -18.39 24.22
N PRO A 155 -10.58 -19.62 23.74
CA PRO A 155 -9.93 -20.05 22.50
C PRO A 155 -10.55 -19.42 21.27
N THR A 156 -10.06 -18.24 20.90
CA THR A 156 -10.62 -17.50 19.77
C THR A 156 -10.56 -18.31 18.48
N VAL A 157 -9.67 -19.30 18.38
CA VAL A 157 -9.59 -20.13 17.19
C VAL A 157 -10.92 -20.84 16.96
N LEU A 158 -11.60 -21.25 18.03
CA LEU A 158 -12.95 -21.78 17.92
C LEU A 158 -13.99 -20.69 18.11
N LEU A 159 -13.82 -19.56 17.44
CA LEU A 159 -14.81 -18.50 17.60
C LEU A 159 -15.30 -17.93 16.28
N ASN A 160 -14.42 -17.77 15.29
CA ASN A 160 -14.80 -17.15 14.02
C ASN A 160 -14.80 -18.11 12.85
N GLY A 161 -14.17 -19.28 12.98
CA GLY A 161 -14.05 -20.21 11.87
C GLY A 161 -12.84 -19.89 11.04
N VAL A 162 -11.96 -20.87 10.83
CA VAL A 162 -10.72 -20.65 10.10
C VAL A 162 -10.60 -21.70 9.01
N SER A 163 -9.86 -21.34 7.96
CA SER A 163 -9.60 -22.23 6.83
C SER A 163 -8.20 -21.94 6.34
N GLY A 164 -7.29 -22.87 6.54
CA GLY A 164 -5.90 -22.69 6.14
C GLY A 164 -5.41 -23.86 5.33
N ILE A 165 -4.56 -23.56 4.35
CA ILE A 165 -4.01 -24.56 3.44
C ILE A 165 -2.50 -24.40 3.44
N ALA A 166 -1.78 -25.53 3.39
CA ALA A 166 -0.33 -25.49 3.39
C ALA A 166 0.19 -26.81 2.87
N THR A 167 1.45 -26.79 2.43
CA THR A 167 2.09 -27.97 1.87
C THR A 167 1.99 -29.14 2.84
N GLY A 168 1.17 -30.12 2.52
CA GLY A 168 0.99 -31.27 3.37
C GLY A 168 -0.21 -31.21 4.31
N TYR A 169 -0.52 -30.03 4.85
CA TYR A 169 -1.50 -29.94 5.92
C TYR A 169 -2.52 -28.84 5.68
N ALA A 170 -3.77 -29.12 6.03
CA ALA A 170 -4.85 -28.15 5.94
C ALA A 170 -5.68 -28.19 7.20
N THR A 171 -6.34 -27.07 7.50
CA THR A 171 -7.19 -26.94 8.67
C THR A 171 -8.50 -26.28 8.27
N TYR A 172 -9.60 -26.74 8.87
CA TYR A 172 -10.90 -26.12 8.70
C TYR A 172 -11.68 -26.25 10.00
N ILE A 173 -11.98 -25.12 10.63
CA ILE A 173 -12.73 -25.09 11.88
C ILE A 173 -13.95 -24.19 11.67
N LEU A 174 -15.13 -24.71 12.03
CA LEU A 174 -16.38 -23.98 11.89
C LEU A 174 -16.48 -22.89 12.96
N PRO A 175 -17.26 -21.84 12.71
CA PRO A 175 -17.48 -20.81 13.75
C PRO A 175 -18.39 -21.35 14.85
N HIS A 176 -17.98 -21.11 16.09
CA HIS A 176 -18.72 -21.56 17.26
C HIS A 176 -19.22 -20.35 18.05
N SER A 177 -20.35 -20.53 18.72
CA SER A 177 -20.96 -19.45 19.48
C SER A 177 -20.09 -19.07 20.67
N VAL A 178 -19.98 -17.77 20.91
CA VAL A 178 -19.11 -17.28 21.99
C VAL A 178 -19.64 -17.73 23.34
N SER A 179 -20.95 -17.65 23.55
CA SER A 179 -21.53 -18.00 24.83
C SER A 179 -21.34 -19.47 25.19
N SER A 180 -21.21 -20.34 24.19
CA SER A 180 -20.97 -21.76 24.47
C SER A 180 -19.49 -22.06 24.69
N VAL A 181 -18.61 -21.39 23.94
CA VAL A 181 -17.17 -21.56 24.16
C VAL A 181 -16.79 -21.05 25.55
N LYS A 182 -17.36 -19.93 25.96
CA LYS A 182 -17.08 -19.41 27.30
C LYS A 182 -17.55 -20.38 28.37
N LYS A 183 -18.73 -20.98 28.19
CA LYS A 183 -19.23 -21.95 29.15
C LYS A 183 -18.33 -23.18 29.19
N ALA A 184 -17.86 -23.64 28.03
CA ALA A 184 -16.94 -24.78 28.00
C ALA A 184 -15.64 -24.45 28.72
N VAL A 185 -15.12 -23.24 28.54
CA VAL A 185 -13.90 -22.84 29.22
C VAL A 185 -14.11 -22.81 30.74
N LEU A 186 -15.25 -22.26 31.17
CA LEU A 186 -15.53 -22.22 32.60
C LEU A 186 -15.67 -23.62 33.18
N GLN A 187 -16.32 -24.53 32.44
CA GLN A 187 -16.46 -25.90 32.91
C GLN A 187 -15.11 -26.60 32.98
N ALA A 188 -14.24 -26.35 31.99
CA ALA A 188 -12.90 -26.93 32.03
C ALA A 188 -12.11 -26.39 33.22
N LEU A 189 -12.29 -25.11 33.54
CA LEU A 189 -11.70 -24.53 34.75
C LEU A 189 -12.17 -25.27 36.00
N GLN A 190 -13.47 -25.22 36.27
CA GLN A 190 -13.99 -25.77 37.52
C GLN A 190 -13.75 -27.28 37.60
N GLY A 191 -13.88 -27.99 36.49
CA GLY A 191 -13.60 -29.40 36.44
C GLY A 191 -14.84 -30.25 36.47
N LYS A 192 -15.29 -30.68 35.30
CA LYS A 192 -16.51 -31.46 35.15
C LYS A 192 -16.68 -31.88 33.69
N LYS A 193 -17.73 -32.62 33.39
CA LYS A 193 -18.04 -32.97 32.00
C LYS A 193 -18.31 -31.69 31.21
N VAL A 194 -17.61 -31.54 30.09
CA VAL A 194 -17.68 -30.32 29.29
C VAL A 194 -18.70 -30.52 28.18
N THR A 195 -19.62 -29.57 28.04
CA THR A 195 -20.59 -29.58 26.96
C THR A 195 -19.95 -29.01 25.71
N LYS A 196 -20.01 -29.76 24.62
CA LYS A 196 -19.35 -29.33 23.39
C LYS A 196 -19.99 -28.06 22.86
N PRO A 197 -19.18 -27.12 22.37
CA PRO A 197 -19.76 -25.88 21.82
C PRO A 197 -20.58 -26.15 20.57
N LYS A 198 -21.60 -25.33 20.38
CA LYS A 198 -22.45 -25.44 19.21
C LYS A 198 -21.93 -24.54 18.09
N VAL A 199 -22.22 -24.93 16.86
CA VAL A 199 -21.77 -24.19 15.69
C VAL A 199 -22.82 -23.14 15.34
N GLU A 200 -22.41 -21.88 15.29
CA GLU A 200 -23.29 -20.76 14.98
C GLU A 200 -22.63 -19.90 13.92
N PHE A 201 -23.38 -19.56 12.88
CA PHE A 201 -22.82 -18.70 11.86
C PHE A 201 -23.34 -17.27 12.01
N PRO A 202 -22.47 -16.28 11.84
CA PRO A 202 -22.90 -14.89 12.07
C PRO A 202 -23.87 -14.42 11.00
N GLU A 203 -24.91 -13.72 11.45
CA GLU A 203 -25.93 -13.15 10.56
C GLU A 203 -26.54 -14.22 9.65
N PHE A 204 -26.83 -15.38 10.24
CA PHE A 204 -27.43 -16.51 9.53
C PHE A 204 -28.65 -16.99 10.28
N ARG A 205 -29.77 -17.10 9.59
CA ARG A 205 -31.04 -17.57 10.16
C ARG A 205 -31.45 -18.85 9.42
N GLY A 206 -30.91 -19.97 9.85
CA GLY A 206 -31.23 -21.26 9.26
C GLY A 206 -31.14 -22.33 10.32
N GLU A 207 -30.75 -23.53 9.91
CA GLU A 207 -30.56 -24.62 10.85
C GLU A 207 -29.21 -25.29 10.60
N VAL A 208 -28.53 -25.64 11.67
CA VAL A 208 -27.28 -26.42 11.61
C VAL A 208 -27.49 -27.67 12.45
N VAL A 209 -27.32 -28.84 11.84
CA VAL A 209 -27.64 -30.11 12.46
C VAL A 209 -26.39 -31.00 12.46
N GLU A 210 -26.14 -31.63 13.61
CA GLU A 210 -25.10 -32.63 13.74
C GLU A 210 -25.63 -34.00 13.32
N ILE A 211 -25.05 -34.57 12.27
CA ILE A 211 -25.34 -35.94 11.85
C ILE A 211 -24.02 -36.66 11.69
N ASP A 212 -23.89 -37.82 12.35
CA ASP A 212 -22.71 -38.70 12.25
C ASP A 212 -21.40 -37.91 12.26
N GLY A 213 -21.34 -36.88 13.11
CA GLY A 213 -20.17 -36.05 13.21
C GLY A 213 -20.08 -34.94 12.17
N GLN A 214 -20.94 -34.95 11.15
CA GLN A 214 -20.94 -33.91 10.14
C GLN A 214 -21.66 -32.66 10.66
N TYR A 215 -21.77 -31.67 9.80
CA TYR A 215 -22.55 -30.46 10.09
C TYR A 215 -23.31 -30.09 8.82
N GLU A 216 -24.63 -30.21 8.86
CA GLU A 216 -25.45 -29.85 7.72
C GLU A 216 -26.14 -28.52 7.98
N ILE A 217 -26.00 -27.60 7.04
CA ILE A 217 -26.55 -26.25 7.14
C ILE A 217 -27.66 -26.13 6.12
N ARG A 218 -28.88 -25.94 6.59
CA ARG A 218 -30.05 -25.86 5.74
C ARG A 218 -30.72 -24.51 5.89
N GLY A 219 -31.09 -23.92 4.75
CA GLY A 219 -31.89 -22.71 4.73
C GLY A 219 -33.37 -23.03 4.84
N THR A 220 -34.16 -21.97 4.90
CA THR A 220 -35.60 -22.08 5.09
C THR A 220 -36.33 -21.55 3.87
N TYR A 221 -37.30 -22.33 3.39
CA TYR A 221 -38.19 -21.91 2.31
C TYR A 221 -39.62 -22.11 2.76
N LYS A 222 -40.49 -21.20 2.36
CA LYS A 222 -41.90 -21.28 2.70
C LYS A 222 -42.74 -21.16 1.44
N PHE A 223 -43.99 -21.62 1.50
CA PHE A 223 -44.90 -21.57 0.37
C PHE A 223 -46.06 -20.65 0.72
N THR A 224 -46.11 -19.49 0.07
CA THR A 224 -47.20 -18.55 0.28
C THR A 224 -48.47 -18.92 -0.49
N SER A 225 -48.35 -19.80 -1.48
CA SER A 225 -49.50 -20.23 -2.27
C SER A 225 -49.13 -21.54 -2.96
N ARG A 226 -49.98 -21.95 -3.91
CA ARG A 226 -49.74 -23.22 -4.61
C ARG A 226 -48.53 -23.13 -5.52
N THR A 227 -48.30 -21.97 -6.14
CA THR A 227 -47.23 -21.81 -7.12
C THR A 227 -46.32 -20.63 -6.77
N GLN A 228 -46.31 -20.21 -5.52
CA GLN A 228 -45.44 -19.15 -5.06
C GLN A 228 -44.66 -19.62 -3.85
N MET A 229 -43.35 -19.38 -3.85
CA MET A 229 -42.51 -19.73 -2.71
C MET A 229 -41.60 -18.56 -2.38
N HIS A 230 -41.18 -18.53 -1.12
CA HIS A 230 -40.30 -17.50 -0.59
C HIS A 230 -39.07 -18.19 -0.01
N ILE A 231 -37.91 -17.89 -0.59
CA ILE A 231 -36.63 -18.42 -0.12
C ILE A 231 -36.11 -17.46 0.95
N THR A 232 -36.46 -17.73 2.20
CA THR A 232 -36.11 -16.81 3.28
C THR A 232 -34.63 -16.85 3.61
N GLU A 233 -33.96 -17.97 3.37
CA GLU A 233 -32.55 -18.09 3.72
C GLU A 233 -31.88 -19.12 2.81
N ILE A 234 -30.59 -18.92 2.57
CA ILE A 234 -29.77 -19.84 1.79
C ILE A 234 -28.56 -20.20 2.62
N PRO A 235 -27.90 -21.33 2.34
CA PRO A 235 -26.75 -21.73 3.14
C PRO A 235 -25.64 -20.68 3.12
N TYR A 236 -24.81 -20.74 4.17
CA TYR A 236 -23.82 -19.69 4.41
C TYR A 236 -22.78 -19.60 3.31
N LYS A 237 -22.49 -20.71 2.63
CA LYS A 237 -21.42 -20.73 1.64
C LYS A 237 -21.71 -19.84 0.43
N TYR A 238 -22.95 -19.41 0.26
CA TYR A 238 -23.35 -18.71 -0.96
C TYR A 238 -23.24 -17.20 -0.80
N ASP A 239 -23.22 -16.53 -1.94
CA ASP A 239 -23.32 -15.08 -2.05
C ASP A 239 -24.58 -14.75 -2.86
N ARG A 240 -24.76 -13.47 -3.20
CA ARG A 240 -25.77 -13.14 -4.20
C ARG A 240 -25.28 -13.46 -5.60
N GLU A 241 -23.98 -13.26 -5.86
CA GLU A 241 -23.45 -13.46 -7.20
C GLU A 241 -23.34 -14.94 -7.54
N THR A 242 -22.86 -15.76 -6.61
CA THR A 242 -22.61 -17.16 -6.86
C THR A 242 -23.81 -18.05 -6.54
N TYR A 243 -24.93 -17.47 -6.14
CA TYR A 243 -26.19 -18.20 -6.03
C TYR A 243 -27.17 -17.87 -7.14
N VAL A 244 -27.16 -16.63 -7.63
CA VAL A 244 -27.97 -16.28 -8.78
C VAL A 244 -27.41 -16.93 -10.04
N SER A 245 -26.09 -16.98 -10.18
CA SER A 245 -25.44 -17.44 -11.40
C SER A 245 -24.96 -18.88 -11.32
N LYS A 246 -25.38 -19.64 -10.31
CA LYS A 246 -24.99 -21.03 -10.21
C LYS A 246 -26.17 -21.96 -9.95
N ILE A 247 -27.23 -21.43 -9.35
CA ILE A 247 -28.38 -22.25 -8.98
C ILE A 247 -29.65 -21.64 -9.58
N LEU A 248 -29.65 -20.32 -9.75
CA LEU A 248 -30.85 -19.61 -10.20
C LEU A 248 -30.87 -19.38 -11.71
N ASP A 249 -29.76 -18.98 -12.30
CA ASP A 249 -29.75 -18.72 -13.74
C ASP A 249 -29.82 -20.03 -14.51
N PRO A 250 -29.15 -21.10 -14.07
CA PRO A 250 -29.47 -22.42 -14.62
C PRO A 250 -30.96 -22.72 -14.70
N LEU A 251 -31.68 -22.54 -13.59
CA LEU A 251 -33.11 -22.84 -13.58
C LEU A 251 -33.89 -21.92 -14.51
N GLU A 252 -33.54 -20.63 -14.51
CA GLU A 252 -34.26 -19.68 -15.35
C GLU A 252 -34.05 -19.99 -16.84
N ASN A 253 -32.82 -20.32 -17.23
CA ASN A 253 -32.54 -20.67 -18.61
C ASN A 253 -33.15 -22.00 -19.01
N LYS A 254 -33.42 -22.88 -18.04
CA LYS A 254 -34.04 -24.16 -18.30
C LYS A 254 -35.56 -24.10 -18.30
N GLY A 255 -36.14 -22.93 -18.09
CA GLY A 255 -37.58 -22.77 -18.13
C GLY A 255 -38.34 -23.48 -17.02
N PHE A 256 -37.86 -23.39 -15.79
CA PHE A 256 -38.52 -24.02 -14.66
C PHE A 256 -39.11 -23.03 -13.65
N ILE A 257 -38.37 -21.97 -13.31
CA ILE A 257 -38.80 -21.02 -12.29
C ILE A 257 -38.64 -19.61 -12.82
N THR A 258 -39.33 -18.68 -12.16
CA THR A 258 -39.16 -17.24 -12.40
C THR A 258 -38.95 -16.57 -11.05
N TRP A 259 -37.80 -15.94 -10.87
CA TRP A 259 -37.38 -15.45 -9.56
C TRP A 259 -37.33 -13.94 -9.53
N ASP A 260 -37.93 -13.36 -8.50
CA ASP A 260 -37.82 -11.95 -8.17
C ASP A 260 -36.90 -11.78 -6.98
N ASP A 261 -36.20 -10.64 -6.95
CA ASP A 261 -35.17 -10.40 -5.95
C ASP A 261 -35.73 -9.61 -4.78
N ALA A 262 -35.37 -10.05 -3.57
CA ALA A 262 -35.70 -9.31 -2.35
C ALA A 262 -34.52 -9.35 -1.38
N CYS A 263 -33.29 -9.38 -1.89
CA CYS A 263 -32.08 -9.47 -1.07
C CYS A 263 -31.83 -8.11 -0.43
N GLY A 264 -32.56 -7.84 0.65
CA GLY A 264 -32.45 -6.56 1.33
C GLY A 264 -31.85 -6.67 2.72
N GLU A 265 -32.50 -6.02 3.69
CA GLU A 265 -32.00 -6.05 5.06
C GLU A 265 -32.05 -7.45 5.64
N HIS A 266 -33.10 -8.20 5.34
CA HIS A 266 -33.29 -9.54 5.88
C HIS A 266 -32.58 -10.60 5.04
N GLY A 267 -31.29 -10.38 4.78
CA GLY A 267 -30.51 -11.33 4.01
C GLY A 267 -31.07 -11.54 2.61
N PHE A 268 -31.09 -12.80 2.18
CA PHE A 268 -31.59 -13.16 0.86
C PHE A 268 -33.08 -13.50 0.93
N GLY A 269 -33.83 -13.01 -0.05
CA GLY A 269 -35.27 -13.15 -0.03
C GLY A 269 -35.91 -13.51 -1.36
N PHE A 270 -35.22 -14.32 -2.17
CA PHE A 270 -35.71 -14.63 -3.51
C PHE A 270 -37.12 -15.19 -3.47
N LYS A 271 -37.99 -14.64 -4.32
CA LYS A 271 -39.38 -15.08 -4.43
C LYS A 271 -39.54 -15.81 -5.76
N VAL A 272 -39.93 -17.07 -5.69
CA VAL A 272 -39.94 -17.96 -6.86
C VAL A 272 -41.38 -18.27 -7.26
N LYS A 273 -41.70 -18.03 -8.53
CA LYS A 273 -42.95 -18.47 -9.12
C LYS A 273 -42.64 -19.67 -10.01
N PHE A 274 -43.28 -20.80 -9.73
CA PHE A 274 -42.98 -22.01 -10.47
C PHE A 274 -43.74 -22.05 -11.80
N ARG A 275 -43.26 -22.90 -12.70
CA ARG A 275 -43.86 -23.08 -14.00
C ARG A 275 -44.40 -24.51 -14.12
N LYS A 276 -45.26 -24.72 -15.12
CA LYS A 276 -45.83 -26.04 -15.33
C LYS A 276 -44.78 -27.07 -15.71
N GLU A 277 -43.64 -26.64 -16.24
CA GLU A 277 -42.58 -27.58 -16.59
C GLU A 277 -41.94 -28.19 -15.35
N TYR A 278 -41.96 -27.48 -14.22
CA TYR A 278 -41.38 -27.99 -12.98
C TYR A 278 -42.40 -28.84 -12.23
N SER A 279 -42.03 -30.07 -11.93
CA SER A 279 -42.92 -30.97 -11.20
C SER A 279 -43.10 -30.49 -9.77
N LEU A 280 -44.32 -30.64 -9.26
CA LEU A 280 -44.72 -30.15 -7.95
C LEU A 280 -45.50 -31.22 -7.19
N SER A 281 -44.92 -32.42 -7.12
CA SER A 281 -45.55 -33.55 -6.46
C SER A 281 -46.11 -33.17 -5.09
N ASP A 282 -47.35 -33.59 -4.82
CA ASP A 282 -48.06 -33.16 -3.62
C ASP A 282 -47.50 -33.76 -2.35
N ASN A 283 -46.77 -34.87 -2.43
CA ASN A 283 -46.22 -35.50 -1.24
C ASN A 283 -45.25 -34.55 -0.54
N GLU A 284 -45.44 -34.37 0.77
CA GLU A 284 -44.67 -33.37 1.50
C GLU A 284 -43.19 -33.72 1.53
N GLU A 285 -42.87 -34.99 1.80
CA GLU A 285 -41.46 -35.39 1.90
C GLU A 285 -40.76 -35.26 0.55
N GLU A 286 -41.37 -35.78 -0.52
CA GLU A 286 -40.76 -35.70 -1.84
C GLU A 286 -40.61 -34.25 -2.29
N ARG A 287 -41.65 -33.44 -2.08
CA ARG A 287 -41.58 -32.03 -2.46
C ARG A 287 -40.49 -31.30 -1.70
N HIS A 288 -40.40 -31.54 -0.38
CA HIS A 288 -39.38 -30.87 0.42
C HIS A 288 -37.97 -31.29 -0.01
N ALA A 289 -37.77 -32.59 -0.25
CA ALA A 289 -36.46 -33.06 -0.68
C ALA A 289 -36.09 -32.47 -2.04
N LYS A 290 -37.05 -32.44 -2.97
CA LYS A 290 -36.78 -31.89 -4.29
C LYS A 290 -36.45 -30.41 -4.22
N ILE A 291 -37.19 -29.67 -3.39
CA ILE A 291 -36.92 -28.24 -3.24
C ILE A 291 -35.54 -28.02 -2.63
N MET A 292 -35.21 -28.79 -1.60
CA MET A 292 -33.91 -28.63 -0.93
C MET A 292 -32.76 -28.96 -1.87
N LYS A 293 -32.87 -30.05 -2.63
CA LYS A 293 -31.77 -30.47 -3.50
C LYS A 293 -31.65 -29.56 -4.71
N ASP A 294 -32.78 -29.22 -5.35
CA ASP A 294 -32.73 -28.46 -6.59
C ASP A 294 -32.25 -27.03 -6.36
N PHE A 295 -32.71 -26.40 -5.28
CA PHE A 295 -32.41 -25.00 -5.02
C PHE A 295 -31.11 -24.80 -4.25
N GLY A 296 -30.39 -25.88 -3.93
CA GLY A 296 -29.12 -25.76 -3.24
C GLY A 296 -29.24 -25.14 -1.86
N LEU A 297 -30.26 -25.53 -1.10
CA LEU A 297 -30.48 -24.98 0.23
C LEU A 297 -29.88 -25.85 1.33
N ILE A 298 -29.08 -26.85 0.98
CA ILE A 298 -28.42 -27.72 1.94
C ILE A 298 -26.92 -27.75 1.64
N GLU A 299 -26.10 -27.54 2.66
CA GLU A 299 -24.66 -27.55 2.52
C GLU A 299 -24.06 -28.35 3.67
N ARG A 300 -23.40 -29.45 3.35
CA ARG A 300 -22.81 -30.32 4.35
C ARG A 300 -21.31 -30.07 4.44
N ARG A 301 -20.79 -30.06 5.67
CA ARG A 301 -19.38 -29.76 5.90
C ARG A 301 -18.86 -30.61 7.05
N SER A 302 -17.57 -30.89 7.01
CA SER A 302 -16.88 -31.63 8.06
C SER A 302 -15.63 -30.88 8.46
N GLN A 303 -15.31 -30.91 9.75
CA GLN A 303 -14.22 -30.12 10.28
C GLN A 303 -12.88 -30.82 10.08
N ASN A 304 -11.82 -30.04 10.26
CA ASN A 304 -10.44 -30.55 10.28
C ASN A 304 -9.68 -29.63 11.24
N ILE A 305 -9.58 -30.06 12.49
CA ILE A 305 -9.06 -29.21 13.57
C ILE A 305 -7.55 -29.45 13.63
N THR A 306 -6.82 -28.72 12.81
CA THR A 306 -5.36 -28.73 12.82
C THR A 306 -4.89 -27.37 13.32
N VAL A 307 -4.08 -27.36 14.37
CA VAL A 307 -3.65 -26.14 15.02
C VAL A 307 -2.16 -26.26 15.34
N ILE A 308 -1.62 -25.22 15.98
CA ILE A 308 -0.25 -25.20 16.46
C ILE A 308 -0.28 -25.02 17.96
N ASN A 309 0.37 -25.93 18.68
CA ASN A 309 0.31 -25.93 20.14
C ASN A 309 1.25 -24.86 20.69
N GLU A 310 1.46 -24.88 22.01
CA GLU A 310 2.27 -23.86 22.67
C GLU A 310 3.75 -23.96 22.35
N LYS A 311 4.20 -25.09 21.79
CA LYS A 311 5.60 -25.29 21.47
C LYS A 311 5.90 -25.06 20.00
N GLY A 312 4.98 -24.48 19.25
CA GLY A 312 5.18 -24.26 17.82
C GLY A 312 5.25 -25.53 17.00
N LYS A 313 4.45 -26.53 17.35
CA LYS A 313 4.42 -27.79 16.63
C LYS A 313 2.99 -28.10 16.21
N LEU A 314 2.86 -28.71 15.03
CA LEU A 314 1.54 -29.03 14.50
C LEU A 314 0.85 -30.07 15.37
N GLN A 315 -0.43 -29.84 15.66
CA GLN A 315 -1.22 -30.75 16.46
C GLN A 315 -2.60 -30.92 15.82
N VAL A 316 -3.02 -32.17 15.65
CA VAL A 316 -4.29 -32.50 15.03
C VAL A 316 -5.21 -33.08 16.10
N TYR A 317 -6.36 -32.46 16.28
CA TYR A 317 -7.36 -32.89 17.24
C TYR A 317 -8.50 -33.61 16.54
N ASP A 318 -9.27 -34.37 17.32
CA ASP A 318 -10.39 -35.14 16.80
C ASP A 318 -11.73 -34.58 17.27
N ASN A 319 -11.93 -34.46 18.58
CA ASN A 319 -13.17 -33.92 19.09
C ASN A 319 -13.15 -32.40 19.06
N VAL A 320 -14.35 -31.81 19.01
CA VAL A 320 -14.45 -30.35 19.04
C VAL A 320 -13.97 -29.82 20.39
N VAL A 321 -14.46 -30.40 21.48
CA VAL A 321 -13.98 -30.04 22.81
C VAL A 321 -12.84 -31.02 23.12
N ASP A 322 -11.68 -30.74 22.53
CA ASP A 322 -10.41 -31.26 23.02
C ASP A 322 -9.31 -30.23 22.86
N LEU A 323 -9.63 -29.05 22.35
CA LEU A 323 -8.73 -27.91 22.34
C LEU A 323 -8.95 -27.01 23.53
N ILE A 324 -10.20 -26.90 24.00
CA ILE A 324 -10.50 -26.13 25.20
C ILE A 324 -9.82 -26.77 26.41
N LYS A 325 -9.90 -28.10 26.53
CA LYS A 325 -9.31 -28.79 27.66
C LYS A 325 -7.79 -28.69 27.69
N ASP A 326 -7.16 -28.40 26.56
CA ASP A 326 -5.73 -28.16 26.48
C ASP A 326 -5.38 -26.68 26.57
N PHE A 327 -6.16 -25.82 25.92
CA PHE A 327 -5.93 -24.39 25.99
C PHE A 327 -6.07 -23.87 27.41
N VAL A 328 -7.09 -24.33 28.15
CA VAL A 328 -7.26 -23.91 29.54
C VAL A 328 -6.08 -24.38 30.38
N GLU A 329 -5.66 -25.64 30.20
CA GLU A 329 -4.56 -26.17 30.98
C GLU A 329 -3.28 -25.39 30.74
N VAL A 330 -3.01 -25.01 29.49
CA VAL A 330 -1.79 -24.26 29.21
C VAL A 330 -1.91 -22.82 29.72
N ARG A 331 -3.08 -22.19 29.52
CA ARG A 331 -3.24 -20.78 29.88
C ARG A 331 -3.23 -20.59 31.40
N LYS A 332 -3.57 -21.62 32.17
CA LYS A 332 -3.44 -21.53 33.61
C LYS A 332 -2.00 -21.23 34.02
N THR A 333 -1.02 -21.81 33.30
CA THR A 333 0.38 -21.53 33.55
C THR A 333 0.74 -20.08 33.28
N TYR A 334 0.23 -19.49 32.19
CA TYR A 334 0.52 -18.09 31.88
C TYR A 334 -0.24 -17.13 32.78
N VAL A 335 -1.29 -17.58 33.45
CA VAL A 335 -1.92 -16.80 34.51
C VAL A 335 -1.10 -16.86 35.80
N GLN A 336 -0.59 -18.04 36.15
CA GLN A 336 0.27 -18.16 37.32
C GLN A 336 1.56 -17.36 37.15
N LYS A 337 2.12 -17.36 35.94
CA LYS A 337 3.29 -16.54 35.65
C LYS A 337 2.99 -15.06 35.83
N ARG A 338 1.81 -14.62 35.37
CA ARG A 338 1.40 -13.23 35.59
C ARG A 338 1.30 -12.93 37.07
N ILE A 339 0.75 -13.86 37.85
CA ILE A 339 0.62 -13.64 39.30
C ILE A 339 1.99 -13.48 39.93
N ASP A 340 2.94 -14.36 39.58
CA ASP A 340 4.29 -14.27 40.16
C ASP A 340 4.97 -12.97 39.78
N ASN A 341 4.90 -12.59 38.50
CA ASN A 341 5.55 -11.36 38.04
C ASN A 341 4.92 -10.14 38.70
N LYS A 342 3.60 -10.15 38.87
CA LYS A 342 2.93 -9.03 39.55
C LYS A 342 3.34 -8.97 41.01
N ILE A 343 3.51 -10.12 41.66
CA ILE A 343 4.00 -10.12 43.04
C ILE A 343 5.36 -9.45 43.13
N LYS A 344 6.29 -9.85 42.26
CA LYS A 344 7.63 -9.27 42.29
C LYS A 344 7.59 -7.77 42.00
N GLU A 345 6.85 -7.37 40.97
CA GLU A 345 6.80 -5.96 40.58
C GLU A 345 6.17 -5.11 41.67
N THR A 346 5.09 -5.60 42.29
CA THR A 346 4.44 -4.83 43.36
C THR A 346 5.35 -4.71 44.57
N GLU A 347 6.08 -5.79 44.91
CA GLU A 347 7.03 -5.69 46.02
C GLU A 347 8.10 -4.64 45.73
N SER A 348 8.65 -4.65 44.51
CA SER A 348 9.67 -3.67 44.16
C SER A 348 9.12 -2.25 44.20
N ALA A 349 7.90 -2.04 43.68
CA ALA A 349 7.30 -0.72 43.69
C ALA A 349 7.05 -0.23 45.12
N PHE A 350 6.55 -1.11 45.99
CA PHE A 350 6.33 -0.72 47.38
C PHE A 350 7.65 -0.36 48.06
N ARG A 351 8.70 -1.14 47.81
CA ARG A 351 9.99 -0.84 48.40
C ARG A 351 10.51 0.51 47.93
N LEU A 352 10.38 0.79 46.63
CA LEU A 352 10.83 2.08 46.10
C LEU A 352 10.04 3.22 46.71
N ALA A 353 8.72 3.07 46.84
CA ALA A 353 7.90 4.14 47.40
C ALA A 353 8.24 4.38 48.87
N PHE A 354 8.43 3.31 49.64
CA PHE A 354 8.81 3.46 51.04
C PHE A 354 10.15 4.13 51.19
N ALA A 355 11.12 3.75 50.35
CA ALA A 355 12.42 4.41 50.38
C ALA A 355 12.30 5.89 50.02
N LYS A 356 11.42 6.20 49.06
CA LYS A 356 11.22 7.59 48.67
C LYS A 356 10.64 8.41 49.82
N ALA A 357 9.64 7.86 50.51
CA ALA A 357 9.06 8.56 51.65
C ALA A 357 10.10 8.76 52.75
N HIS A 358 10.89 7.72 53.03
CA HIS A 358 11.90 7.81 54.09
C HIS A 358 12.96 8.86 53.74
N PHE A 359 13.43 8.88 52.49
CA PHE A 359 14.44 9.85 52.09
C PHE A 359 13.88 11.26 52.14
N ILE A 360 12.61 11.45 51.76
CA ILE A 360 12.01 12.78 51.85
C ILE A 360 11.95 13.22 53.31
N LYS A 361 11.51 12.33 54.20
CA LYS A 361 11.43 12.68 55.61
C LYS A 361 12.81 13.02 56.17
N LYS A 362 13.84 12.30 55.74
CA LYS A 362 15.19 12.61 56.20
C LYS A 362 15.68 13.95 55.65
N VAL A 363 15.42 14.23 54.38
CA VAL A 363 15.96 15.44 53.76
C VAL A 363 15.25 16.69 54.28
N ILE A 364 13.95 16.62 54.58
CA ILE A 364 13.30 17.79 55.15
C ILE A 364 13.63 17.96 56.63
N SER A 365 14.25 16.95 57.25
CA SER A 365 14.69 17.06 58.64
C SER A 365 16.15 17.47 58.76
N GLY A 366 16.83 17.73 57.65
CA GLY A 366 18.22 18.14 57.68
C GLY A 366 19.23 17.01 57.72
N GLU A 367 18.77 15.75 57.72
CA GLU A 367 19.70 14.62 57.76
C GLU A 367 20.58 14.60 56.51
N ILE A 368 19.98 14.84 55.35
CA ILE A 368 20.72 14.94 54.09
C ILE A 368 20.79 16.42 53.76
N VAL A 369 21.94 17.03 54.03
CA VAL A 369 22.16 18.44 53.73
C VAL A 369 22.63 18.59 52.29
N VAL A 370 21.67 18.75 51.37
CA VAL A 370 21.99 18.85 49.95
C VAL A 370 22.74 20.13 49.65
N GLN A 371 22.40 21.20 50.36
CA GLN A 371 23.01 22.50 50.11
C GLN A 371 24.50 22.50 50.47
N GLY A 372 25.27 23.23 49.68
CA GLY A 372 26.71 23.35 49.92
C GLY A 372 27.46 22.04 49.78
N LYS A 373 27.16 21.27 48.74
CA LYS A 373 27.70 19.93 48.59
C LYS A 373 27.57 19.50 47.14
N THR A 374 28.64 18.99 46.56
CA THR A 374 28.62 18.62 45.15
C THR A 374 27.78 17.35 44.95
N ARG A 375 27.26 17.22 43.72
CA ARG A 375 26.30 16.17 43.42
C ARG A 375 26.92 14.78 43.51
N LYS A 376 28.15 14.62 43.01
CA LYS A 376 28.75 13.29 42.94
C LYS A 376 28.96 12.71 44.33
N GLU A 377 29.61 13.46 45.22
CA GLU A 377 29.83 12.95 46.57
C GLU A 377 28.54 12.89 47.37
N LEU A 378 27.55 13.71 47.00
CA LEU A 378 26.22 13.55 47.60
C LEU A 378 25.63 12.19 47.25
N THR A 379 25.77 11.77 45.99
CA THR A 379 25.37 10.43 45.61
C THR A 379 26.19 9.39 46.37
N GLU A 380 27.49 9.63 46.52
CA GLU A 380 28.35 8.71 47.26
C GLU A 380 28.04 8.72 48.75
N GLU A 381 27.41 9.79 49.25
CA GLU A 381 27.19 9.96 50.68
C GLU A 381 25.99 9.12 51.13
N LEU A 382 25.45 9.45 52.31
CA LEU A 382 24.39 8.68 52.98
C LEU A 382 23.25 8.29 52.04
N SER A 383 23.06 9.00 50.94
CA SER A 383 22.13 8.54 49.92
C SER A 383 22.49 7.13 49.45
N LYS A 384 23.79 6.84 49.35
CA LYS A 384 24.28 5.49 49.11
C LYS A 384 24.57 4.82 50.45
N ILE A 385 25.01 3.57 50.40
CA ILE A 385 25.39 2.73 51.56
C ILE A 385 24.44 2.92 52.74
N ASP A 386 23.13 2.91 52.45
CA ASP A 386 22.10 2.98 53.48
C ASP A 386 20.97 2.03 53.09
N MET A 387 19.83 2.20 53.76
CA MET A 387 18.67 1.39 53.44
C MET A 387 18.19 1.65 52.02
N TYR A 388 18.22 2.91 51.58
CA TYR A 388 17.82 3.29 50.24
C TYR A 388 18.99 3.37 49.28
N SER A 389 20.05 2.60 49.53
CA SER A 389 21.21 2.61 48.63
C SER A 389 20.88 2.01 47.27
N SER A 390 19.87 1.13 47.20
CA SER A 390 19.56 0.45 45.96
C SER A 390 18.98 1.39 44.92
N TYR A 391 18.29 2.44 45.35
CA TYR A 391 17.60 3.34 44.43
C TYR A 391 18.12 4.77 44.54
N VAL A 392 19.42 4.93 44.81
CA VAL A 392 19.96 6.24 45.17
C VAL A 392 19.69 7.26 44.07
N ASP A 393 19.80 6.83 42.81
CA ASP A 393 19.54 7.74 41.69
C ASP A 393 18.10 8.25 41.70
N LYS A 394 17.14 7.38 42.04
CA LYS A 394 15.74 7.80 42.06
C LYS A 394 15.49 8.87 43.10
N LEU A 395 16.06 8.70 44.29
CA LEU A 395 15.92 9.74 45.33
C LEU A 395 16.64 11.01 44.92
N VAL A 396 17.83 10.88 44.34
CA VAL A 396 18.52 12.05 43.82
C VAL A 396 17.69 12.70 42.71
N GLY A 397 16.96 11.88 41.95
CA GLY A 397 16.13 12.32 40.86
C GLY A 397 14.73 12.79 41.23
N MET A 398 14.42 12.94 42.52
CA MET A 398 13.13 13.50 42.91
C MET A 398 13.12 15.00 42.64
N ASN A 399 11.92 15.56 42.48
CA ASN A 399 11.80 16.99 42.23
C ASN A 399 11.30 17.68 43.51
N ILE A 400 10.88 18.93 43.35
CA ILE A 400 10.63 19.78 44.52
C ILE A 400 9.29 19.53 45.19
N PHE A 401 8.24 19.17 44.44
CA PHE A 401 6.94 19.11 45.12
C PHE A 401 6.82 17.83 45.92
N HIS A 402 7.83 17.54 46.74
CA HIS A 402 7.76 16.46 47.70
C HIS A 402 8.27 16.84 49.08
N MET A 403 9.13 17.86 49.20
CA MET A 403 9.51 18.37 50.51
C MET A 403 8.35 19.08 51.19
N THR A 404 7.35 19.50 50.43
CA THR A 404 6.14 20.08 51.02
C THR A 404 5.31 18.99 51.70
N SER A 405 4.59 19.39 52.74
CA SER A 405 3.78 18.44 53.49
C SER A 405 2.60 17.92 52.68
N ASP A 406 2.23 18.60 51.60
CA ASP A 406 1.10 18.15 50.78
C ASP A 406 1.40 16.79 50.14
N GLU A 407 2.60 16.65 49.56
CA GLU A 407 2.97 15.43 48.87
C GLU A 407 3.86 14.51 49.68
N ALA A 408 4.43 15.00 50.78
CA ALA A 408 5.18 14.11 51.67
C ALA A 408 4.27 13.05 52.25
N LYS A 409 3.03 13.42 52.59
CA LYS A 409 2.05 12.42 53.01
C LYS A 409 1.57 11.58 51.84
N LYS A 410 1.52 12.16 50.64
CA LYS A 410 1.10 11.41 49.46
C LYS A 410 2.07 10.26 49.18
N LEU A 411 3.36 10.52 49.32
CA LEU A 411 4.35 9.46 49.12
C LEU A 411 4.15 8.31 50.10
N ALA A 412 3.91 8.63 51.37
CA ALA A 412 3.66 7.59 52.37
C ALA A 412 2.38 6.83 52.06
N GLU A 413 1.35 7.54 51.62
CA GLU A 413 0.09 6.88 51.28
C GLU A 413 0.27 5.91 50.11
N GLU A 414 1.01 6.33 49.09
CA GLU A 414 1.30 5.43 47.97
C GLU A 414 2.13 4.23 48.43
N ALA A 415 3.08 4.46 49.33
CA ALA A 415 3.88 3.35 49.86
C ALA A 415 3.01 2.36 50.62
N LYS A 416 2.03 2.85 51.38
CA LYS A 416 1.11 1.98 52.10
C LYS A 416 0.10 1.29 51.19
N ALA A 417 -0.26 1.91 50.07
CA ALA A 417 -1.19 1.31 49.13
C ALA A 417 -0.55 0.24 48.25
N LYS A 418 0.72 0.43 47.88
CA LYS A 418 1.41 -0.59 47.10
C LYS A 418 1.58 -1.88 47.91
N LYS A 419 1.85 -1.75 49.20
CA LYS A 419 1.92 -2.93 50.06
C LYS A 419 0.57 -3.62 50.15
N GLU A 420 -0.51 -2.84 50.19
CA GLU A 420 -1.85 -3.43 50.18
C GLU A 420 -2.11 -4.20 48.90
N GLU A 421 -1.68 -3.65 47.76
CA GLU A 421 -1.83 -4.37 46.49
C GLU A 421 -0.99 -5.65 46.46
N ASN A 422 0.22 -5.59 47.03
CA ASN A 422 1.04 -6.79 47.16
C ASN A 422 0.36 -7.83 48.02
N GLU A 423 -0.34 -7.41 49.07
CA GLU A 423 -1.11 -8.33 49.90
C GLU A 423 -2.19 -9.03 49.08
N TYR A 424 -2.86 -8.30 48.19
CA TYR A 424 -3.79 -8.93 47.26
C TYR A 424 -3.06 -9.96 46.41
N TRP A 425 -1.92 -9.57 45.83
CA TRP A 425 -1.25 -10.45 44.88
C TRP A 425 -0.64 -11.70 45.51
N LYS A 426 -0.36 -11.70 46.81
CA LYS A 426 0.08 -12.96 47.38
C LYS A 426 -1.09 -13.84 47.84
N THR A 427 -2.22 -13.23 48.18
CA THR A 427 -3.40 -13.98 48.61
C THR A 427 -4.37 -14.19 47.44
N THR A 428 -3.88 -14.88 46.41
CA THR A 428 -4.70 -15.21 45.26
C THR A 428 -4.08 -16.41 44.54
N ASP A 429 -4.87 -17.03 43.67
CA ASP A 429 -4.45 -18.22 42.97
C ASP A 429 -4.81 -18.11 41.49
N VAL A 430 -4.37 -19.11 40.72
CA VAL A 430 -4.61 -19.11 39.28
C VAL A 430 -6.09 -19.28 38.96
N VAL A 431 -6.76 -20.22 39.63
CA VAL A 431 -8.15 -20.53 39.31
C VAL A 431 -9.04 -19.32 39.59
N THR A 432 -8.85 -18.69 40.75
CA THR A 432 -9.68 -17.55 41.11
C THR A 432 -9.47 -16.39 40.14
N GLU A 433 -8.22 -16.10 39.79
CA GLU A 433 -7.96 -15.00 38.86
C GLU A 433 -8.53 -15.28 37.49
N TYR A 434 -8.38 -16.50 36.98
CA TYR A 434 -8.90 -16.82 35.66
C TYR A 434 -10.42 -16.80 35.62
N THR A 435 -11.08 -17.33 36.66
CA THR A 435 -12.53 -17.29 36.71
C THR A 435 -13.07 -15.89 36.98
N LYS A 436 -12.27 -15.01 37.58
CA LYS A 436 -12.67 -13.62 37.70
C LYS A 436 -12.54 -12.89 36.36
N ASP A 437 -11.48 -13.21 35.61
CA ASP A 437 -11.29 -12.61 34.30
C ASP A 437 -12.36 -13.08 33.30
N LEU A 438 -12.79 -14.34 33.42
CA LEU A 438 -13.83 -14.84 32.52
C LEU A 438 -15.17 -14.16 32.73
N GLU A 439 -15.42 -13.58 33.91
CA GLU A 439 -16.70 -12.94 34.18
C GLU A 439 -16.88 -11.63 33.42
N GLU A 440 -15.77 -11.01 32.98
CA GLU A 440 -15.88 -9.75 32.26
C GLU A 440 -16.57 -9.95 30.91
N ILE A 441 -16.28 -11.06 30.22
CA ILE A 441 -16.89 -11.34 28.93
C ILE A 441 -18.35 -11.73 29.14
N LYS A 442 -19.26 -10.83 28.78
CA LYS A 442 -20.69 -11.06 28.96
C LYS A 442 -21.21 -12.05 27.92
N LYS B 393 11.38 -12.99 -29.96
CA LYS B 393 10.63 -11.74 -30.01
C LYS B 393 9.87 -11.51 -28.70
N VAL B 394 10.37 -12.12 -27.62
CA VAL B 394 9.75 -11.95 -26.32
C VAL B 394 9.94 -10.52 -25.85
N HIS B 395 8.90 -9.94 -25.26
CA HIS B 395 8.91 -8.52 -24.90
C HIS B 395 9.95 -8.22 -23.83
N LYS B 396 10.01 -9.05 -22.78
CA LYS B 396 10.84 -8.75 -21.62
C LYS B 396 12.18 -9.48 -21.65
N HIS B 397 12.51 -10.14 -22.75
CA HIS B 397 13.76 -10.88 -22.86
C HIS B 397 14.90 -9.91 -23.14
N ILE B 398 15.91 -9.92 -22.27
CA ILE B 398 17.09 -9.06 -22.42
C ILE B 398 18.15 -9.91 -23.11
N LYS B 399 18.26 -9.74 -24.43
CA LYS B 399 19.11 -10.61 -25.23
C LYS B 399 20.59 -10.33 -24.96
N ALA B 400 21.39 -11.39 -25.06
CA ALA B 400 22.84 -11.28 -25.03
C ALA B 400 23.36 -10.96 -26.42
N ASN B 401 24.54 -10.34 -26.47
CA ASN B 401 25.14 -10.01 -27.75
C ASN B 401 25.51 -11.27 -28.53
N LEU B 402 26.03 -12.28 -27.84
CA LEU B 402 26.44 -13.53 -28.46
C LEU B 402 25.40 -14.63 -28.34
N CYS B 403 24.16 -14.28 -28.01
CA CYS B 403 23.09 -15.27 -27.93
C CYS B 403 22.81 -15.85 -29.30
N GLY B 404 22.82 -17.17 -29.40
CA GLY B 404 22.63 -17.88 -30.65
C GLY B 404 23.91 -18.36 -31.29
N LYS B 405 25.06 -17.83 -30.89
CA LYS B 405 26.34 -18.27 -31.40
C LYS B 405 26.96 -19.30 -30.46
N ASP B 406 28.15 -19.78 -30.81
CA ASP B 406 28.86 -20.77 -30.02
C ASP B 406 29.68 -20.04 -28.95
N ALA B 407 29.09 -19.88 -27.77
CA ALA B 407 29.76 -19.21 -26.67
C ALA B 407 29.13 -19.68 -25.36
N ASP B 408 29.80 -19.37 -24.26
CA ASP B 408 29.31 -19.75 -22.94
C ASP B 408 28.26 -18.75 -22.45
N THR B 409 27.24 -18.51 -23.26
CA THR B 409 26.20 -17.56 -22.92
C THR B 409 25.35 -18.10 -21.77
N THR B 410 24.73 -17.19 -21.02
CA THR B 410 23.99 -17.55 -19.81
C THR B 410 22.64 -16.86 -19.81
N LEU B 411 21.61 -17.58 -19.39
CA LEU B 411 20.29 -17.00 -19.12
C LEU B 411 20.13 -16.83 -17.62
N PHE B 412 19.31 -15.84 -17.23
CA PHE B 412 19.24 -15.36 -15.87
C PHE B 412 17.79 -15.19 -15.42
N LEU B 413 16.99 -16.25 -15.58
CA LEU B 413 15.59 -16.21 -15.18
C LEU B 413 15.43 -15.75 -13.74
N THR B 414 14.81 -14.59 -13.56
CA THR B 414 14.42 -14.10 -12.25
C THR B 414 12.96 -14.47 -12.00
N GLU B 415 12.36 -13.89 -10.97
CA GLU B 415 10.95 -14.11 -10.66
C GLU B 415 10.24 -12.77 -10.48
N GLY B 416 10.50 -11.84 -11.38
CA GLY B 416 9.86 -10.55 -11.36
C GLY B 416 10.62 -9.53 -12.15
N ASP B 417 9.90 -8.48 -12.58
CA ASP B 417 10.53 -7.40 -13.31
C ASP B 417 11.42 -6.55 -12.40
N SER B 418 11.08 -6.47 -11.12
CA SER B 418 11.86 -5.65 -10.20
C SER B 418 13.27 -6.20 -10.01
N ALA B 419 13.41 -7.52 -9.90
CA ALA B 419 14.69 -8.13 -9.63
C ALA B 419 15.67 -8.05 -10.81
N ILE B 420 15.19 -7.71 -12.00
CA ILE B 420 16.02 -7.70 -13.20
C ILE B 420 16.40 -6.29 -13.62
N GLY B 421 15.96 -5.26 -12.89
CA GLY B 421 16.25 -3.90 -13.30
C GLY B 421 17.73 -3.58 -13.29
N TYR B 422 18.46 -4.06 -12.28
CA TYR B 422 19.89 -3.80 -12.17
C TYR B 422 20.73 -4.76 -12.98
N LEU B 423 20.13 -5.76 -13.63
CA LEU B 423 20.93 -6.73 -14.37
C LEU B 423 21.49 -6.13 -15.64
N ILE B 424 20.71 -5.30 -16.34
CA ILE B 424 21.13 -4.78 -17.63
C ILE B 424 22.36 -3.89 -17.52
N ASP B 425 22.63 -3.33 -16.35
CA ASP B 425 23.81 -2.49 -16.17
C ASP B 425 25.03 -3.30 -15.74
N VAL B 426 24.87 -4.25 -14.81
CA VAL B 426 26.01 -4.93 -14.22
C VAL B 426 26.35 -6.26 -14.89
N ARG B 427 25.55 -6.72 -15.84
CA ARG B 427 25.81 -8.00 -16.49
C ARG B 427 26.91 -7.86 -17.53
N ASP B 428 27.51 -9.00 -17.87
CA ASP B 428 28.41 -9.04 -19.02
C ASP B 428 27.60 -8.97 -20.31
N LYS B 429 27.91 -7.99 -21.15
CA LYS B 429 27.10 -7.74 -22.32
C LYS B 429 27.36 -8.74 -23.44
N GLU B 430 28.42 -9.54 -23.35
CA GLU B 430 28.69 -10.55 -24.37
C GLU B 430 28.03 -11.89 -24.04
N LEU B 431 28.18 -12.36 -22.80
CA LEU B 431 27.60 -13.64 -22.37
C LEU B 431 26.83 -13.41 -21.06
N HIS B 432 25.58 -12.96 -21.19
CA HIS B 432 24.62 -12.87 -20.09
C HIS B 432 23.27 -12.52 -20.68
N GLY B 433 22.23 -13.20 -20.22
CA GLY B 433 20.89 -12.89 -20.67
C GLY B 433 19.97 -12.50 -19.53
N GLY B 434 18.67 -12.59 -19.74
CA GLY B 434 17.73 -12.31 -18.68
C GLY B 434 16.28 -12.36 -19.12
N TYR B 435 15.44 -13.04 -18.35
CA TYR B 435 14.00 -13.04 -18.59
C TYR B 435 13.27 -13.07 -17.25
N PRO B 436 12.52 -12.01 -16.92
CA PRO B 436 11.77 -12.01 -15.65
C PRO B 436 10.53 -12.89 -15.75
N LEU B 437 10.40 -13.81 -14.80
CA LEU B 437 9.20 -14.62 -14.69
C LEU B 437 8.11 -13.80 -13.99
N ARG B 438 6.97 -14.43 -13.70
CA ARG B 438 5.83 -13.74 -13.08
C ARG B 438 5.33 -14.61 -11.93
N GLY B 439 5.89 -14.37 -10.74
CA GLY B 439 5.45 -15.08 -9.55
C GLY B 439 5.84 -16.55 -9.54
N LYS B 440 5.05 -17.32 -8.80
CA LYS B 440 5.31 -18.75 -8.67
C LYS B 440 5.11 -19.45 -10.02
N VAL B 441 6.00 -20.39 -10.31
CA VAL B 441 5.95 -21.12 -11.56
C VAL B 441 4.89 -22.22 -11.46
N LEU B 442 4.25 -22.52 -12.58
CA LEU B 442 3.22 -23.54 -12.60
C LEU B 442 3.81 -24.91 -12.32
N ASN B 443 3.13 -25.67 -11.46
CA ASN B 443 3.54 -27.04 -11.17
C ASN B 443 3.27 -27.91 -12.38
N SER B 444 4.34 -28.28 -13.09
CA SER B 444 4.25 -28.95 -14.38
C SER B 444 4.70 -30.41 -14.31
N TRP B 445 4.33 -31.10 -13.23
CA TRP B 445 4.64 -32.52 -13.08
C TRP B 445 3.41 -33.34 -13.42
N GLY B 446 3.57 -34.28 -14.35
CA GLY B 446 2.50 -35.15 -14.77
C GLY B 446 1.67 -34.62 -15.93
N MET B 447 1.76 -33.33 -16.23
CA MET B 447 1.03 -32.75 -17.35
C MET B 447 1.64 -33.16 -18.67
N SER B 448 0.80 -33.21 -19.70
CA SER B 448 1.26 -33.51 -21.05
C SER B 448 1.93 -32.29 -21.66
N TYR B 449 2.63 -32.50 -22.77
CA TYR B 449 3.31 -31.40 -23.43
C TYR B 449 2.34 -30.60 -24.29
N ALA B 450 1.19 -30.26 -23.73
CA ALA B 450 0.27 -29.31 -24.34
C ALA B 450 -0.36 -28.36 -23.34
N ASP B 451 -0.33 -28.65 -22.04
CA ASP B 451 -0.75 -27.71 -21.02
C ASP B 451 0.41 -26.95 -20.41
N MET B 452 1.63 -27.48 -20.51
CA MET B 452 2.81 -26.71 -20.14
C MET B 452 2.96 -25.51 -21.06
N LEU B 453 2.76 -25.69 -22.36
CA LEU B 453 2.81 -24.59 -23.31
C LEU B 453 1.49 -23.84 -23.32
N LYS B 454 1.02 -23.45 -22.14
CA LYS B 454 -0.12 -22.57 -22.00
C LYS B 454 0.10 -21.49 -20.96
N ASN B 455 0.95 -21.71 -19.97
CA ASN B 455 1.39 -20.65 -19.09
C ASN B 455 2.34 -19.72 -19.83
N LYS B 456 2.25 -18.43 -19.51
CA LYS B 456 3.10 -17.45 -20.18
C LYS B 456 4.57 -17.73 -19.90
N GLU B 457 4.93 -17.86 -18.63
CA GLU B 457 6.32 -18.16 -18.26
C GLU B 457 6.55 -19.66 -18.15
N LEU B 458 6.04 -20.38 -19.15
CA LEU B 458 6.50 -21.72 -19.48
C LEU B 458 6.60 -21.93 -20.99
N PHE B 459 5.97 -21.08 -21.79
CA PHE B 459 6.19 -21.00 -23.23
C PHE B 459 7.26 -19.97 -23.56
N ASP B 460 7.33 -18.87 -22.80
CA ASP B 460 8.39 -17.89 -23.02
C ASP B 460 9.77 -18.47 -22.72
N ILE B 461 9.90 -19.21 -21.62
CA ILE B 461 11.17 -19.86 -21.31
C ILE B 461 11.53 -20.87 -22.39
N CYS B 462 10.54 -21.62 -22.87
CA CYS B 462 10.80 -22.64 -23.89
C CYS B 462 11.25 -22.01 -25.20
N ALA B 463 10.65 -20.89 -25.59
CA ALA B 463 11.00 -20.22 -26.84
C ALA B 463 12.32 -19.46 -26.75
N ILE B 464 12.59 -18.82 -25.61
CA ILE B 464 13.80 -18.02 -25.46
C ILE B 464 15.04 -18.92 -25.50
N THR B 465 15.03 -19.99 -24.72
CA THR B 465 16.16 -20.90 -24.66
C THR B 465 16.30 -21.74 -25.92
N GLY B 466 15.24 -21.86 -26.71
CA GLY B 466 15.25 -22.71 -27.88
C GLY B 466 14.94 -24.16 -27.60
N LEU B 467 14.75 -24.53 -26.34
CA LEU B 467 14.35 -25.90 -26.01
C LEU B 467 12.94 -26.17 -26.54
N VAL B 468 12.70 -27.41 -26.93
CA VAL B 468 11.39 -27.87 -27.36
C VAL B 468 11.02 -29.11 -26.55
N LEU B 469 9.82 -29.10 -25.97
CA LEU B 469 9.39 -30.20 -25.12
C LEU B 469 9.22 -31.49 -25.92
N GLY B 470 9.62 -32.60 -25.31
CA GLY B 470 9.52 -33.90 -25.93
C GLY B 470 10.65 -34.25 -26.88
N GLU B 471 11.66 -33.40 -27.03
CA GLU B 471 12.78 -33.65 -27.91
C GLU B 471 14.08 -33.52 -27.14
N LYS B 472 15.08 -34.28 -27.57
CA LYS B 472 16.41 -34.19 -26.97
C LYS B 472 17.03 -32.85 -27.30
N ALA B 473 17.51 -32.14 -26.27
CA ALA B 473 18.05 -30.81 -26.48
C ALA B 473 19.45 -30.86 -27.08
N PHE B 474 20.24 -31.85 -26.71
CA PHE B 474 21.63 -31.95 -27.17
C PHE B 474 21.75 -32.99 -28.26
N GLU B 475 22.99 -33.17 -28.73
CA GLU B 475 23.33 -34.23 -29.69
C GLU B 475 24.81 -34.54 -29.51
N GLU B 476 25.10 -35.64 -28.83
CA GLU B 476 26.47 -35.99 -28.51
C GLU B 476 27.20 -36.52 -29.75
N LYS B 477 28.52 -36.48 -29.69
CA LYS B 477 29.39 -36.96 -30.75
C LYS B 477 29.83 -38.39 -30.44
N GLU B 478 30.80 -38.88 -31.21
CA GLU B 478 31.30 -40.23 -31.03
C GLU B 478 32.10 -40.33 -29.73
N ASP B 479 32.25 -41.57 -29.24
CA ASP B 479 32.89 -41.87 -27.97
C ASP B 479 33.88 -43.01 -28.13
N GLY B 480 34.69 -42.95 -29.18
CA GLY B 480 35.65 -44.02 -29.46
C GLY B 480 36.92 -43.97 -28.63
N GLU B 481 37.68 -42.88 -28.78
CA GLU B 481 38.98 -42.77 -28.14
C GLU B 481 38.84 -42.57 -26.64
N TRP B 482 39.94 -42.80 -25.93
CA TRP B 482 40.01 -42.64 -24.48
C TRP B 482 41.37 -42.10 -24.09
N PHE B 483 41.41 -41.37 -22.98
CA PHE B 483 42.64 -40.76 -22.51
C PHE B 483 42.55 -40.52 -21.01
N THR B 484 43.70 -40.21 -20.41
CA THR B 484 43.82 -39.96 -18.98
C THR B 484 44.45 -38.59 -18.76
N PHE B 485 43.93 -37.84 -17.79
CA PHE B 485 44.44 -36.51 -17.49
C PHE B 485 45.28 -36.42 -16.22
N GLU B 486 44.95 -37.20 -15.20
CA GLU B 486 45.71 -37.23 -13.95
C GLU B 486 45.78 -35.84 -13.31
N LEU B 487 44.62 -35.32 -12.94
CA LEU B 487 44.52 -34.01 -12.30
C LEU B 487 44.28 -34.20 -10.81
N ASN B 488 45.02 -33.46 -9.99
CA ASN B 488 45.03 -33.54 -8.54
C ASN B 488 45.06 -34.99 -8.04
N GLY B 489 45.79 -35.84 -8.74
CA GLY B 489 45.96 -37.24 -8.32
C GLY B 489 44.97 -38.26 -8.86
N ASP B 490 43.68 -37.95 -8.81
CA ASP B 490 42.67 -38.90 -9.25
C ASP B 490 42.77 -39.14 -10.75
N THR B 491 42.46 -40.38 -11.14
CA THR B 491 42.54 -40.78 -12.54
C THR B 491 41.25 -40.40 -13.25
N ILE B 492 41.32 -39.34 -14.05
CA ILE B 492 40.18 -38.87 -14.83
C ILE B 492 40.29 -39.47 -16.23
N ILE B 493 39.36 -40.35 -16.57
CA ILE B 493 39.29 -40.95 -17.90
C ILE B 493 38.50 -40.02 -18.80
N VAL B 494 39.10 -39.60 -19.91
CA VAL B 494 38.49 -38.64 -20.81
C VAL B 494 38.45 -39.22 -22.22
N ASN B 495 37.58 -38.64 -23.04
CA ASN B 495 37.42 -39.04 -24.43
C ASN B 495 38.19 -38.09 -25.34
N GLU B 496 38.10 -38.33 -26.66
CA GLU B 496 38.77 -37.46 -27.61
C GLU B 496 38.10 -36.11 -27.75
N ASN B 497 36.84 -35.98 -27.36
CA ASN B 497 36.11 -34.72 -27.40
C ASN B 497 35.36 -34.56 -26.07
N ASP B 498 36.02 -33.97 -25.08
CA ASP B 498 35.41 -33.70 -23.79
C ASP B 498 35.65 -32.26 -23.38
N GLU B 499 35.26 -31.91 -22.16
CA GLU B 499 35.44 -30.56 -21.63
C GLU B 499 35.79 -30.67 -20.15
N VAL B 500 37.00 -30.26 -19.78
CA VAL B 500 37.51 -30.43 -18.43
C VAL B 500 37.32 -29.13 -17.66
N GLN B 501 37.44 -29.23 -16.33
CA GLN B 501 37.38 -28.07 -15.45
C GLN B 501 38.78 -27.67 -15.01
N ILE B 502 39.05 -26.36 -15.09
CA ILE B 502 40.29 -25.78 -14.56
C ILE B 502 39.86 -24.63 -13.66
N ASN B 503 39.73 -24.90 -12.36
CA ASN B 503 39.33 -23.90 -11.37
C ASN B 503 38.00 -23.23 -11.74
N GLY B 504 37.08 -24.02 -12.29
CA GLY B 504 35.77 -23.52 -12.64
C GLY B 504 35.60 -23.07 -14.07
N LYS B 505 36.55 -23.39 -14.95
CA LYS B 505 36.49 -23.00 -16.35
C LYS B 505 36.23 -24.22 -17.22
N TRP B 506 35.71 -23.97 -18.42
CA TRP B 506 35.40 -25.02 -19.38
C TRP B 506 36.33 -24.92 -20.57
N ILE B 507 37.15 -25.95 -20.79
CA ILE B 507 38.08 -26.00 -21.90
C ILE B 507 37.96 -27.36 -22.56
N THR B 508 37.92 -27.37 -23.90
CA THR B 508 37.74 -28.60 -24.65
C THR B 508 39.00 -29.46 -24.61
N VAL B 509 38.80 -30.78 -24.53
CA VAL B 509 39.92 -31.71 -24.53
C VAL B 509 40.58 -31.78 -25.90
N GLY B 510 39.79 -31.61 -26.97
CA GLY B 510 40.37 -31.66 -28.30
C GLY B 510 41.46 -30.64 -28.53
N GLU B 511 41.26 -29.41 -28.03
CA GLU B 511 42.32 -28.41 -28.11
C GLU B 511 43.47 -28.75 -27.18
N LEU B 512 43.19 -29.37 -26.03
CA LEU B 512 44.24 -29.79 -25.13
C LEU B 512 45.09 -30.93 -25.70
N ARG B 513 44.59 -31.62 -26.72
CA ARG B 513 45.36 -32.68 -27.36
C ARG B 513 46.61 -32.14 -28.04
N LYS B 514 46.65 -30.85 -28.35
CA LYS B 514 47.81 -30.28 -29.03
C LYS B 514 49.08 -30.42 -28.19
N ASN B 515 48.98 -30.15 -26.89
CA ASN B 515 50.08 -30.36 -25.97
C ASN B 515 49.96 -31.70 -25.28
N LEU B 516 51.10 -32.31 -24.97
CA LEU B 516 51.11 -33.69 -24.48
C LEU B 516 50.39 -33.81 -23.14
N MET B 517 50.75 -32.96 -22.17
CA MET B 517 50.24 -33.05 -20.81
C MET B 517 50.40 -34.46 -20.26
N LYS B 518 49.30 -35.10 -19.88
CA LYS B 518 49.33 -36.43 -19.28
C LYS B 518 48.49 -37.43 -20.04
N PHE B 519 48.19 -37.15 -21.32
CA PHE B 519 47.32 -38.02 -22.11
C PHE B 519 47.93 -39.41 -22.28
N VAL B 520 47.28 -40.41 -21.70
CA VAL B 520 47.75 -41.80 -21.76
C VAL B 520 46.65 -42.66 -22.37
N LYS B 521 47.01 -43.43 -23.40
CA LYS B 521 46.05 -44.29 -24.07
C LYS B 521 45.56 -45.39 -23.12
N ILE B 522 44.25 -45.62 -23.12
CA ILE B 522 43.63 -46.68 -22.34
C ILE B 522 42.63 -47.41 -23.23
N ASP B 523 42.28 -48.63 -22.83
CA ASP B 523 41.41 -49.46 -23.65
C ASP B 523 39.97 -48.92 -23.62
N SER B 524 39.14 -49.54 -24.45
CA SER B 524 37.73 -49.17 -24.53
C SER B 524 36.96 -49.77 -23.36
N SER B 525 35.64 -49.56 -23.35
CA SER B 525 34.73 -50.06 -22.32
C SER B 525 35.06 -49.52 -20.93
N SER B 526 35.78 -48.41 -20.87
CA SER B 526 36.07 -47.76 -19.58
C SER B 526 35.06 -46.64 -19.34
N VAL B 527 33.81 -47.05 -19.17
CA VAL B 527 32.70 -46.10 -18.99
C VAL B 527 32.60 -45.82 -17.49
N ASP B 528 33.41 -44.86 -17.04
CA ASP B 528 33.39 -44.43 -15.65
C ASP B 528 32.65 -43.10 -15.54
N MET B 529 31.37 -43.15 -15.88
CA MET B 529 30.57 -41.92 -16.00
C MET B 529 30.53 -41.14 -14.70
N LYS B 530 30.16 -41.82 -13.60
CA LYS B 530 30.09 -41.13 -12.31
C LYS B 530 31.47 -40.77 -11.79
N LYS B 531 32.51 -41.53 -12.19
CA LYS B 531 33.84 -41.27 -11.69
C LYS B 531 34.37 -39.91 -12.14
N TYR B 532 34.15 -39.56 -13.41
CA TYR B 532 34.56 -38.24 -13.88
C TYR B 532 33.44 -37.21 -13.84
N LYS B 533 32.21 -37.62 -13.54
CA LYS B 533 31.08 -36.70 -13.49
C LYS B 533 30.87 -36.08 -12.11
N LEU B 534 31.60 -36.53 -11.08
CA LEU B 534 31.39 -35.98 -9.74
C LEU B 534 31.79 -34.51 -9.68
N GLN B 535 32.89 -34.14 -10.35
CA GLN B 535 33.26 -32.73 -10.50
C GLN B 535 33.25 -32.30 -11.97
N ASN B 536 32.70 -33.14 -12.85
CA ASN B 536 32.42 -32.78 -14.25
C ASN B 536 33.69 -32.39 -15.00
N ASN B 537 34.60 -33.35 -15.14
CA ASN B 537 35.72 -33.17 -16.06
C ASN B 537 35.41 -33.61 -17.47
N VAL B 538 34.25 -34.22 -17.70
CA VAL B 538 33.87 -34.75 -19.01
C VAL B 538 32.48 -34.22 -19.35
N ARG B 539 32.40 -33.44 -20.42
CA ARG B 539 31.13 -33.07 -21.04
C ARG B 539 31.21 -33.47 -22.51
N ARG B 540 30.34 -34.38 -22.92
CA ARG B 540 30.36 -34.85 -24.30
C ARG B 540 30.12 -33.69 -25.25
N SER B 541 30.95 -33.60 -26.29
CA SER B 541 30.86 -32.50 -27.23
C SER B 541 29.52 -32.53 -27.96
N ILE B 542 28.90 -31.35 -28.08
CA ILE B 542 27.57 -31.24 -28.67
C ILE B 542 27.74 -31.12 -30.19
N LYS B 543 27.32 -32.16 -30.92
CA LYS B 543 27.38 -32.11 -32.37
C LYS B 543 26.44 -31.04 -32.92
N SER B 544 25.23 -30.94 -32.37
CA SER B 544 24.26 -29.95 -32.80
C SER B 544 23.30 -29.67 -31.66
N SER B 545 22.85 -28.42 -31.56
CA SER B 545 21.91 -28.04 -30.53
C SER B 545 21.11 -26.83 -31.01
N SER B 546 19.83 -26.80 -30.63
CA SER B 546 18.95 -25.67 -30.90
C SER B 546 18.85 -24.72 -29.71
N MET B 547 19.83 -24.76 -28.82
CA MET B 547 19.80 -23.97 -27.60
C MET B 547 20.48 -22.63 -27.85
N ASN B 548 19.74 -21.54 -27.69
CA ASN B 548 20.32 -20.21 -27.82
C ASN B 548 21.28 -19.91 -26.69
N TYR B 549 20.85 -20.16 -25.45
CA TYR B 549 21.67 -19.94 -24.27
C TYR B 549 22.18 -21.29 -23.77
N ALA B 550 23.50 -21.46 -23.75
CA ALA B 550 24.06 -22.68 -23.20
C ALA B 550 24.37 -22.54 -21.72
N ASN B 551 23.40 -21.98 -20.99
CA ASN B 551 23.36 -21.94 -19.54
C ASN B 551 22.00 -21.38 -19.11
N VAL B 552 21.41 -21.94 -18.06
CA VAL B 552 20.06 -21.56 -17.66
C VAL B 552 20.11 -21.11 -16.20
N ALA B 553 21.22 -20.49 -15.80
CA ALA B 553 21.44 -20.11 -14.41
C ALA B 553 20.24 -19.38 -13.82
N ILE B 554 19.63 -19.99 -12.82
CA ILE B 554 18.42 -19.47 -12.19
C ILE B 554 18.80 -18.64 -10.97
N MET B 555 18.33 -17.41 -10.93
CA MET B 555 18.48 -16.56 -9.76
C MET B 555 17.12 -16.03 -9.35
N THR B 556 16.74 -16.28 -8.10
CA THR B 556 15.49 -15.78 -7.53
C THR B 556 15.78 -15.22 -6.15
N ASP B 557 14.73 -14.72 -5.49
CA ASP B 557 14.88 -14.24 -4.13
C ASP B 557 15.26 -15.40 -3.21
N ALA B 558 16.05 -15.09 -2.18
CA ALA B 558 16.54 -16.10 -1.27
C ALA B 558 15.59 -16.38 -0.11
N ASP B 559 14.42 -15.77 -0.11
CA ASP B 559 13.41 -16.07 0.90
C ASP B 559 12.85 -17.48 0.67
N HIS B 560 11.96 -17.90 1.56
CA HIS B 560 11.44 -19.26 1.50
C HIS B 560 10.64 -19.50 0.23
N ASP B 561 9.81 -18.54 -0.17
CA ASP B 561 9.01 -18.70 -1.38
C ASP B 561 9.88 -18.81 -2.61
N GLY B 562 10.91 -17.98 -2.71
CA GLY B 562 11.79 -18.00 -3.86
C GLY B 562 12.88 -19.05 -3.83
N LEU B 563 12.91 -19.89 -2.79
CA LEU B 563 13.92 -20.92 -2.66
C LEU B 563 13.35 -22.32 -2.54
N GLY B 564 12.10 -22.47 -2.11
CA GLY B 564 11.50 -23.78 -1.96
C GLY B 564 10.23 -23.97 -2.75
N SER B 565 9.83 -22.95 -3.51
CA SER B 565 8.64 -23.02 -4.34
C SER B 565 8.89 -22.68 -5.81
N ILE B 566 9.86 -21.83 -6.11
CA ILE B 566 10.16 -21.46 -7.50
C ILE B 566 11.41 -22.19 -7.92
N TYR B 567 12.33 -22.42 -6.98
CA TYR B 567 13.50 -23.24 -7.28
C TYR B 567 13.13 -24.66 -7.68
N PRO B 568 12.37 -25.43 -6.89
CA PRO B 568 12.12 -26.83 -7.27
C PRO B 568 11.07 -26.96 -8.37
N SER B 569 10.16 -25.99 -8.49
CA SER B 569 9.22 -26.01 -9.60
C SER B 569 9.94 -25.82 -10.93
N LEU B 570 10.88 -24.88 -11.00
CA LEU B 570 11.67 -24.73 -12.21
C LEU B 570 12.60 -25.92 -12.41
N LEU B 571 13.10 -26.52 -11.33
CA LEU B 571 13.87 -27.75 -11.47
C LEU B 571 13.04 -28.85 -12.10
N GLY B 572 11.80 -29.04 -11.63
CA GLY B 572 10.91 -30.02 -12.23
C GLY B 572 10.52 -29.72 -13.66
N PHE B 573 10.36 -28.44 -14.02
CA PHE B 573 10.10 -28.12 -15.40
C PHE B 573 11.28 -28.44 -16.30
N PHE B 574 12.48 -28.02 -15.90
CA PHE B 574 13.67 -28.32 -16.68
C PHE B 574 14.07 -29.79 -16.62
N SER B 575 13.46 -30.56 -15.72
CA SER B 575 13.66 -32.00 -15.68
C SER B 575 13.11 -32.71 -16.91
N ASN B 576 12.31 -32.03 -17.73
CA ASN B 576 11.80 -32.66 -18.95
C ASN B 576 12.91 -32.98 -19.94
N TRP B 577 14.09 -32.38 -19.78
CA TRP B 577 15.27 -32.72 -20.57
C TRP B 577 16.33 -33.24 -19.60
N PRO B 578 16.41 -34.56 -19.39
CA PRO B 578 17.40 -35.08 -18.45
C PRO B 578 18.81 -35.09 -19.01
N GLU B 579 19.19 -33.98 -19.64
CA GLU B 579 20.56 -33.74 -20.06
C GLU B 579 21.12 -32.42 -19.57
N LEU B 580 20.25 -31.45 -19.22
CA LEU B 580 20.73 -30.22 -18.61
C LEU B 580 21.39 -30.50 -17.28
N PHE B 581 20.80 -31.36 -16.45
CA PHE B 581 21.43 -31.78 -15.21
C PHE B 581 22.37 -32.95 -15.44
N GLU B 582 23.18 -32.83 -16.48
CA GLU B 582 24.25 -33.79 -16.75
C GLU B 582 25.57 -33.12 -17.13
N GLN B 583 25.55 -31.89 -17.64
CA GLN B 583 26.75 -31.15 -17.99
C GLN B 583 26.86 -29.85 -17.21
N GLY B 584 26.12 -29.73 -16.10
CA GLY B 584 26.10 -28.51 -15.32
C GLY B 584 25.53 -27.32 -16.05
N ARG B 585 24.51 -27.54 -16.88
CA ARG B 585 23.89 -26.46 -17.64
C ARG B 585 22.75 -25.78 -16.90
N ILE B 586 22.29 -26.33 -15.78
CA ILE B 586 21.30 -25.69 -14.92
C ILE B 586 22.01 -25.28 -13.64
N ARG B 587 22.01 -23.98 -13.36
CA ARG B 587 22.76 -23.44 -12.24
C ARG B 587 21.86 -22.58 -11.37
N PHE B 588 22.20 -22.55 -10.08
CA PHE B 588 21.55 -21.68 -9.11
C PHE B 588 22.51 -20.57 -8.76
N VAL B 589 22.08 -19.32 -8.94
CA VAL B 589 22.90 -18.17 -8.56
C VAL B 589 22.54 -17.82 -7.13
N LYS B 590 23.47 -18.05 -6.20
CA LYS B 590 23.17 -17.85 -4.79
C LYS B 590 23.06 -16.37 -4.48
N THR B 591 22.03 -16.01 -3.73
CA THR B 591 21.67 -14.63 -3.43
C THR B 591 21.70 -14.42 -1.93
N PRO B 592 22.28 -13.33 -1.44
CA PRO B 592 22.29 -13.08 0.01
C PRO B 592 20.89 -12.78 0.51
N VAL B 593 20.44 -13.55 1.50
CA VAL B 593 19.18 -13.25 2.16
C VAL B 593 19.37 -12.30 3.32
N ILE B 594 20.57 -12.20 3.88
CA ILE B 594 20.84 -11.32 5.01
C ILE B 594 22.22 -10.71 4.84
N ILE B 595 22.34 -9.40 4.97
CA ILE B 595 23.61 -8.71 5.00
C ILE B 595 23.77 -8.02 6.34
N ALA B 596 24.72 -8.47 7.13
CA ALA B 596 25.05 -7.84 8.40
C ALA B 596 26.16 -6.82 8.20
N GLN B 597 26.25 -5.90 9.16
CA GLN B 597 27.21 -4.81 9.06
C GLN B 597 28.19 -4.86 10.22
N VAL B 598 28.72 -6.04 10.52
CA VAL B 598 29.69 -6.18 11.60
C VAL B 598 30.97 -5.45 11.23
N GLY B 599 31.53 -4.72 12.19
CA GLY B 599 32.71 -3.91 11.92
C GLY B 599 32.40 -2.91 10.82
N LYS B 600 33.31 -2.79 9.86
CA LYS B 600 33.12 -1.94 8.70
C LYS B 600 32.98 -2.75 7.40
N LYS B 601 32.81 -4.07 7.50
CA LYS B 601 32.68 -4.94 6.34
C LYS B 601 31.35 -5.67 6.40
N GLN B 602 30.71 -5.80 5.24
CA GLN B 602 29.39 -6.41 5.17
C GLN B 602 29.51 -7.92 5.05
N GLU B 603 28.82 -8.64 5.94
CA GLU B 603 28.85 -10.09 5.98
C GLU B 603 27.59 -10.64 5.33
N TRP B 604 27.76 -11.62 4.45
CA TRP B 604 26.68 -12.12 3.61
C TRP B 604 26.25 -13.51 4.06
N PHE B 605 24.95 -13.68 4.28
CA PHE B 605 24.36 -14.97 4.63
C PHE B 605 23.29 -15.30 3.59
N TYR B 606 23.51 -16.40 2.87
CA TYR B 606 22.72 -16.71 1.69
C TYR B 606 21.35 -17.30 2.04
N THR B 607 21.25 -18.02 3.15
CA THR B 607 20.00 -18.64 3.56
C THR B 607 19.69 -18.27 5.00
N VAL B 608 18.40 -18.24 5.32
CA VAL B 608 17.97 -17.93 6.68
C VAL B 608 18.49 -18.98 7.66
N ALA B 609 18.50 -20.25 7.22
CA ALA B 609 19.03 -21.31 8.08
C ALA B 609 20.51 -21.10 8.37
N GLU B 610 21.28 -20.68 7.38
CA GLU B 610 22.69 -20.39 7.61
C GLU B 610 22.87 -19.21 8.55
N TYR B 611 22.01 -18.19 8.43
CA TYR B 611 22.07 -17.07 9.35
C TYR B 611 21.78 -17.51 10.77
N GLU B 612 20.76 -18.36 10.96
CA GLU B 612 20.45 -18.86 12.28
C GLU B 612 21.33 -20.04 12.63
N SER B 613 22.63 -19.89 12.40
CA SER B 613 23.66 -20.78 12.91
C SER B 613 24.89 -20.04 13.38
N ALA B 614 24.95 -18.72 13.20
CA ALA B 614 26.01 -17.88 13.74
C ALA B 614 25.47 -16.57 14.27
N LYS B 615 24.15 -16.49 14.50
CA LYS B 615 23.56 -15.26 15.00
C LYS B 615 24.11 -14.90 16.38
N ASP B 616 24.08 -15.85 17.31
CA ASP B 616 24.72 -15.64 18.61
C ASP B 616 26.15 -16.15 18.60
N ALA B 617 26.87 -15.80 17.53
CA ALA B 617 28.31 -16.01 17.48
C ALA B 617 29.00 -14.86 16.76
N LEU B 618 28.28 -13.78 16.46
CA LEU B 618 28.72 -12.68 15.62
C LEU B 618 28.67 -11.37 16.39
N PRO B 619 29.67 -10.51 16.27
CA PRO B 619 29.71 -9.28 17.07
C PRO B 619 28.98 -8.11 16.44
N LYS B 620 28.09 -7.49 17.21
CA LYS B 620 27.38 -6.25 16.87
C LYS B 620 26.92 -6.23 15.40
N HIS B 621 26.05 -7.18 15.07
CA HIS B 621 25.50 -7.28 13.74
C HIS B 621 24.20 -6.47 13.65
N SER B 622 24.07 -5.67 12.60
CA SER B 622 22.85 -4.93 12.29
C SER B 622 22.44 -5.36 10.89
N ILE B 623 21.66 -6.43 10.80
CA ILE B 623 21.43 -7.11 9.54
C ILE B 623 20.33 -6.40 8.75
N ARG B 624 20.34 -6.64 7.45
CA ARG B 624 19.25 -6.25 6.55
C ARG B 624 18.71 -7.51 5.91
N TYR B 625 17.42 -7.76 6.10
CA TYR B 625 16.79 -8.92 5.48
C TYR B 625 16.42 -8.57 4.04
N ILE B 626 16.90 -9.38 3.10
CA ILE B 626 16.64 -9.16 1.68
C ILE B 626 15.45 -10.04 1.30
N LYS B 627 14.34 -9.40 0.93
CA LYS B 627 13.20 -10.16 0.43
C LYS B 627 13.24 -10.28 -1.10
N GLY B 628 13.62 -9.21 -1.78
CA GLY B 628 13.68 -9.20 -3.24
C GLY B 628 15.11 -9.27 -3.73
N LEU B 629 15.32 -10.04 -4.80
CA LEU B 629 16.67 -10.28 -5.31
C LEU B 629 17.33 -8.99 -5.77
N GLY B 630 16.66 -8.24 -6.64
CA GLY B 630 17.27 -7.07 -7.24
C GLY B 630 16.82 -5.74 -6.71
N SER B 631 15.90 -5.73 -5.75
CA SER B 631 15.28 -4.49 -5.29
C SER B 631 15.69 -4.10 -3.88
N LEU B 632 16.52 -4.90 -3.21
CA LEU B 632 17.13 -4.51 -1.94
C LEU B 632 18.64 -4.36 -2.04
N GLU B 633 19.19 -4.43 -3.25
CA GLU B 633 20.63 -4.37 -3.45
C GLU B 633 20.95 -3.29 -4.48
N LYS B 634 21.99 -2.51 -4.20
CA LYS B 634 22.37 -1.38 -5.04
C LYS B 634 23.70 -1.62 -5.74
N SER B 635 24.75 -1.90 -4.98
CA SER B 635 26.03 -2.34 -5.53
C SER B 635 26.39 -3.75 -5.12
N GLU B 636 25.62 -4.36 -4.21
CA GLU B 636 25.78 -5.79 -3.94
C GLU B 636 25.35 -6.61 -5.15
N TYR B 637 24.41 -6.09 -5.94
CA TYR B 637 24.02 -6.76 -7.18
C TYR B 637 25.20 -6.89 -8.13
N ARG B 638 25.97 -5.82 -8.28
CA ARG B 638 27.13 -5.87 -9.18
C ARG B 638 28.16 -6.89 -8.71
N GLU B 639 28.42 -6.92 -7.40
CA GLU B 639 29.38 -7.89 -6.86
C GLU B 639 28.88 -9.32 -7.04
N MET B 640 27.59 -9.55 -6.80
CA MET B 640 27.06 -10.90 -6.89
C MET B 640 26.91 -11.37 -8.33
N ILE B 641 26.83 -10.44 -9.29
CA ILE B 641 26.75 -10.85 -10.69
C ILE B 641 28.15 -11.05 -11.26
N GLN B 642 29.06 -10.11 -11.00
CA GLN B 642 30.41 -10.20 -11.55
C GLN B 642 31.26 -11.22 -10.79
N ASN B 643 30.92 -11.51 -9.54
CA ASN B 643 31.62 -12.50 -8.74
C ASN B 643 30.60 -13.49 -8.18
N PRO B 644 30.03 -14.34 -9.04
CA PRO B 644 28.94 -15.22 -8.61
C PRO B 644 29.44 -16.51 -7.99
N VAL B 645 28.56 -17.12 -7.20
CA VAL B 645 28.80 -18.43 -6.60
C VAL B 645 27.68 -19.34 -7.06
N TYR B 646 27.91 -20.05 -8.15
CA TYR B 646 26.88 -20.90 -8.73
C TYR B 646 26.82 -22.25 -8.03
N ASP B 647 25.68 -22.92 -8.20
CA ASP B 647 25.49 -24.30 -7.76
C ASP B 647 24.90 -25.06 -8.94
N VAL B 648 25.70 -25.92 -9.57
CA VAL B 648 25.18 -26.72 -10.67
C VAL B 648 24.38 -27.88 -10.11
N VAL B 649 23.16 -28.07 -10.62
CA VAL B 649 22.24 -29.04 -10.08
C VAL B 649 22.45 -30.37 -10.78
N LYS B 650 22.61 -31.43 -9.99
CA LYS B 650 22.84 -32.78 -10.50
C LYS B 650 21.71 -33.69 -10.02
N LEU B 651 21.18 -34.49 -10.92
CA LEU B 651 20.07 -35.37 -10.59
C LEU B 651 20.59 -36.69 -10.04
N PRO B 652 20.09 -37.17 -8.90
CA PRO B 652 20.50 -38.48 -8.40
C PRO B 652 19.87 -39.60 -9.21
N GLU B 653 20.05 -40.85 -8.78
CA GLU B 653 19.44 -41.97 -9.49
C GLU B 653 17.92 -41.91 -9.41
N ASN B 654 17.38 -41.75 -8.21
CA ASN B 654 15.93 -41.71 -8.01
C ASN B 654 15.43 -40.26 -7.93
N TRP B 655 15.69 -39.49 -8.98
CA TRP B 655 15.17 -38.12 -9.04
C TRP B 655 13.66 -38.12 -9.27
N LYS B 656 13.16 -39.08 -10.03
CA LYS B 656 11.72 -39.14 -10.31
C LYS B 656 10.93 -39.31 -9.02
N GLU B 657 11.39 -40.18 -8.12
CA GLU B 657 10.68 -40.38 -6.85
C GLU B 657 10.65 -39.10 -6.03
N LEU B 658 11.78 -38.39 -5.96
CA LEU B 658 11.84 -37.15 -5.19
C LEU B 658 10.90 -36.10 -5.78
N PHE B 659 10.93 -35.94 -7.10
CA PHE B 659 10.07 -34.95 -7.74
C PHE B 659 8.60 -35.31 -7.58
N GLU B 660 8.26 -36.60 -7.69
CA GLU B 660 6.87 -37.03 -7.54
C GLU B 660 6.39 -36.81 -6.11
N MET B 661 7.23 -37.07 -5.12
CA MET B 661 6.83 -36.84 -3.74
C MET B 661 6.65 -35.35 -3.48
N LEU B 662 7.61 -34.52 -3.92
CA LEU B 662 7.49 -33.09 -3.69
C LEU B 662 6.42 -32.47 -4.59
N MET B 663 6.39 -32.84 -5.86
CA MET B 663 5.45 -32.30 -6.84
C MET B 663 4.62 -33.46 -7.37
N GLY B 664 3.51 -33.76 -6.69
CA GLY B 664 2.67 -34.87 -7.08
C GLY B 664 1.25 -34.68 -6.62
N ASP B 665 0.38 -35.58 -7.09
CA ASP B 665 -1.03 -35.53 -6.72
C ASP B 665 -1.28 -36.08 -5.32
N ASN B 666 -0.42 -36.99 -4.85
CA ASN B 666 -0.60 -37.61 -3.54
C ASN B 666 -0.03 -36.68 -2.48
N ALA B 667 -0.92 -36.15 -1.64
CA ALA B 667 -0.51 -35.27 -0.56
C ALA B 667 -0.15 -36.01 0.72
N ASP B 668 -0.28 -37.34 0.74
CA ASP B 668 0.10 -38.11 1.90
C ASP B 668 1.58 -38.41 1.95
N LEU B 669 2.26 -38.40 0.80
CA LEU B 669 3.71 -38.57 0.80
C LEU B 669 4.42 -37.37 1.40
N ARG B 670 3.85 -36.18 1.26
CA ARG B 670 4.44 -34.99 1.86
C ARG B 670 4.18 -34.93 3.36
N LYS B 671 3.09 -35.53 3.84
CA LYS B 671 2.86 -35.60 5.28
C LYS B 671 3.84 -36.55 5.95
N GLU B 672 4.28 -37.59 5.23
CA GLU B 672 5.29 -38.51 5.73
C GLU B 672 6.71 -38.07 5.40
N TRP B 673 6.86 -37.03 4.58
CA TRP B 673 8.17 -36.47 4.27
C TRP B 673 8.52 -35.28 5.15
N MET B 674 7.54 -34.48 5.54
CA MET B 674 7.77 -33.35 6.42
C MET B 674 7.81 -33.73 7.89
N SER B 675 7.38 -34.95 8.24
CA SER B 675 7.35 -35.39 9.62
C SER B 675 8.65 -36.05 10.06
N GLN B 676 9.62 -36.18 9.17
CA GLN B 676 10.91 -36.78 9.52
C GLN B 676 12.03 -35.76 9.41
N MET C 1 -36.88 12.13 -0.52
CA MET C 1 -37.11 12.25 -1.95
C MET C 1 -37.28 13.72 -2.34
N GLN C 2 -36.22 14.31 -2.87
CA GLN C 2 -36.17 15.74 -3.14
C GLN C 2 -35.85 15.99 -4.60
N LEU C 3 -36.54 16.93 -5.22
CA LEU C 3 -36.37 17.26 -6.63
C LEU C 3 -35.84 18.69 -6.73
N ASN C 4 -34.61 18.83 -7.22
CA ASN C 4 -34.01 20.14 -7.43
C ASN C 4 -33.49 20.21 -8.86
N ASN C 5 -33.91 21.23 -9.60
CA ASN C 5 -33.46 21.46 -10.97
C ASN C 5 -32.16 22.24 -10.94
N ARG C 6 -31.06 21.58 -11.30
CA ARG C 6 -29.74 22.18 -11.26
C ARG C 6 -29.30 22.47 -12.69
N ASP C 7 -29.19 23.74 -13.03
CA ASP C 7 -28.75 24.13 -14.37
C ASP C 7 -27.30 23.73 -14.58
N LEU C 8 -26.99 23.28 -15.80
CA LEU C 8 -25.67 22.75 -16.10
C LEU C 8 -24.59 23.81 -15.95
N LYS C 9 -24.93 25.07 -16.27
CA LYS C 9 -23.97 26.15 -16.11
C LYS C 9 -23.56 26.33 -14.65
N SER C 10 -24.46 26.03 -13.70
CA SER C 10 -24.05 26.05 -12.30
C SER C 10 -23.05 24.94 -11.99
N ILE C 11 -23.25 23.74 -12.56
CA ILE C 11 -22.27 22.67 -12.38
C ILE C 11 -20.91 23.10 -12.89
N ILE C 12 -20.85 23.62 -14.12
CA ILE C 12 -19.56 24.01 -14.67
C ILE C 12 -18.99 25.23 -13.95
N ASP C 13 -19.85 26.05 -13.34
CA ASP C 13 -19.37 27.22 -12.63
C ASP C 13 -18.80 26.88 -11.26
N ASN C 14 -19.30 25.83 -10.61
CA ASN C 14 -18.83 25.50 -9.28
C ASN C 14 -17.96 24.24 -9.24
N GLU C 15 -18.50 23.09 -9.66
CA GLU C 15 -17.77 21.84 -9.46
C GLU C 15 -16.58 21.73 -10.42
N ALA C 16 -16.83 21.99 -11.71
CA ALA C 16 -15.75 21.92 -12.69
C ALA C 16 -14.68 22.97 -12.41
N LEU C 17 -15.07 24.19 -12.06
CA LEU C 17 -14.10 25.22 -11.75
C LEU C 17 -13.29 24.87 -10.52
N ALA C 18 -13.94 24.35 -9.48
CA ALA C 18 -13.22 23.94 -8.28
C ALA C 18 -12.24 22.82 -8.57
N TYR C 19 -12.63 21.83 -9.37
CA TYR C 19 -11.70 20.75 -9.70
C TYR C 19 -10.54 21.26 -10.55
N ALA C 20 -10.82 22.15 -11.51
CA ALA C 20 -9.74 22.70 -12.32
C ALA C 20 -8.74 23.47 -11.49
N MET C 21 -9.23 24.33 -10.57
CA MET C 21 -8.33 25.06 -9.69
C MET C 21 -7.60 24.13 -8.73
N TYR C 22 -8.25 23.06 -8.26
CA TYR C 22 -7.59 22.11 -7.38
C TYR C 22 -6.44 21.40 -8.10
N THR C 23 -6.67 20.99 -9.36
CA THR C 23 -5.59 20.39 -10.12
C THR C 23 -4.48 21.39 -10.42
N VAL C 24 -4.84 22.66 -10.66
CA VAL C 24 -3.84 23.67 -10.97
C VAL C 24 -2.94 23.95 -9.77
N GLU C 25 -3.54 24.11 -8.59
CA GLU C 25 -2.76 24.56 -7.44
C GLU C 25 -2.28 23.43 -6.56
N ASN C 26 -3.14 22.47 -6.20
CA ASN C 26 -2.79 21.46 -5.21
C ASN C 26 -2.41 20.11 -5.82
N ARG C 27 -2.33 19.98 -7.14
CA ARG C 27 -1.96 18.70 -7.74
C ARG C 27 -0.68 18.77 -8.55
N ALA C 28 -0.57 19.68 -9.52
CA ALA C 28 0.47 19.61 -10.54
C ALA C 28 1.52 20.69 -10.39
N ILE C 29 1.13 21.95 -10.38
CA ILE C 29 2.11 23.05 -10.41
C ILE C 29 2.86 23.08 -9.08
N PRO C 30 4.18 23.06 -9.07
CA PRO C 30 4.94 23.06 -7.82
C PRO C 30 5.03 24.46 -7.23
N ASN C 31 5.45 24.51 -5.96
CA ASN C 31 5.63 25.77 -5.26
C ASN C 31 6.95 26.40 -5.66
N MET C 32 6.93 27.72 -5.85
CA MET C 32 8.15 28.42 -6.26
C MET C 32 9.19 28.40 -5.15
N ILE C 33 8.78 28.62 -3.91
CA ILE C 33 9.73 28.63 -2.79
C ILE C 33 10.14 27.21 -2.43
N ASP C 34 9.17 26.39 -2.03
CA ASP C 34 9.48 25.04 -1.57
C ASP C 34 10.06 24.18 -2.68
N GLY C 35 9.39 24.14 -3.83
CA GLY C 35 9.83 23.30 -4.92
C GLY C 35 9.12 21.97 -5.02
N PHE C 36 8.07 21.75 -4.22
CA PHE C 36 7.37 20.48 -4.16
C PHE C 36 5.92 20.65 -4.59
N LYS C 37 5.42 19.70 -5.36
CA LYS C 37 3.99 19.57 -5.55
C LYS C 37 3.37 19.15 -4.23
N PRO C 38 2.08 19.40 -4.03
CA PRO C 38 1.48 19.05 -2.73
C PRO C 38 1.21 17.56 -2.59
N VAL C 39 2.17 16.75 -3.05
CA VAL C 39 2.29 15.36 -2.63
C VAL C 39 3.70 15.03 -2.17
N GLN C 40 4.74 15.71 -2.66
CA GLN C 40 6.10 15.51 -2.23
C GLN C 40 6.38 16.18 -0.89
N ARG C 41 5.69 17.27 -0.58
CA ARG C 41 5.80 17.83 0.76
C ARG C 41 5.15 16.91 1.79
N PHE C 42 4.08 16.21 1.41
CA PHE C 42 3.52 15.19 2.29
C PHE C 42 4.52 14.06 2.53
N VAL C 43 5.16 13.59 1.46
CA VAL C 43 6.11 12.48 1.57
C VAL C 43 7.30 12.89 2.43
N ILE C 44 7.84 14.08 2.19
CA ILE C 44 8.98 14.53 2.97
C ILE C 44 8.60 14.80 4.41
N ALA C 45 7.39 15.34 4.65
CA ALA C 45 6.94 15.53 6.02
C ALA C 45 6.85 14.20 6.76
N ARG C 46 6.28 13.17 6.12
CA ARG C 46 6.19 11.86 6.77
C ARG C 46 7.58 11.25 6.99
N ALA C 47 8.46 11.34 6.00
CA ALA C 47 9.78 10.74 6.13
C ALA C 47 10.62 11.45 7.18
N LEU C 48 10.50 12.78 7.27
CA LEU C 48 11.21 13.54 8.29
C LEU C 48 10.60 13.33 9.67
N ASP C 49 9.31 13.00 9.72
CA ASP C 49 8.70 12.58 10.97
C ASP C 49 9.26 11.22 11.40
N LEU C 50 9.37 10.28 10.47
CA LEU C 50 9.90 8.96 10.78
C LEU C 50 11.35 9.01 11.22
N ALA C 51 12.09 10.05 10.82
CA ALA C 51 13.49 10.18 11.20
C ALA C 51 13.68 10.95 12.50
N ARG C 52 12.64 11.04 13.33
CA ARG C 52 12.76 11.73 14.60
C ARG C 52 13.72 11.00 15.54
N GLY C 53 13.53 9.70 15.70
CA GLY C 53 14.39 8.91 16.56
C GLY C 53 15.75 8.65 15.96
N ASN C 54 15.79 7.91 14.85
CA ASN C 54 17.03 7.59 14.16
C ASN C 54 17.05 8.34 12.83
N LYS C 55 18.08 9.15 12.62
CA LYS C 55 18.18 9.96 11.41
C LYS C 55 18.59 9.12 10.21
N ASP C 56 19.44 8.11 10.43
CA ASP C 56 19.98 7.31 9.34
C ASP C 56 19.18 6.05 9.05
N LYS C 57 18.10 5.81 9.79
CA LYS C 57 17.31 4.60 9.57
C LYS C 57 16.60 4.66 8.22
N PHE C 58 16.64 3.54 7.49
CA PHE C 58 15.94 3.41 6.22
C PHE C 58 14.56 2.82 6.47
N HIS C 59 13.52 3.54 6.06
CA HIS C 59 12.14 3.10 6.26
C HIS C 59 11.55 2.69 4.92
N LYS C 60 10.73 1.65 4.95
CA LYS C 60 10.16 1.11 3.72
C LYS C 60 9.27 2.14 3.05
N LEU C 61 9.25 2.12 1.72
CA LEU C 61 8.44 3.08 0.98
C LEU C 61 6.95 2.90 1.25
N ALA C 62 6.54 1.67 1.60
CA ALA C 62 5.16 1.46 2.02
C ALA C 62 4.88 2.02 3.40
N SER C 63 5.92 2.37 4.16
CA SER C 63 5.78 3.02 5.45
C SER C 63 5.91 4.53 5.37
N ILE C 64 6.69 5.05 4.43
CA ILE C 64 6.77 6.48 4.22
C ILE C 64 5.55 6.99 3.46
N ALA C 65 5.28 6.39 2.29
CA ALA C 65 4.10 6.79 1.54
C ALA C 65 2.82 6.34 2.22
N GLY C 66 2.86 5.20 2.91
CA GLY C 66 1.72 4.78 3.69
C GLY C 66 1.59 5.60 4.97
N GLY C 67 0.35 5.77 5.40
CA GLY C 67 0.08 6.59 6.57
C GLY C 67 0.37 8.06 6.39
N VAL C 68 0.14 8.60 5.19
CA VAL C 68 0.17 10.04 4.98
C VAL C 68 -1.22 10.65 5.00
N ALA C 69 -2.26 9.82 5.16
CA ALA C 69 -3.62 10.34 5.24
C ALA C 69 -3.87 11.08 6.56
N ASP C 70 -3.12 10.74 7.61
CA ASP C 70 -3.23 11.47 8.86
C ASP C 70 -2.57 12.84 8.77
N LEU C 71 -1.71 13.06 7.78
CA LEU C 71 -1.11 14.36 7.52
C LEU C 71 -1.98 15.26 6.66
N GLY C 72 -3.07 14.74 6.11
CA GLY C 72 -3.96 15.51 5.26
C GLY C 72 -4.01 15.09 3.81
N TYR C 73 -3.43 13.95 3.44
CA TYR C 73 -3.46 13.48 2.07
C TYR C 73 -4.83 12.86 1.77
N HIS C 74 -5.56 13.45 0.84
CA HIS C 74 -6.92 13.03 0.53
C HIS C 74 -7.00 12.00 -0.58
N HIS C 75 -5.87 11.56 -1.12
CA HIS C 75 -5.85 10.68 -2.28
C HIS C 75 -5.29 9.32 -1.92
N GLY C 76 -5.23 8.44 -2.91
CA GLY C 76 -4.75 7.09 -2.68
C GLY C 76 -3.26 7.08 -2.39
N GLU C 77 -2.83 6.11 -1.58
CA GLU C 77 -1.44 6.06 -1.17
C GLU C 77 -0.52 5.52 -2.25
N ASN C 78 -1.06 4.90 -3.31
CA ASN C 78 -0.23 4.49 -4.44
C ASN C 78 0.36 5.69 -5.17
N SER C 79 -0.40 6.78 -5.28
CA SER C 79 0.15 7.99 -5.87
C SER C 79 1.30 8.53 -5.03
N ALA C 80 1.16 8.49 -3.71
CA ALA C 80 2.27 8.90 -2.84
C ALA C 80 3.46 7.97 -2.99
N GLN C 81 3.22 6.67 -3.17
CA GLN C 81 4.32 5.73 -3.39
C GLN C 81 5.08 6.08 -4.67
N ASP C 82 4.38 6.22 -5.79
CA ASP C 82 5.01 6.56 -7.05
C ASP C 82 5.60 7.97 -7.07
N ALA C 83 5.14 8.87 -6.20
CA ALA C 83 5.72 10.20 -6.12
C ALA C 83 6.92 10.29 -5.21
N GLY C 84 7.01 9.43 -4.20
CA GLY C 84 8.16 9.41 -3.33
C GLY C 84 9.25 8.49 -3.85
N ALA C 85 8.90 7.59 -4.76
CA ALA C 85 9.89 6.76 -5.42
C ALA C 85 10.65 7.50 -6.51
N LEU C 86 10.02 8.50 -7.13
CA LEU C 86 10.65 9.26 -8.21
C LEU C 86 11.58 10.34 -7.72
N MET C 87 11.54 10.69 -6.43
CA MET C 87 12.34 11.75 -5.87
C MET C 87 13.46 11.27 -4.97
N ALA C 88 13.66 9.96 -4.87
CA ALA C 88 14.71 9.39 -4.03
C ALA C 88 15.91 8.90 -4.82
N ASN C 89 15.82 8.85 -6.14
CA ASN C 89 16.87 8.28 -6.97
C ASN C 89 17.86 9.37 -7.39
N THR C 90 18.76 9.02 -8.32
CA THR C 90 19.72 9.97 -8.85
C THR C 90 19.75 10.02 -10.37
N TRP C 91 19.15 9.06 -11.07
CA TRP C 91 19.13 9.13 -12.53
C TRP C 91 18.31 10.33 -13.01
N ASN C 92 17.23 10.69 -12.29
CA ASN C 92 16.57 11.97 -12.49
C ASN C 92 16.46 12.70 -11.14
N ASN C 93 17.58 13.31 -10.76
CA ASN C 93 17.66 14.23 -9.63
C ASN C 93 19.02 14.93 -9.65
N ASN C 94 19.03 16.26 -9.69
CA ASN C 94 20.29 16.99 -9.55
C ASN C 94 20.63 17.28 -8.10
N PHE C 95 19.70 17.05 -7.20
CA PHE C 95 19.85 17.35 -5.78
C PHE C 95 18.82 16.52 -5.01
N PRO C 96 19.02 15.21 -4.89
CA PRO C 96 17.98 14.35 -4.31
C PRO C 96 17.69 14.73 -2.87
N LEU C 97 16.41 14.80 -2.54
CA LEU C 97 15.95 15.11 -1.19
C LEU C 97 15.52 13.87 -0.42
N LEU C 98 15.71 12.69 -1.01
CA LEU C 98 15.54 11.42 -0.31
C LEU C 98 16.68 10.50 -0.73
N ASP C 99 17.32 9.87 0.24
CA ASP C 99 18.35 8.88 -0.02
C ASP C 99 17.76 7.51 0.26
N GLY C 100 17.81 6.62 -0.72
CA GLY C 100 17.16 5.34 -0.61
C GLY C 100 18.10 4.20 -0.96
N GLN C 101 17.76 3.04 -0.43
CA GLN C 101 18.47 1.80 -0.72
C GLN C 101 17.51 0.82 -1.39
N GLY C 102 17.98 0.17 -2.45
CA GLY C 102 17.19 -0.71 -3.26
C GLY C 102 17.28 -0.32 -4.71
N ASN C 103 16.43 -0.93 -5.53
CA ASN C 103 16.38 -0.64 -6.96
C ASN C 103 15.40 0.51 -7.16
N PHE C 104 15.93 1.73 -7.20
CA PHE C 104 15.13 2.91 -7.46
C PHE C 104 15.10 3.27 -8.94
N GLY C 105 15.72 2.47 -9.80
CA GLY C 105 15.78 2.74 -11.21
C GLY C 105 17.11 3.33 -11.63
N SER C 106 17.39 3.23 -12.93
CA SER C 106 18.58 3.81 -13.52
C SER C 106 18.17 4.47 -14.83
N ARG C 107 19.15 5.02 -15.54
CA ARG C 107 18.85 5.63 -16.83
C ARG C 107 18.44 4.59 -17.86
N THR C 108 18.93 3.35 -17.73
CA THR C 108 18.52 2.29 -18.64
C THR C 108 17.09 1.82 -18.34
N VAL C 109 16.73 1.74 -17.07
CA VAL C 109 15.39 1.35 -16.64
C VAL C 109 14.85 2.47 -15.77
N GLN C 110 14.13 3.41 -16.38
CA GLN C 110 13.62 4.57 -15.66
C GLN C 110 12.30 4.22 -14.95
N LYS C 111 12.36 3.15 -14.15
CA LYS C 111 11.19 2.66 -13.43
C LYS C 111 11.68 2.03 -12.13
N ALA C 112 11.28 2.62 -11.01
CA ALA C 112 11.66 2.08 -9.71
C ALA C 112 10.99 0.75 -9.46
N ALA C 113 11.63 -0.08 -8.63
CA ALA C 113 11.07 -1.37 -8.27
C ALA C 113 9.82 -1.19 -7.41
N ALA C 114 9.15 -2.30 -7.14
CA ALA C 114 7.91 -2.25 -6.38
C ALA C 114 8.18 -1.77 -4.96
N SER C 115 7.18 -1.09 -4.38
CA SER C 115 7.33 -0.48 -3.06
C SER C 115 7.47 -1.51 -1.95
N ARG C 116 7.20 -2.79 -2.22
CA ARG C 116 7.39 -3.81 -1.19
C ARG C 116 8.83 -3.89 -0.74
N TYR C 117 9.77 -3.53 -1.62
CA TYR C 117 11.19 -3.70 -1.34
C TYR C 117 11.88 -2.42 -0.90
N ILE C 118 11.87 -1.39 -1.75
CA ILE C 118 12.84 -0.31 -1.64
C ILE C 118 12.61 0.51 -0.38
N PHE C 119 13.71 0.88 0.28
CA PHE C 119 13.69 1.69 1.49
C PHE C 119 14.17 3.10 1.16
N ALA C 120 13.71 4.07 1.94
CA ALA C 120 14.10 5.47 1.73
C ALA C 120 14.19 6.18 3.08
N ARG C 121 14.92 7.29 3.09
CA ARG C 121 15.00 8.17 4.24
C ARG C 121 15.32 9.56 3.75
N VAL C 122 15.19 10.55 4.64
CA VAL C 122 15.49 11.92 4.27
C VAL C 122 16.99 12.08 4.10
N SER C 123 17.41 12.61 2.95
CA SER C 123 18.82 12.69 2.61
C SER C 123 19.48 13.84 3.36
N LYS C 124 20.82 13.87 3.27
CA LYS C 124 21.58 14.94 3.92
C LYS C 124 21.50 16.25 3.15
N ASN C 125 21.12 16.20 1.87
CA ASN C 125 20.89 17.44 1.12
C ASN C 125 19.73 18.24 1.71
N PHE C 126 18.65 17.56 2.09
CA PHE C 126 17.53 18.24 2.73
C PHE C 126 17.96 18.94 4.01
N TYR C 127 18.75 18.26 4.85
CA TYR C 127 19.26 18.88 6.06
C TYR C 127 20.29 19.96 5.77
N ASN C 128 20.90 19.94 4.59
CA ASN C 128 21.90 20.93 4.22
C ASN C 128 21.30 22.21 3.67
N VAL C 129 20.14 22.15 3.00
CA VAL C 129 19.58 23.35 2.39
C VAL C 129 18.21 23.73 2.94
N TYR C 130 17.48 22.84 3.60
CA TYR C 130 16.14 23.16 4.10
C TYR C 130 16.26 23.55 5.56
N LYS C 131 16.35 24.85 5.80
CA LYS C 131 16.46 25.42 7.15
C LYS C 131 15.13 26.05 7.56
N ASP C 132 15.04 26.41 8.84
CA ASP C 132 13.87 27.09 9.40
C ASP C 132 12.60 26.30 9.15
N THR C 133 12.69 24.97 9.28
CA THR C 133 11.53 24.12 9.06
C THR C 133 10.44 24.34 10.11
N GLU C 134 10.79 24.94 11.26
CA GLU C 134 9.82 25.26 12.28
C GLU C 134 9.27 26.67 12.16
N TYR C 135 9.77 27.45 11.20
CA TYR C 135 9.27 28.79 10.93
C TYR C 135 8.49 28.85 9.62
N ALA C 136 8.24 27.71 8.99
CA ALA C 136 7.54 27.68 7.72
C ALA C 136 6.08 28.13 7.90
N PRO C 137 5.48 28.69 6.85
CA PRO C 137 4.09 29.16 6.97
C PRO C 137 3.13 28.03 7.29
N VAL C 138 2.11 28.34 8.08
CA VAL C 138 1.11 27.37 8.50
C VAL C 138 -0.06 27.42 7.51
N HIS C 139 -0.48 26.24 7.05
CA HIS C 139 -1.56 26.16 6.08
C HIS C 139 -2.89 26.54 6.70
N GLN C 140 -3.83 26.96 5.84
CA GLN C 140 -5.15 27.36 6.33
C GLN C 140 -5.89 26.18 6.94
N ASP C 141 -5.84 25.02 6.30
CA ASP C 141 -6.60 23.87 6.78
C ASP C 141 -5.96 23.28 8.04
N LYS C 142 -6.80 22.83 8.96
CA LYS C 142 -6.31 22.19 10.17
C LYS C 142 -5.78 20.79 9.89
N GLU C 143 -6.33 20.12 8.88
CA GLU C 143 -5.90 18.76 8.57
C GLU C 143 -4.56 18.71 7.84
N HIS C 144 -4.13 19.83 7.26
CA HIS C 144 -2.82 19.88 6.58
C HIS C 144 -1.74 19.97 7.65
N ILE C 145 -1.30 18.81 8.14
CA ILE C 145 -0.25 18.78 9.15
C ILE C 145 1.05 19.40 8.65
N PRO C 146 1.54 19.11 7.45
CA PRO C 146 2.74 19.80 6.96
C PRO C 146 2.47 21.28 6.79
N PRO C 147 3.52 22.10 6.86
CA PRO C 147 3.32 23.55 6.69
C PRO C 147 2.89 23.91 5.28
N ALA C 148 2.63 25.20 5.04
CA ALA C 148 2.20 25.63 3.71
C ALA C 148 3.29 25.33 2.68
N PHE C 149 4.54 25.61 3.02
CA PHE C 149 5.68 25.25 2.17
C PHE C 149 6.94 25.42 3.00
N TYR C 150 7.89 24.50 2.81
CA TYR C 150 9.15 24.56 3.53
C TYR C 150 9.95 25.78 3.09
N LEU C 151 11.10 26.00 3.73
CA LEU C 151 11.89 27.20 3.53
C LEU C 151 13.34 26.83 3.19
N PRO C 152 13.60 26.44 1.94
CA PRO C 152 14.97 26.15 1.54
C PRO C 152 15.80 27.42 1.42
N ILE C 153 17.11 27.21 1.25
CA ILE C 153 18.05 28.32 1.09
C ILE C 153 18.17 28.73 -0.37
N ILE C 154 18.29 27.76 -1.27
CA ILE C 154 18.35 28.01 -2.70
C ILE C 154 17.07 27.45 -3.32
N PRO C 155 16.61 27.96 -4.48
CA PRO C 155 15.36 27.44 -5.05
C PRO C 155 15.52 26.02 -5.57
N THR C 156 14.95 25.06 -4.84
CA THR C 156 15.03 23.66 -5.23
C THR C 156 14.23 23.37 -6.48
N VAL C 157 13.25 24.23 -6.81
CA VAL C 157 12.39 23.97 -7.96
C VAL C 157 13.20 23.91 -9.25
N LEU C 158 14.31 24.65 -9.32
CA LEU C 158 15.16 24.64 -10.51
C LEU C 158 16.17 23.50 -10.53
N LEU C 159 16.36 22.80 -9.41
CA LEU C 159 17.43 21.81 -9.33
C LEU C 159 17.02 20.48 -9.93
N ASN C 160 16.00 19.83 -9.36
CA ASN C 160 15.65 18.48 -9.78
C ASN C 160 14.95 18.45 -11.14
N GLY C 161 14.26 19.52 -11.52
CA GLY C 161 13.53 19.55 -12.76
C GLY C 161 12.14 18.98 -12.59
N VAL C 162 11.11 19.73 -13.02
CA VAL C 162 9.73 19.34 -12.78
C VAL C 162 8.95 19.39 -14.07
N SER C 163 7.87 18.62 -14.10
CA SER C 163 6.96 18.57 -15.25
C SER C 163 5.59 18.17 -14.74
N GLY C 164 4.63 19.09 -14.80
CA GLY C 164 3.30 18.85 -14.28
C GLY C 164 2.24 19.30 -15.24
N ILE C 165 1.11 18.60 -15.20
CA ILE C 165 -0.01 18.86 -16.10
C ILE C 165 -1.26 19.06 -15.26
N ALA C 166 -2.01 20.12 -15.56
CA ALA C 166 -3.27 20.41 -14.89
C ALA C 166 -4.23 21.00 -15.92
N THR C 167 -5.51 21.02 -15.57
CA THR C 167 -6.52 21.57 -16.47
C THR C 167 -6.28 23.06 -16.66
N GLY C 168 -6.04 23.46 -17.90
CA GLY C 168 -5.76 24.86 -18.21
C GLY C 168 -4.31 25.27 -18.28
N TYR C 169 -3.51 24.85 -17.29
CA TYR C 169 -2.12 25.25 -17.20
C TYR C 169 -1.23 24.03 -16.98
N ALA C 170 -0.02 24.10 -17.52
CA ALA C 170 0.98 23.06 -17.36
C ALA C 170 2.34 23.71 -17.15
N THR C 171 3.22 23.00 -16.45
CA THR C 171 4.56 23.51 -16.13
C THR C 171 5.62 22.52 -16.55
N TYR C 172 6.79 23.06 -16.92
CA TYR C 172 7.94 22.25 -17.30
C TYR C 172 9.19 23.07 -17.07
N ILE C 173 9.99 22.69 -16.08
CA ILE C 173 11.23 23.38 -15.75
C ILE C 173 12.37 22.36 -15.81
N LEU C 174 13.42 22.70 -16.57
CA LEU C 174 14.56 21.83 -16.75
C LEU C 174 15.47 21.87 -15.51
N PRO C 175 16.23 20.80 -15.26
CA PRO C 175 17.15 20.81 -14.12
C PRO C 175 18.26 21.82 -14.30
N HIS C 176 18.69 22.41 -13.20
CA HIS C 176 19.80 23.36 -13.17
C HIS C 176 20.83 22.92 -12.15
N SER C 177 22.10 23.16 -12.46
CA SER C 177 23.19 22.73 -11.59
C SER C 177 23.17 23.49 -10.28
N VAL C 178 23.58 22.81 -9.21
CA VAL C 178 23.53 23.40 -7.88
C VAL C 178 24.57 24.51 -7.75
N SER C 179 25.77 24.31 -8.31
CA SER C 179 26.83 25.29 -8.16
C SER C 179 26.55 26.59 -8.89
N SER C 180 25.63 26.58 -9.86
CA SER C 180 25.24 27.80 -10.54
C SER C 180 24.04 28.48 -9.90
N VAL C 181 23.07 27.70 -9.42
CA VAL C 181 21.95 28.27 -8.67
C VAL C 181 22.45 28.93 -7.39
N LYS C 182 23.41 28.29 -6.72
CA LYS C 182 24.00 28.89 -5.53
C LYS C 182 24.69 30.21 -5.84
N LYS C 183 25.44 30.25 -6.94
CA LYS C 183 26.09 31.50 -7.34
C LYS C 183 25.06 32.58 -7.67
N ALA C 184 23.99 32.21 -8.35
CA ALA C 184 22.95 33.20 -8.66
C ALA C 184 22.30 33.74 -7.39
N VAL C 185 22.02 32.85 -6.42
CA VAL C 185 21.42 33.31 -5.17
C VAL C 185 22.38 34.21 -4.41
N LEU C 186 23.67 33.86 -4.38
CA LEU C 186 24.64 34.70 -3.69
C LEU C 186 24.77 36.06 -4.36
N GLN C 187 24.74 36.11 -5.69
CA GLN C 187 24.80 37.38 -6.38
C GLN C 187 23.55 38.21 -6.13
N ALA C 188 22.38 37.58 -6.10
CA ALA C 188 21.14 38.29 -5.82
C ALA C 188 21.09 38.81 -4.39
N LEU C 189 21.73 38.10 -3.45
CA LEU C 189 21.69 38.51 -2.05
C LEU C 189 22.33 39.88 -1.84
N GLN C 190 23.57 40.05 -2.32
CA GLN C 190 24.26 41.32 -2.14
C GLN C 190 23.67 42.41 -3.03
N GLY C 191 23.19 42.05 -4.21
CA GLY C 191 22.70 43.00 -5.18
C GLY C 191 23.73 43.25 -6.25
N LYS C 192 23.57 42.56 -7.38
CA LYS C 192 24.57 42.57 -8.45
C LYS C 192 23.92 42.02 -9.71
N LYS C 193 24.73 41.75 -10.73
CA LYS C 193 24.25 41.11 -11.94
C LYS C 193 24.07 39.63 -11.67
N VAL C 194 22.83 39.15 -11.71
CA VAL C 194 22.53 37.75 -11.42
C VAL C 194 22.91 36.92 -12.64
N THR C 195 23.99 36.16 -12.52
CA THR C 195 24.40 35.26 -13.60
C THR C 195 23.40 34.11 -13.71
N LYS C 196 22.93 33.85 -14.92
CA LYS C 196 21.91 32.84 -15.12
C LYS C 196 22.48 31.45 -14.80
N PRO C 197 21.68 30.57 -14.21
CA PRO C 197 22.16 29.21 -13.93
C PRO C 197 22.32 28.42 -15.22
N LYS C 198 23.23 27.45 -15.17
CA LYS C 198 23.52 26.59 -16.31
C LYS C 198 22.72 25.30 -16.18
N VAL C 199 22.02 24.92 -17.24
CA VAL C 199 21.21 23.71 -17.20
C VAL C 199 22.13 22.50 -17.26
N GLU C 200 21.96 21.59 -16.29
CA GLU C 200 22.77 20.39 -16.20
C GLU C 200 21.87 19.20 -15.89
N PHE C 201 22.09 18.10 -16.58
CA PHE C 201 21.23 16.95 -16.34
C PHE C 201 21.94 15.91 -15.49
N PRO C 202 21.21 15.21 -14.64
CA PRO C 202 21.84 14.22 -13.75
C PRO C 202 22.30 13.00 -14.53
N GLU C 203 23.52 12.55 -14.22
CA GLU C 203 24.08 11.32 -14.80
C GLU C 203 24.09 11.37 -16.33
N PHE C 204 24.35 12.56 -16.87
CA PHE C 204 24.28 12.80 -18.30
C PHE C 204 25.60 13.36 -18.79
N ARG C 205 26.17 12.75 -19.82
CA ARG C 205 27.43 13.18 -20.42
C ARG C 205 27.16 13.55 -21.88
N GLY C 206 26.73 14.78 -22.10
CA GLY C 206 26.46 15.26 -23.44
C GLY C 206 26.81 16.72 -23.60
N GLU C 207 25.90 17.51 -24.16
CA GLU C 207 26.10 18.94 -24.31
C GLU C 207 24.74 19.61 -24.39
N VAL C 208 24.35 20.31 -23.32
CA VAL C 208 23.09 21.02 -23.26
C VAL C 208 23.34 22.45 -23.72
N VAL C 209 22.95 22.77 -24.95
CA VAL C 209 23.16 24.09 -25.52
C VAL C 209 21.81 24.77 -25.69
N GLU C 210 21.79 26.07 -25.40
CA GLU C 210 20.60 26.89 -25.53
C GLU C 210 20.86 27.97 -26.57
N ILE C 211 19.95 28.12 -27.52
CA ILE C 211 20.07 29.14 -28.55
C ILE C 211 19.18 30.33 -28.20
N ASP C 212 17.87 30.11 -28.14
CA ASP C 212 16.95 31.15 -27.68
C ASP C 212 15.74 30.44 -27.05
N GLY C 213 15.78 30.30 -25.73
CA GLY C 213 14.72 29.57 -25.04
C GLY C 213 14.76 28.08 -25.23
N GLN C 214 14.89 27.63 -26.48
CA GLN C 214 15.00 26.21 -26.78
C GLN C 214 16.31 25.64 -26.25
N TYR C 215 16.27 24.36 -25.89
CA TYR C 215 17.45 23.64 -25.47
C TYR C 215 17.69 22.47 -26.41
N GLU C 216 18.96 22.13 -26.60
CA GLU C 216 19.40 21.21 -27.64
C GLU C 216 20.22 20.08 -27.05
N ILE C 217 19.66 19.42 -26.03
CA ILE C 217 20.28 18.27 -25.40
C ILE C 217 20.74 17.29 -26.45
N ARG C 218 22.04 16.98 -26.47
CA ARG C 218 22.68 16.24 -27.54
C ARG C 218 23.18 14.90 -27.02
N GLY C 219 23.76 14.13 -27.94
CA GLY C 219 24.39 12.87 -27.59
C GLY C 219 25.82 12.82 -28.05
N THR C 220 26.38 11.63 -28.21
CA THR C 220 27.75 11.49 -28.67
C THR C 220 27.90 10.19 -29.44
N TYR C 221 28.63 10.25 -30.54
CA TYR C 221 28.94 9.08 -31.35
C TYR C 221 30.41 9.14 -31.75
N LYS C 222 30.96 7.97 -32.06
CA LYS C 222 32.39 7.88 -32.38
C LYS C 222 32.60 6.77 -33.40
N PHE C 223 33.04 7.14 -34.60
CA PHE C 223 33.35 6.16 -35.63
C PHE C 223 34.58 5.37 -35.23
N THR C 224 34.41 4.05 -35.04
CA THR C 224 35.53 3.23 -34.59
C THR C 224 36.64 3.20 -35.63
N SER C 225 36.40 2.57 -36.78
CA SER C 225 37.38 2.59 -37.86
C SER C 225 36.85 3.24 -39.13
N ARG C 226 35.83 2.66 -39.77
CA ARG C 226 35.23 3.29 -40.95
C ARG C 226 33.71 3.18 -41.01
N THR C 227 33.10 2.18 -40.40
CA THR C 227 31.66 1.98 -40.51
C THR C 227 31.06 1.70 -39.14
N GLN C 228 31.88 1.18 -38.23
CA GLN C 228 31.43 0.91 -36.88
C GLN C 228 31.44 2.19 -36.06
N MET C 229 30.37 2.44 -35.32
CA MET C 229 30.23 3.60 -34.48
C MET C 229 29.84 3.17 -33.08
N HIS C 230 30.18 4.00 -32.11
CA HIS C 230 29.93 3.74 -30.69
C HIS C 230 29.12 4.90 -30.15
N ILE C 231 27.81 4.70 -29.99
CA ILE C 231 26.96 5.72 -29.39
C ILE C 231 27.25 5.72 -27.89
N THR C 232 28.08 6.68 -27.45
CA THR C 232 28.49 6.71 -26.05
C THR C 232 27.46 7.36 -25.14
N GLU C 233 26.50 8.09 -25.69
CA GLU C 233 25.47 8.73 -24.88
C GLU C 233 24.30 9.11 -25.75
N ILE C 234 23.10 8.70 -25.34
CA ILE C 234 21.85 9.06 -25.99
C ILE C 234 21.27 10.27 -25.25
N PRO C 235 20.35 11.04 -25.85
CA PRO C 235 19.74 12.15 -25.12
C PRO C 235 19.07 11.68 -23.83
N TYR C 236 18.78 12.65 -22.97
CA TYR C 236 18.26 12.35 -21.64
C TYR C 236 16.82 11.87 -21.68
N LYS C 237 16.13 12.01 -22.81
CA LYS C 237 14.72 11.65 -22.89
C LYS C 237 14.52 10.14 -22.86
N TYR C 238 15.53 9.37 -23.26
CA TYR C 238 15.33 8.01 -23.71
C TYR C 238 15.65 6.99 -22.62
N ASP C 239 14.80 5.96 -22.53
CA ASP C 239 15.08 4.78 -21.72
C ASP C 239 15.98 3.86 -22.53
N ARG C 240 16.17 2.62 -22.06
CA ARG C 240 16.74 1.60 -22.91
C ARG C 240 15.69 0.83 -23.68
N GLU C 241 14.51 0.62 -23.08
CA GLU C 241 13.43 -0.03 -23.79
C GLU C 241 12.93 0.83 -24.96
N THR C 242 12.65 2.10 -24.70
CA THR C 242 12.23 2.99 -25.78
C THR C 242 13.43 3.74 -26.39
N TYR C 243 14.49 3.00 -26.65
CA TYR C 243 15.51 3.38 -27.62
C TYR C 243 15.97 2.23 -28.49
N VAL C 244 15.86 0.98 -28.01
CA VAL C 244 16.07 -0.17 -28.87
C VAL C 244 14.91 -0.32 -29.83
N SER C 245 13.68 -0.19 -29.33
CA SER C 245 12.48 -0.40 -30.12
C SER C 245 12.03 0.83 -30.89
N LYS C 246 12.56 2.02 -30.57
CA LYS C 246 12.10 3.25 -31.20
C LYS C 246 13.01 3.73 -32.32
N ILE C 247 14.33 3.61 -32.16
CA ILE C 247 15.25 4.10 -33.17
C ILE C 247 16.18 2.99 -33.63
N LEU C 248 16.44 2.01 -32.76
CA LEU C 248 17.38 0.95 -33.10
C LEU C 248 16.70 -0.25 -33.74
N ASP C 249 15.47 -0.55 -33.35
CA ASP C 249 14.74 -1.62 -34.03
C ASP C 249 14.26 -1.14 -35.41
N PRO C 250 13.60 0.04 -35.52
CA PRO C 250 13.25 0.51 -36.87
C PRO C 250 14.43 1.14 -37.59
N LEU C 251 15.61 0.54 -37.41
CA LEU C 251 16.75 0.79 -38.27
C LEU C 251 17.52 -0.48 -38.58
N GLU C 252 17.12 -1.62 -38.02
CA GLU C 252 17.73 -2.91 -38.27
C GLU C 252 16.87 -3.80 -39.14
N ASN C 253 15.57 -3.91 -38.85
CA ASN C 253 14.68 -4.65 -39.73
C ASN C 253 14.20 -3.75 -40.85
N LYS C 254 15.13 -2.99 -41.43
CA LYS C 254 14.87 -2.20 -42.63
C LYS C 254 16.00 -2.31 -43.65
N GLY C 255 17.16 -2.84 -43.27
CA GLY C 255 18.29 -2.96 -44.16
C GLY C 255 19.24 -1.78 -44.05
N PHE C 256 19.41 -1.25 -42.85
CA PHE C 256 20.31 -0.12 -42.65
C PHE C 256 21.48 -0.44 -41.71
N ILE C 257 21.20 -0.95 -40.51
CA ILE C 257 22.22 -1.11 -39.48
C ILE C 257 22.13 -2.51 -38.89
N THR C 258 23.21 -2.89 -38.19
CA THR C 258 23.25 -4.07 -37.33
C THR C 258 23.88 -3.59 -36.02
N TRP C 259 23.13 -3.67 -34.94
CA TRP C 259 23.58 -3.09 -33.69
C TRP C 259 23.81 -4.16 -32.63
N ASP C 260 24.68 -3.84 -31.68
CA ASP C 260 24.94 -4.69 -30.53
C ASP C 260 24.88 -3.82 -29.28
N ASP C 261 24.99 -4.45 -28.12
CA ASP C 261 24.85 -3.77 -26.85
C ASP C 261 26.19 -3.73 -26.13
N ALA C 262 26.60 -2.54 -25.72
CA ALA C 262 27.76 -2.33 -24.87
C ALA C 262 27.45 -1.28 -23.81
N CYS C 263 26.22 -1.31 -23.30
CA CYS C 263 25.76 -0.31 -22.34
C CYS C 263 26.37 -0.55 -20.97
N GLY C 264 27.68 -0.35 -20.85
CA GLY C 264 28.37 -0.60 -19.61
C GLY C 264 27.93 0.30 -18.47
N GLU C 265 28.60 0.18 -17.32
CA GLU C 265 28.21 0.96 -16.15
C GLU C 265 28.41 2.46 -16.34
N HIS C 266 29.17 2.87 -17.36
CA HIS C 266 29.31 4.28 -17.66
C HIS C 266 27.98 4.87 -18.13
N GLY C 267 27.25 4.15 -18.96
CA GLY C 267 26.00 4.65 -19.50
C GLY C 267 25.48 3.80 -20.65
N PHE C 268 25.08 4.46 -21.74
CA PHE C 268 24.54 3.77 -22.90
C PHE C 268 25.64 3.55 -23.93
N GLY C 269 25.66 2.35 -24.49
CA GLY C 269 26.78 1.91 -25.33
C GLY C 269 26.41 1.19 -26.60
N PHE C 270 25.33 1.60 -27.27
CA PHE C 270 24.82 0.81 -28.39
C PHE C 270 25.74 0.89 -29.61
N LYS C 271 26.72 -0.01 -29.67
CA LYS C 271 27.60 -0.11 -30.81
C LYS C 271 26.80 -0.51 -32.06
N VAL C 272 27.04 0.19 -33.17
CA VAL C 272 26.25 0.04 -34.38
C VAL C 272 27.18 -0.02 -35.59
N LYS C 273 27.01 -1.03 -36.43
CA LYS C 273 27.74 -1.12 -37.68
C LYS C 273 26.77 -1.05 -38.85
N PHE C 274 27.03 -0.15 -39.80
CA PHE C 274 26.16 0.03 -40.95
C PHE C 274 26.49 -1.00 -42.03
N ARG C 275 25.45 -1.50 -42.69
CA ARG C 275 25.64 -2.40 -43.81
C ARG C 275 25.79 -1.59 -45.10
N LYS C 276 25.76 -2.27 -46.24
CA LYS C 276 26.00 -1.58 -47.52
C LYS C 276 24.89 -0.60 -47.86
N GLU C 277 23.65 -0.91 -47.50
CA GLU C 277 22.50 -0.08 -47.86
C GLU C 277 22.42 1.10 -46.91
N TYR C 278 23.23 2.13 -47.18
CA TYR C 278 23.17 3.36 -46.42
C TYR C 278 23.59 4.52 -47.32
N SER C 279 23.16 5.73 -46.96
CA SER C 279 23.40 6.91 -47.75
C SER C 279 24.45 7.84 -47.13
N LEU C 280 25.29 7.31 -46.24
CA LEU C 280 26.35 8.13 -45.66
C LEU C 280 27.40 8.46 -46.70
N SER C 281 27.94 9.66 -46.63
CA SER C 281 28.90 10.16 -47.61
C SER C 281 30.16 10.63 -46.92
N ASP C 282 31.15 11.01 -47.74
CA ASP C 282 32.43 11.46 -47.20
C ASP C 282 32.35 12.86 -46.59
N ASN C 283 31.33 13.64 -46.92
CA ASN C 283 31.19 14.97 -46.34
C ASN C 283 30.88 14.87 -44.85
N GLU C 284 31.69 15.57 -44.04
CA GLU C 284 31.53 15.45 -42.59
C GLU C 284 30.24 16.08 -42.11
N GLU C 285 29.87 17.23 -42.69
CA GLU C 285 28.68 17.94 -42.23
C GLU C 285 27.41 17.15 -42.50
N GLU C 286 27.26 16.65 -43.73
CA GLU C 286 26.07 15.87 -44.08
C GLU C 286 26.02 14.58 -43.29
N ARG C 287 27.17 13.92 -43.11
CA ARG C 287 27.20 12.70 -42.31
C ARG C 287 26.78 12.97 -40.88
N HIS C 288 27.29 14.06 -40.29
CA HIS C 288 26.93 14.40 -38.92
C HIS C 288 25.45 14.69 -38.79
N ALA C 289 24.91 15.46 -39.74
CA ALA C 289 23.49 15.80 -39.68
C ALA C 289 22.62 14.55 -39.82
N LYS C 290 22.96 13.68 -40.77
CA LYS C 290 22.16 12.47 -40.96
C LYS C 290 22.27 11.54 -39.75
N ILE C 291 23.45 11.42 -39.16
CA ILE C 291 23.63 10.54 -38.02
C ILE C 291 22.83 11.07 -36.82
N MET C 292 22.92 12.37 -36.56
CA MET C 292 22.22 12.93 -35.42
C MET C 292 20.72 13.08 -35.66
N LYS C 293 20.25 12.99 -36.90
CA LYS C 293 18.82 13.00 -37.17
C LYS C 293 18.22 11.61 -37.13
N ASP C 294 18.81 10.66 -37.86
CA ASP C 294 18.25 9.31 -37.94
C ASP C 294 18.29 8.61 -36.58
N PHE C 295 19.40 8.75 -35.86
CA PHE C 295 19.57 8.05 -34.59
C PHE C 295 18.95 8.79 -33.41
N GLY C 296 18.34 9.94 -33.63
CA GLY C 296 17.69 10.66 -32.54
C GLY C 296 18.63 11.10 -31.44
N LEU C 297 19.80 11.62 -31.81
CA LEU C 297 20.78 12.07 -30.83
C LEU C 297 20.56 13.52 -30.41
N ILE C 298 19.54 14.19 -30.94
CA ILE C 298 19.21 15.55 -30.58
C ILE C 298 17.76 15.57 -30.11
N GLU C 299 17.55 16.06 -28.88
CA GLU C 299 16.23 16.32 -28.36
C GLU C 299 16.10 17.81 -28.04
N ARG C 300 14.89 18.33 -28.19
CA ARG C 300 14.62 19.75 -28.00
C ARG C 300 13.65 19.93 -26.85
N ARG C 301 14.00 20.83 -25.92
CA ARG C 301 13.17 21.12 -24.76
C ARG C 301 13.09 22.63 -24.56
N SER C 302 11.91 23.12 -24.22
CA SER C 302 11.69 24.52 -23.92
C SER C 302 10.97 24.62 -22.59
N GLN C 303 11.51 25.41 -21.66
CA GLN C 303 10.92 25.52 -20.35
C GLN C 303 9.61 26.30 -20.41
N ASN C 304 8.68 25.91 -19.52
CA ASN C 304 7.44 26.65 -19.28
C ASN C 304 7.38 26.84 -17.78
N ILE C 305 7.94 27.96 -17.31
CA ILE C 305 8.16 28.14 -15.87
C ILE C 305 6.88 28.67 -15.23
N THR C 306 6.01 27.74 -14.85
CA THR C 306 4.78 28.06 -14.15
C THR C 306 4.88 27.49 -12.75
N VAL C 307 4.74 28.36 -11.73
CA VAL C 307 4.91 27.96 -10.34
C VAL C 307 3.88 28.66 -9.48
N ILE C 308 3.57 28.04 -8.35
CA ILE C 308 2.68 28.64 -7.36
C ILE C 308 3.54 29.44 -6.39
N ASN C 309 3.33 30.75 -6.36
CA ASN C 309 4.19 31.64 -5.59
C ASN C 309 3.84 31.56 -4.11
N GLU C 310 4.42 32.46 -3.32
CA GLU C 310 4.22 32.43 -1.87
C GLU C 310 2.80 32.81 -1.48
N LYS C 311 2.05 33.43 -2.38
CA LYS C 311 0.67 33.82 -2.10
C LYS C 311 -0.34 32.73 -2.43
N GLY C 312 0.11 31.60 -2.95
CA GLY C 312 -0.78 30.53 -3.34
C GLY C 312 -1.40 30.68 -4.72
N LYS C 313 -0.99 31.67 -5.49
CA LYS C 313 -1.54 31.93 -6.81
C LYS C 313 -0.55 31.55 -7.90
N LEU C 314 -1.07 31.10 -9.02
CA LEU C 314 -0.24 30.71 -10.15
C LEU C 314 0.52 31.92 -10.71
N GLN C 315 1.72 31.66 -11.22
CA GLN C 315 2.55 32.71 -11.79
C GLN C 315 3.47 32.11 -12.84
N VAL C 316 3.62 32.82 -13.95
CA VAL C 316 4.44 32.38 -15.07
C VAL C 316 5.62 33.32 -15.21
N TYR C 317 6.82 32.77 -15.27
CA TYR C 317 8.06 33.52 -15.37
C TYR C 317 8.68 33.35 -16.75
N ASP C 318 9.37 34.40 -17.21
CA ASP C 318 10.00 34.37 -18.52
C ASP C 318 11.35 33.66 -18.48
N ASN C 319 12.10 33.79 -17.39
CA ASN C 319 13.40 33.15 -17.27
C ASN C 319 13.65 32.82 -15.81
N VAL C 320 14.58 31.88 -15.59
CA VAL C 320 14.89 31.44 -14.23
C VAL C 320 15.54 32.54 -13.41
N VAL C 321 16.17 33.52 -14.05
CA VAL C 321 16.81 34.62 -13.32
C VAL C 321 15.76 35.39 -12.53
N ASP C 322 14.61 35.65 -13.14
CA ASP C 322 13.52 36.31 -12.42
C ASP C 322 13.05 35.47 -11.25
N LEU C 323 12.97 34.15 -11.43
CA LEU C 323 12.57 33.27 -10.35
C LEU C 323 13.54 33.36 -9.17
N ILE C 324 14.85 33.35 -9.45
CA ILE C 324 15.82 33.45 -8.38
C ILE C 324 15.74 34.81 -7.70
N LYS C 325 15.60 35.87 -8.49
CA LYS C 325 15.55 37.22 -7.93
C LYS C 325 14.33 37.39 -7.02
N ASP C 326 13.18 36.83 -7.41
CA ASP C 326 12.01 36.92 -6.55
C ASP C 326 12.10 36.00 -5.34
N PHE C 327 12.65 34.80 -5.52
CA PHE C 327 12.77 33.86 -4.40
C PHE C 327 13.71 34.39 -3.33
N VAL C 328 14.80 35.06 -3.74
CA VAL C 328 15.72 35.63 -2.77
C VAL C 328 15.02 36.68 -1.91
N GLU C 329 14.23 37.54 -2.56
CA GLU C 329 13.50 38.57 -1.80
C GLU C 329 12.45 37.95 -0.89
N VAL C 330 11.81 36.85 -1.32
CA VAL C 330 10.83 36.21 -0.45
C VAL C 330 11.51 35.54 0.74
N ARG C 331 12.67 34.91 0.53
CA ARG C 331 13.36 34.26 1.64
C ARG C 331 14.05 35.26 2.57
N LYS C 332 14.36 36.46 2.08
CA LYS C 332 14.99 37.47 2.93
C LYS C 332 14.03 38.04 3.97
N THR C 333 12.72 37.91 3.76
CA THR C 333 11.75 38.31 4.76
C THR C 333 11.41 37.19 5.73
N TYR C 334 11.86 35.96 5.45
CA TYR C 334 11.74 34.86 6.39
C TYR C 334 13.00 34.68 7.22
N VAL C 335 14.17 35.04 6.67
CA VAL C 335 15.37 35.13 7.50
C VAL C 335 15.18 36.19 8.59
N GLN C 336 14.52 37.30 8.26
CA GLN C 336 14.22 38.32 9.26
C GLN C 336 13.26 37.79 10.32
N LYS C 337 12.27 36.99 9.89
CA LYS C 337 11.38 36.36 10.85
C LYS C 337 12.13 35.41 11.76
N ARG C 338 13.10 34.67 11.20
CA ARG C 338 13.97 33.84 12.03
C ARG C 338 14.72 34.68 13.05
N ILE C 339 15.24 35.83 12.63
CA ILE C 339 15.98 36.70 13.55
C ILE C 339 15.07 37.15 14.69
N ASP C 340 13.87 37.62 14.36
CA ASP C 340 12.94 38.10 15.39
C ASP C 340 12.55 36.97 16.34
N ASN C 341 12.23 35.80 15.79
CA ASN C 341 11.83 34.68 16.62
C ASN C 341 12.96 34.23 17.53
N LYS C 342 14.19 34.20 17.01
CA LYS C 342 15.33 33.82 17.83
C LYS C 342 15.58 34.84 18.94
N ILE C 343 15.43 36.13 18.63
CA ILE C 343 15.60 37.15 19.67
C ILE C 343 14.60 36.93 20.79
N LYS C 344 13.32 36.78 20.44
CA LYS C 344 12.29 36.60 21.45
C LYS C 344 12.50 35.32 22.25
N GLU C 345 12.82 34.22 21.56
CA GLU C 345 13.02 32.95 22.25
C GLU C 345 14.21 32.98 23.19
N THR C 346 15.32 33.60 22.76
CA THR C 346 16.49 33.68 23.62
C THR C 346 16.24 34.57 24.82
N GLU C 347 15.51 35.67 24.64
CA GLU C 347 15.16 36.50 25.78
C GLU C 347 14.31 35.73 26.79
N SER C 348 13.28 35.03 26.29
CA SER C 348 12.42 34.23 27.16
C SER C 348 13.16 33.09 27.84
N ALA C 349 14.15 32.49 27.18
CA ALA C 349 14.95 31.44 27.78
C ALA C 349 15.91 31.98 28.83
N PHE C 350 16.55 33.12 28.57
CA PHE C 350 17.45 33.68 29.57
C PHE C 350 16.70 34.13 30.81
N ARG C 351 15.49 34.66 30.64
CA ARG C 351 14.72 35.06 31.82
C ARG C 351 14.42 33.86 32.71
N LEU C 352 14.01 32.74 32.11
CA LEU C 352 13.78 31.52 32.87
C LEU C 352 15.06 31.02 33.53
N ALA C 353 16.18 31.06 32.80
CA ALA C 353 17.45 30.58 33.36
C ALA C 353 17.89 31.44 34.53
N PHE C 354 17.73 32.77 34.42
CA PHE C 354 18.10 33.66 35.50
C PHE C 354 17.19 33.47 36.70
N ALA C 355 15.90 33.24 36.47
CA ALA C 355 14.99 32.94 37.57
C ALA C 355 15.40 31.64 38.28
N LYS C 356 15.78 30.63 37.50
CA LYS C 356 16.23 29.37 38.10
C LYS C 356 17.50 29.56 38.93
N ALA C 357 18.45 30.32 38.39
CA ALA C 357 19.68 30.60 39.13
C ALA C 357 19.39 31.37 40.41
N HIS C 358 18.47 32.34 40.34
CA HIS C 358 18.10 33.09 41.52
C HIS C 358 17.47 32.19 42.58
N PHE C 359 16.59 31.27 42.15
CA PHE C 359 15.95 30.37 43.10
C PHE C 359 16.97 29.45 43.77
N ILE C 360 17.89 28.90 42.98
CA ILE C 360 18.95 28.07 43.57
C ILE C 360 19.85 28.85 44.52
N LYS C 361 20.22 30.09 44.16
CA LYS C 361 21.11 30.89 44.97
C LYS C 361 20.44 31.46 46.22
N LYS C 362 19.11 31.54 46.24
CA LYS C 362 18.39 32.09 47.38
C LYS C 362 17.70 31.04 48.23
N VAL C 363 17.60 29.80 47.76
CA VAL C 363 17.05 28.71 48.55
C VAL C 363 18.14 27.92 49.27
N ILE C 364 19.29 27.73 48.62
CA ILE C 364 20.41 27.06 49.26
C ILE C 364 20.88 27.86 50.48
N SER C 365 20.96 29.19 50.35
CA SER C 365 21.34 30.03 51.47
C SER C 365 20.33 29.94 52.61
N GLY C 366 19.05 29.82 52.29
CA GLY C 366 18.03 29.64 53.31
C GLY C 366 17.07 30.80 53.45
N GLU C 367 16.77 31.49 52.36
CA GLU C 367 15.82 32.60 52.38
C GLU C 367 14.41 32.11 52.07
N ILE C 368 14.23 31.45 50.93
CA ILE C 368 12.93 30.90 50.54
C ILE C 368 12.90 29.45 51.03
N VAL C 369 12.41 29.27 52.26
CA VAL C 369 12.33 27.96 52.87
C VAL C 369 11.08 27.25 52.38
N VAL C 370 11.26 26.04 51.85
CA VAL C 370 10.14 25.23 51.36
C VAL C 370 9.81 24.09 52.30
N GLN C 371 10.49 23.97 53.43
CA GLN C 371 10.19 22.92 54.39
C GLN C 371 8.81 23.13 55.00
N GLY C 372 8.06 22.03 55.15
CA GLY C 372 6.77 22.06 55.80
C GLY C 372 5.74 22.94 55.14
N LYS C 373 5.61 22.84 53.82
CA LYS C 373 4.68 23.66 53.05
C LYS C 373 3.70 22.74 52.32
N THR C 374 2.87 23.35 51.47
CA THR C 374 2.05 22.61 50.51
C THR C 374 2.21 23.27 49.14
N ARG C 375 1.45 22.77 48.17
CA ARG C 375 1.54 23.29 46.81
C ARG C 375 1.01 24.71 46.73
N LYS C 376 -0.16 24.97 47.34
CA LYS C 376 -0.82 26.25 47.15
C LYS C 376 -0.05 27.39 47.79
N GLU C 377 0.44 27.21 49.02
CA GLU C 377 1.12 28.32 49.67
C GLU C 377 2.45 28.64 49.00
N LEU C 378 3.17 27.60 48.54
CA LEU C 378 4.40 27.85 47.81
C LEU C 378 4.12 28.57 46.49
N THR C 379 3.12 28.11 45.74
CA THR C 379 2.79 28.74 44.48
C THR C 379 2.25 30.16 44.65
N GLU C 380 1.67 30.47 45.80
CA GLU C 380 1.22 31.83 46.09
C GLU C 380 2.36 32.73 46.54
N GLU C 381 3.22 32.23 47.43
CA GLU C 381 4.34 33.02 47.91
C GLU C 381 5.34 33.32 46.80
N LEU C 382 5.59 32.36 45.89
CA LEU C 382 6.48 32.63 44.77
C LEU C 382 5.84 33.48 43.69
N SER C 383 4.51 33.53 43.63
CA SER C 383 3.82 34.35 42.64
C SER C 383 3.69 35.80 43.12
N LYS C 384 3.50 36.01 44.42
CA LYS C 384 3.39 37.37 44.94
C LYS C 384 4.69 38.13 44.76
N ILE C 385 5.83 37.47 44.99
CA ILE C 385 7.11 38.11 44.75
C ILE C 385 7.36 38.23 43.24
N ASP C 386 8.12 39.25 42.86
CA ASP C 386 8.34 39.55 41.45
C ASP C 386 9.39 38.62 40.86
N MET C 387 9.48 38.64 39.52
CA MET C 387 10.50 37.94 38.75
C MET C 387 10.29 36.43 38.80
N TYR C 388 9.33 35.97 39.59
CA TYR C 388 9.12 34.54 39.80
C TYR C 388 7.75 34.07 39.31
N SER C 389 6.73 34.94 39.36
CA SER C 389 5.38 34.51 39.01
C SER C 389 5.28 34.06 37.56
N SER C 390 5.87 34.83 36.64
CA SER C 390 5.74 34.54 35.21
C SER C 390 6.31 33.18 34.86
N TYR C 391 7.16 32.62 35.72
CA TYR C 391 7.72 31.29 35.55
C TYR C 391 7.51 30.48 36.83
N VAL C 392 6.30 30.54 37.37
CA VAL C 392 5.99 29.86 38.63
C VAL C 392 6.05 28.35 38.50
N ASP C 393 5.92 27.81 37.28
CA ASP C 393 6.12 26.39 37.02
C ASP C 393 7.55 25.97 37.31
N LYS C 394 8.47 26.92 37.32
CA LYS C 394 9.89 26.74 37.56
C LYS C 394 10.20 26.21 38.96
N LEU C 395 9.25 26.24 39.89
CA LEU C 395 9.51 25.82 41.27
C LEU C 395 10.04 24.39 41.34
N VAL C 396 9.42 23.47 40.60
CA VAL C 396 9.71 22.05 40.77
C VAL C 396 10.51 21.52 39.59
N GLY C 397 10.68 22.35 38.56
CA GLY C 397 11.33 21.89 37.34
C GLY C 397 12.78 21.50 37.50
N MET C 398 13.51 22.18 38.40
CA MET C 398 14.95 21.97 38.50
C MET C 398 15.30 20.67 39.21
N ASN C 399 14.33 20.09 39.94
CA ASN C 399 14.46 18.77 40.54
C ASN C 399 15.40 18.87 41.75
N ILE C 400 15.41 17.86 42.63
CA ILE C 400 16.15 17.98 43.88
C ILE C 400 17.65 18.13 43.63
N PHE C 401 18.19 17.41 42.64
CA PHE C 401 19.65 17.43 42.53
C PHE C 401 20.21 18.77 42.04
N HIS C 402 19.40 19.81 41.85
CA HIS C 402 19.91 21.15 41.61
C HIS C 402 20.13 21.96 42.88
N MET C 403 19.56 21.53 44.00
CA MET C 403 19.79 22.22 45.27
C MET C 403 21.06 21.70 45.92
N THR C 404 22.15 21.66 45.14
CA THR C 404 23.44 21.16 45.60
C THR C 404 24.52 22.07 45.02
N SER C 405 25.77 21.63 45.11
CA SER C 405 26.86 22.27 44.39
C SER C 405 27.02 21.58 43.03
N ASP C 406 27.92 22.13 42.21
CA ASP C 406 28.14 21.67 40.84
C ASP C 406 26.89 21.87 39.99
N GLU C 407 25.86 22.47 40.57
CA GLU C 407 24.63 22.82 39.86
C GLU C 407 24.32 24.30 39.89
N ALA C 408 24.57 24.98 41.01
CA ALA C 408 24.46 26.43 41.04
C ALA C 408 25.45 27.05 40.07
N LYS C 409 26.67 26.52 40.01
CA LYS C 409 27.63 26.95 38.99
C LYS C 409 27.06 26.76 37.60
N LYS C 410 26.55 25.57 37.30
CA LYS C 410 25.99 25.29 35.98
C LYS C 410 24.75 26.13 35.71
N LEU C 411 23.86 26.26 36.71
CA LEU C 411 22.63 27.02 36.51
C LEU C 411 22.93 28.48 36.23
N ALA C 412 23.88 29.07 36.96
CA ALA C 412 24.30 30.43 36.66
C ALA C 412 25.06 30.53 35.34
N GLU C 413 25.77 29.47 34.95
CA GLU C 413 26.50 29.50 33.69
C GLU C 413 25.55 29.54 32.50
N GLU C 414 24.44 28.81 32.57
CA GLU C 414 23.45 28.88 31.49
C GLU C 414 22.90 30.29 31.34
N ALA C 415 22.53 30.93 32.45
CA ALA C 415 22.00 32.29 32.39
C ALA C 415 23.04 33.27 31.88
N LYS C 416 24.30 33.10 32.31
CA LYS C 416 25.35 34.01 31.87
C LYS C 416 25.68 33.81 30.39
N ALA C 417 25.59 32.58 29.89
CA ALA C 417 25.98 32.29 28.52
C ALA C 417 24.84 32.51 27.52
N LYS C 418 23.59 32.54 27.97
CA LYS C 418 22.50 32.83 27.05
C LYS C 418 22.49 34.27 26.58
N LYS C 419 23.10 35.19 27.33
CA LYS C 419 23.27 36.55 26.84
C LYS C 419 24.20 36.62 25.65
N GLU C 420 25.18 35.72 25.54
CA GLU C 420 26.00 35.68 24.33
C GLU C 420 25.14 35.39 23.11
N GLU C 421 24.26 34.38 23.22
CA GLU C 421 23.37 34.06 22.11
C GLU C 421 22.41 35.20 21.83
N ASN C 422 21.86 35.83 22.88
CA ASN C 422 20.93 36.93 22.68
C ASN C 422 21.60 38.12 22.01
N GLU C 423 22.83 38.46 22.44
CA GLU C 423 23.56 39.56 21.83
C GLU C 423 23.92 39.25 20.39
N TYR C 424 24.30 37.99 20.11
CA TYR C 424 24.59 37.59 18.74
C TYR C 424 23.34 37.73 17.86
N TRP C 425 22.18 37.35 18.39
CA TRP C 425 20.95 37.47 17.61
C TRP C 425 20.49 38.92 17.49
N LYS C 426 21.01 39.82 18.31
CA LYS C 426 20.63 41.22 18.28
C LYS C 426 21.51 42.08 17.38
N THR C 427 22.54 41.50 16.77
CA THR C 427 23.44 42.25 15.91
C THR C 427 23.51 41.72 14.49
N THR C 428 23.29 40.44 14.27
CA THR C 428 23.31 39.88 12.92
C THR C 428 22.15 40.40 12.10
N ASP C 429 22.41 40.65 10.82
CA ASP C 429 21.39 41.10 9.88
C ASP C 429 20.99 39.95 8.97
N VAL C 430 20.08 40.24 8.04
CA VAL C 430 19.61 39.22 7.12
C VAL C 430 20.71 38.83 6.14
N VAL C 431 21.42 39.82 5.59
CA VAL C 431 22.44 39.55 4.59
C VAL C 431 23.59 38.74 5.19
N THR C 432 24.07 39.13 6.37
CA THR C 432 25.21 38.45 6.98
C THR C 432 24.87 37.00 7.31
N GLU C 433 23.71 36.76 7.93
CA GLU C 433 23.36 35.40 8.33
C GLU C 433 23.04 34.54 7.11
N TYR C 434 22.41 35.13 6.08
CA TYR C 434 22.16 34.40 4.85
C TYR C 434 23.48 34.01 4.17
N THR C 435 24.45 34.93 4.14
CA THR C 435 25.75 34.62 3.57
C THR C 435 26.45 33.52 4.36
N LYS C 436 26.34 33.56 5.69
CA LYS C 436 26.90 32.51 6.52
C LYS C 436 26.25 31.16 6.23
N ASP C 437 24.92 31.15 6.07
CA ASP C 437 24.20 29.92 5.79
C ASP C 437 24.43 29.40 4.39
N LEU C 438 24.82 30.25 3.44
CA LEU C 438 25.07 29.81 2.08
C LEU C 438 26.44 29.20 1.88
N GLU C 439 27.37 29.40 2.82
CA GLU C 439 28.71 28.83 2.69
C GLU C 439 28.78 27.39 3.18
N GLU C 440 27.72 26.87 3.78
CA GLU C 440 27.69 25.49 4.26
C GLU C 440 27.14 24.52 3.23
N ILE C 441 26.80 24.99 2.03
CA ILE C 441 26.31 24.13 0.96
C ILE C 441 27.50 23.67 0.14
N LYS C 442 27.81 22.38 0.20
CA LYS C 442 28.94 21.83 -0.54
C LYS C 442 28.69 20.38 -0.92
N LYS D 393 -27.06 -7.12 -20.76
CA LYS D 393 -26.80 -8.24 -19.86
C LYS D 393 -25.33 -8.28 -19.47
N VAL D 394 -24.84 -7.21 -18.85
CA VAL D 394 -23.44 -7.19 -18.44
C VAL D 394 -23.28 -7.92 -17.12
N HIS D 395 -22.02 -8.21 -16.78
CA HIS D 395 -21.74 -8.98 -15.58
C HIS D 395 -22.08 -8.19 -14.31
N LYS D 396 -21.63 -6.95 -14.22
CA LYS D 396 -21.79 -6.14 -13.02
C LYS D 396 -23.04 -5.26 -13.13
N HIS D 397 -24.20 -5.91 -13.16
CA HIS D 397 -25.47 -5.23 -13.31
C HIS D 397 -26.45 -5.76 -12.26
N ILE D 398 -26.83 -4.91 -11.32
CA ILE D 398 -27.87 -5.25 -10.33
C ILE D 398 -29.19 -4.79 -10.96
N LYS D 399 -29.76 -5.65 -11.80
CA LYS D 399 -30.98 -5.30 -12.50
C LYS D 399 -32.17 -5.31 -11.56
N ALA D 400 -33.05 -4.33 -11.72
CA ALA D 400 -34.30 -4.31 -10.98
C ALA D 400 -35.28 -5.31 -11.59
N ASN D 401 -36.13 -5.89 -10.74
CA ASN D 401 -37.11 -6.84 -11.22
C ASN D 401 -38.23 -6.19 -12.02
N LEU D 402 -38.33 -4.87 -11.99
CA LEU D 402 -39.28 -4.13 -12.80
C LEU D 402 -38.54 -3.23 -13.79
N CYS D 403 -37.44 -3.74 -14.35
CA CYS D 403 -36.66 -2.95 -15.30
C CYS D 403 -37.41 -2.78 -16.61
N GLY D 404 -37.67 -3.89 -17.31
CA GLY D 404 -38.32 -3.82 -18.61
C GLY D 404 -39.81 -3.61 -18.54
N LYS D 405 -40.27 -2.91 -17.50
CA LYS D 405 -41.69 -2.62 -17.32
C LYS D 405 -41.84 -1.16 -16.91
N ASP D 406 -43.01 -0.60 -17.22
CA ASP D 406 -43.27 0.82 -16.98
C ASP D 406 -43.39 1.09 -15.48
N ALA D 407 -42.42 1.80 -14.93
CA ALA D 407 -42.42 2.19 -13.52
C ALA D 407 -41.34 3.24 -13.33
N ASP D 408 -41.27 3.79 -12.12
CA ASP D 408 -40.24 4.76 -11.75
C ASP D 408 -38.95 3.98 -11.47
N THR D 409 -38.34 3.50 -12.55
CA THR D 409 -37.16 2.65 -12.46
C THR D 409 -35.91 3.48 -12.69
N THR D 410 -34.91 3.30 -11.82
CA THR D 410 -33.73 4.14 -11.80
C THR D 410 -32.47 3.30 -12.01
N LEU D 411 -31.53 3.84 -12.78
CA LEU D 411 -30.21 3.23 -12.93
C LEU D 411 -29.19 4.05 -12.14
N PHE D 412 -28.40 3.36 -11.31
CA PHE D 412 -27.45 4.01 -10.42
C PHE D 412 -26.04 3.74 -10.92
N LEU D 413 -25.35 4.79 -11.32
CA LEU D 413 -23.99 4.70 -11.84
C LEU D 413 -23.01 5.17 -10.77
N THR D 414 -22.12 4.27 -10.35
CA THR D 414 -21.02 4.60 -9.48
C THR D 414 -19.73 4.62 -10.30
N GLU D 415 -18.65 5.10 -9.70
CA GLU D 415 -17.37 5.14 -10.39
C GLU D 415 -16.49 3.94 -10.09
N GLY D 416 -16.91 3.03 -9.22
CA GLY D 416 -16.12 1.85 -8.92
C GLY D 416 -16.92 0.73 -8.29
N ASP D 417 -16.35 -0.47 -8.27
CA ASP D 417 -17.02 -1.61 -7.65
C ASP D 417 -17.12 -1.47 -6.14
N SER D 418 -16.25 -0.66 -5.53
CA SER D 418 -16.26 -0.50 -4.08
C SER D 418 -17.42 0.35 -3.60
N ALA D 419 -17.98 1.20 -4.46
CA ALA D 419 -19.10 2.05 -4.11
C ALA D 419 -20.45 1.36 -4.32
N ILE D 420 -20.46 0.11 -4.73
CA ILE D 420 -21.69 -0.61 -5.04
C ILE D 420 -22.07 -1.62 -3.96
N GLY D 421 -21.12 -2.08 -3.14
CA GLY D 421 -21.38 -3.21 -2.27
C GLY D 421 -22.54 -3.00 -1.32
N TYR D 422 -22.69 -1.78 -0.79
CA TYR D 422 -23.80 -1.50 0.12
C TYR D 422 -25.07 -1.08 -0.61
N LEU D 423 -25.02 -0.85 -1.93
CA LEU D 423 -26.23 -0.50 -2.65
C LEU D 423 -27.12 -1.72 -2.85
N ILE D 424 -26.53 -2.90 -3.03
CA ILE D 424 -27.30 -4.11 -3.26
C ILE D 424 -28.18 -4.47 -2.06
N ASP D 425 -27.85 -3.96 -0.88
CA ASP D 425 -28.59 -4.27 0.33
C ASP D 425 -29.49 -3.14 0.81
N VAL D 426 -29.49 -2.00 0.13
CA VAL D 426 -30.32 -0.87 0.53
C VAL D 426 -31.17 -0.43 -0.67
N ARG D 427 -31.19 -1.24 -1.72
CA ARG D 427 -31.95 -0.91 -2.91
C ARG D 427 -33.45 -0.98 -2.64
N ASP D 428 -34.23 -0.55 -3.63
CA ASP D 428 -35.68 -0.67 -3.57
C ASP D 428 -36.16 -2.08 -3.87
N LYS D 429 -35.33 -2.88 -4.53
CA LYS D 429 -35.58 -4.29 -4.83
C LYS D 429 -36.62 -4.46 -5.93
N GLU D 430 -37.24 -3.36 -6.39
CA GLU D 430 -38.11 -3.43 -7.54
C GLU D 430 -37.77 -2.32 -8.54
N LEU D 431 -37.42 -1.13 -8.04
CA LEU D 431 -37.09 0.02 -8.88
C LEU D 431 -35.76 0.61 -8.43
N HIS D 432 -34.67 0.00 -8.88
CA HIS D 432 -33.31 0.51 -8.73
C HIS D 432 -32.38 -0.37 -9.56
N GLY D 433 -31.48 0.27 -10.30
CA GLY D 433 -30.47 -0.43 -11.07
C GLY D 433 -29.09 -0.28 -10.49
N GLY D 434 -28.08 -0.58 -11.31
CA GLY D 434 -26.71 -0.39 -10.88
C GLY D 434 -25.68 -0.94 -11.85
N TYR D 435 -24.62 -0.16 -12.08
CA TYR D 435 -23.49 -0.61 -12.87
C TYR D 435 -22.25 0.17 -12.48
N PRO D 436 -21.24 -0.46 -11.90
CA PRO D 436 -20.03 0.28 -11.50
C PRO D 436 -19.19 0.63 -12.72
N LEU D 437 -18.86 1.91 -12.85
CA LEU D 437 -17.96 2.37 -13.90
C LEU D 437 -16.52 2.03 -13.50
N ARG D 438 -15.55 2.52 -14.27
CA ARG D 438 -14.14 2.24 -14.00
C ARG D 438 -13.37 3.55 -14.16
N GLY D 439 -13.23 4.29 -13.06
CA GLY D 439 -12.43 5.49 -13.05
C GLY D 439 -13.06 6.61 -13.87
N LYS D 440 -12.19 7.43 -14.46
CA LYS D 440 -12.64 8.55 -15.27
C LYS D 440 -13.35 8.04 -16.52
N VAL D 441 -14.26 8.87 -17.02
CA VAL D 441 -15.03 8.54 -18.22
C VAL D 441 -14.33 9.14 -19.43
N LEU D 442 -14.23 8.35 -20.49
CA LEU D 442 -13.60 8.82 -21.72
C LEU D 442 -14.30 10.08 -22.23
N ASN D 443 -13.48 11.05 -22.68
CA ASN D 443 -14.00 12.33 -23.12
C ASN D 443 -14.94 12.14 -24.31
N SER D 444 -16.23 12.35 -24.08
CA SER D 444 -17.23 12.05 -25.10
C SER D 444 -17.29 13.13 -26.18
N TRP D 445 -17.02 14.38 -25.82
CA TRP D 445 -17.24 15.49 -26.75
C TRP D 445 -16.34 15.38 -27.97
N GLY D 446 -16.92 15.60 -29.15
CA GLY D 446 -16.19 15.57 -30.39
C GLY D 446 -15.90 14.20 -30.95
N MET D 447 -16.37 13.15 -30.31
CA MET D 447 -16.10 11.78 -30.75
C MET D 447 -17.21 11.29 -31.66
N SER D 448 -16.82 10.61 -32.73
CA SER D 448 -17.78 9.93 -33.57
C SER D 448 -18.40 8.77 -32.82
N TYR D 449 -19.65 8.43 -33.18
CA TYR D 449 -20.39 7.41 -32.45
C TYR D 449 -19.67 6.07 -32.48
N ALA D 450 -18.97 5.76 -33.56
CA ALA D 450 -18.21 4.53 -33.63
C ALA D 450 -17.11 4.50 -32.56
N ASP D 451 -16.35 5.58 -32.45
CA ASP D 451 -15.36 5.69 -31.38
C ASP D 451 -16.00 5.94 -30.03
N MET D 452 -17.20 6.50 -30.00
CA MET D 452 -17.94 6.63 -28.75
C MET D 452 -18.23 5.26 -28.14
N LEU D 453 -18.69 4.32 -28.96
CA LEU D 453 -18.99 2.97 -28.49
C LEU D 453 -17.79 2.04 -28.65
N LYS D 454 -16.64 2.47 -28.14
CA LYS D 454 -15.45 1.63 -28.01
C LYS D 454 -14.92 1.57 -26.59
N ASN D 455 -15.05 2.65 -25.82
CA ASN D 455 -14.82 2.58 -24.39
C ASN D 455 -15.80 1.59 -23.78
N LYS D 456 -15.29 0.69 -22.94
CA LYS D 456 -16.13 -0.38 -22.40
C LYS D 456 -17.26 0.17 -21.55
N GLU D 457 -17.00 1.22 -20.77
CA GLU D 457 -18.03 1.76 -19.89
C GLU D 457 -19.13 2.46 -20.67
N LEU D 458 -18.76 3.23 -21.70
CA LEU D 458 -19.78 3.91 -22.52
C LEU D 458 -20.64 2.90 -23.25
N PHE D 459 -20.03 1.87 -23.85
CA PHE D 459 -20.79 0.82 -24.49
C PHE D 459 -21.68 0.08 -23.50
N ASP D 460 -21.18 -0.16 -22.29
CA ASP D 460 -21.98 -0.86 -21.29
C ASP D 460 -23.18 -0.04 -20.86
N ILE D 461 -22.99 1.27 -20.71
CA ILE D 461 -24.10 2.16 -20.38
C ILE D 461 -25.12 2.18 -21.51
N CYS D 462 -24.65 2.29 -22.75
CA CYS D 462 -25.55 2.28 -23.89
C CYS D 462 -26.33 0.97 -23.99
N ALA D 463 -25.72 -0.15 -23.61
CA ALA D 463 -26.40 -1.43 -23.66
C ALA D 463 -27.27 -1.72 -22.43
N ILE D 464 -27.08 -0.97 -21.35
CA ILE D 464 -27.82 -1.24 -20.12
C ILE D 464 -29.15 -0.52 -20.09
N THR D 465 -29.14 0.81 -20.30
CA THR D 465 -30.38 1.57 -20.26
C THR D 465 -31.26 1.31 -21.47
N GLY D 466 -30.69 0.79 -22.55
CA GLY D 466 -31.43 0.62 -23.79
C GLY D 466 -31.30 1.78 -24.75
N LEU D 467 -30.49 2.79 -24.42
CA LEU D 467 -30.26 3.89 -25.34
C LEU D 467 -29.46 3.43 -26.54
N VAL D 468 -29.64 4.15 -27.64
CA VAL D 468 -28.92 3.88 -28.88
C VAL D 468 -28.32 5.19 -29.39
N LEU D 469 -27.05 5.15 -29.75
CA LEU D 469 -26.36 6.34 -30.24
C LEU D 469 -26.64 6.54 -31.71
N GLY D 470 -27.03 7.76 -32.08
CA GLY D 470 -27.42 8.09 -33.44
C GLY D 470 -28.92 8.17 -33.63
N GLU D 471 -29.68 7.35 -32.91
CA GLU D 471 -31.13 7.38 -32.96
C GLU D 471 -31.67 8.06 -31.70
N LYS D 472 -32.59 8.99 -31.90
CA LYS D 472 -33.17 9.75 -30.79
C LYS D 472 -33.95 8.84 -29.85
N ALA D 473 -34.21 9.39 -28.65
CA ALA D 473 -34.78 8.64 -27.53
C ALA D 473 -36.28 8.44 -27.68
N PHE D 474 -36.94 8.09 -26.57
CA PHE D 474 -38.38 7.86 -26.57
C PHE D 474 -39.11 8.98 -27.32
N GLU D 475 -40.17 8.60 -28.02
CA GLU D 475 -40.97 9.56 -28.77
C GLU D 475 -42.09 10.11 -27.90
N GLU D 476 -42.88 11.01 -28.49
CA GLU D 476 -43.93 11.72 -27.79
C GLU D 476 -45.22 11.71 -28.61
N LYS D 477 -46.34 11.86 -27.92
CA LYS D 477 -47.65 11.87 -28.55
C LYS D 477 -47.95 13.27 -29.09
N GLU D 478 -49.17 13.45 -29.59
CA GLU D 478 -49.61 14.72 -30.15
C GLU D 478 -50.13 15.63 -29.05
N ASP D 479 -49.81 16.92 -29.17
CA ASP D 479 -50.19 17.92 -28.19
C ASP D 479 -50.95 19.05 -28.89
N GLY D 480 -51.41 20.02 -28.11
CA GLY D 480 -52.11 21.16 -28.65
C GLY D 480 -53.26 21.66 -27.77
N GLU D 481 -53.76 20.81 -26.89
CA GLU D 481 -54.81 21.20 -25.95
C GLU D 481 -54.19 21.78 -24.70
N TRP D 482 -54.98 22.56 -23.97
CA TRP D 482 -54.51 23.20 -22.75
C TRP D 482 -55.57 23.08 -21.66
N PHE D 483 -55.13 22.69 -20.46
CA PHE D 483 -56.01 22.44 -19.32
C PHE D 483 -55.44 23.09 -18.06
N THR D 484 -55.09 24.36 -18.16
CA THR D 484 -54.45 25.08 -17.06
C THR D 484 -55.28 25.00 -15.79
N PHE D 485 -54.61 24.75 -14.66
CA PHE D 485 -55.24 24.69 -13.34
C PHE D 485 -54.54 25.67 -12.40
N GLU D 486 -54.90 25.59 -11.11
CA GLU D 486 -54.37 26.48 -10.09
C GLU D 486 -53.61 25.72 -9.01
N LEU D 487 -52.81 24.73 -9.41
CA LEU D 487 -52.01 24.00 -8.43
C LEU D 487 -50.91 24.88 -7.85
N ASN D 488 -50.73 24.79 -6.52
CA ASN D 488 -49.74 25.57 -5.79
C ASN D 488 -49.96 27.07 -5.96
N GLY D 489 -51.20 27.48 -6.16
CA GLY D 489 -51.53 28.89 -6.28
C GLY D 489 -50.90 29.59 -7.46
N ASP D 490 -50.94 28.97 -8.63
CA ASP D 490 -50.37 29.57 -9.82
C ASP D 490 -51.04 28.98 -11.05
N THR D 491 -51.09 29.79 -12.13
CA THR D 491 -51.61 29.33 -13.40
C THR D 491 -50.52 28.55 -14.13
N ILE D 492 -50.65 27.22 -14.15
CA ILE D 492 -49.68 26.34 -14.79
C ILE D 492 -50.33 25.76 -16.03
N ILE D 493 -49.80 26.11 -17.20
CA ILE D 493 -50.37 25.68 -18.48
C ILE D 493 -49.92 24.26 -18.76
N VAL D 494 -50.89 23.35 -18.91
CA VAL D 494 -50.62 21.92 -19.09
C VAL D 494 -51.39 21.43 -20.31
N ASN D 495 -50.76 20.55 -21.07
CA ASN D 495 -51.38 19.94 -22.25
C ASN D 495 -52.40 18.90 -21.80
N GLU D 496 -52.97 18.17 -22.75
CA GLU D 496 -53.94 17.12 -22.43
C GLU D 496 -53.28 15.85 -21.93
N ASN D 497 -51.96 15.71 -22.07
CA ASN D 497 -51.27 14.50 -21.63
C ASN D 497 -49.84 14.89 -21.24
N ASP D 498 -49.62 15.08 -19.94
CA ASP D 498 -48.31 15.43 -19.41
C ASP D 498 -48.10 14.68 -18.10
N GLU D 499 -47.08 15.09 -17.35
CA GLU D 499 -46.84 14.60 -15.99
C GLU D 499 -46.67 15.80 -15.08
N VAL D 500 -47.41 15.81 -13.97
CA VAL D 500 -47.46 16.95 -13.06
C VAL D 500 -46.92 16.50 -11.70
N GLN D 501 -45.98 17.27 -11.15
CA GLN D 501 -45.44 17.01 -9.83
C GLN D 501 -46.33 17.66 -8.78
N ILE D 502 -46.98 16.83 -7.96
CA ILE D 502 -47.73 17.36 -6.82
C ILE D 502 -46.78 17.73 -5.69
N ASN D 503 -46.05 16.75 -5.16
CA ASN D 503 -44.95 17.02 -4.23
C ASN D 503 -43.97 15.86 -4.37
N GLY D 504 -42.94 16.04 -5.19
CA GLY D 504 -41.96 15.00 -5.41
C GLY D 504 -42.53 13.72 -5.98
N LYS D 505 -43.51 13.83 -6.87
CA LYS D 505 -44.16 12.66 -7.46
C LYS D 505 -44.36 12.91 -8.95
N TRP D 506 -45.03 11.98 -9.63
CA TRP D 506 -45.34 12.10 -11.05
C TRP D 506 -46.76 11.59 -11.26
N ILE D 507 -47.68 12.51 -11.56
CA ILE D 507 -49.04 12.15 -11.90
C ILE D 507 -49.38 12.77 -13.25
N THR D 508 -50.19 12.07 -14.04
CA THR D 508 -50.53 12.49 -15.39
C THR D 508 -51.95 13.02 -15.44
N VAL D 509 -52.23 13.79 -16.51
CA VAL D 509 -53.53 14.41 -16.67
C VAL D 509 -54.62 13.36 -16.81
N GLY D 510 -54.32 12.25 -17.49
CA GLY D 510 -55.29 11.18 -17.62
C GLY D 510 -55.76 10.63 -16.29
N GLU D 511 -54.82 10.39 -15.37
CA GLU D 511 -55.18 9.97 -14.03
C GLU D 511 -55.65 11.13 -13.15
N LEU D 512 -55.30 12.37 -13.52
CA LEU D 512 -55.80 13.53 -12.79
C LEU D 512 -57.27 13.80 -13.11
N ARG D 513 -57.77 13.28 -14.23
CA ARG D 513 -59.15 13.51 -14.63
C ARG D 513 -60.16 12.88 -13.68
N LYS D 514 -59.74 11.96 -12.80
CA LYS D 514 -60.67 11.24 -11.94
C LYS D 514 -60.54 11.62 -10.47
N ASN D 515 -59.77 12.67 -10.16
CA ASN D 515 -59.58 13.10 -8.78
C ASN D 515 -60.34 14.37 -8.45
N LEU D 516 -61.05 14.95 -9.41
CA LEU D 516 -62.00 16.04 -9.19
C LEU D 516 -61.32 17.28 -8.57
N MET D 517 -60.37 17.84 -9.29
CA MET D 517 -59.87 19.18 -9.01
C MET D 517 -60.19 20.09 -10.19
N LYS D 518 -59.78 21.35 -10.08
CA LYS D 518 -60.21 22.39 -11.00
C LYS D 518 -59.61 22.17 -12.39
N PHE D 519 -60.46 22.18 -13.40
CA PHE D 519 -60.04 22.20 -14.80
C PHE D 519 -60.56 23.47 -15.47
N VAL D 520 -59.67 24.21 -16.11
CA VAL D 520 -60.04 25.41 -16.87
C VAL D 520 -59.70 25.16 -18.33
N LYS D 521 -60.69 25.26 -19.19
CA LYS D 521 -60.51 25.05 -20.62
C LYS D 521 -59.85 26.28 -21.24
N ILE D 522 -58.67 26.08 -21.85
CA ILE D 522 -57.91 27.16 -22.46
C ILE D 522 -57.66 26.81 -23.92
N ASP D 523 -57.89 27.78 -24.80
CA ASP D 523 -57.66 27.57 -26.22
C ASP D 523 -56.16 27.58 -26.52
N SER D 524 -55.82 27.41 -27.80
CA SER D 524 -54.43 27.30 -28.24
C SER D 524 -53.79 28.65 -28.53
N SER D 525 -54.28 29.72 -27.92
CA SER D 525 -53.69 31.04 -28.14
C SER D 525 -52.26 31.10 -27.63
N SER D 526 -52.00 30.51 -26.47
CA SER D 526 -50.67 30.55 -25.88
C SER D 526 -49.70 29.65 -26.66
N VAL D 527 -48.45 30.10 -26.72
CA VAL D 527 -47.39 29.35 -27.40
C VAL D 527 -46.17 29.14 -26.51
N ASP D 528 -46.18 29.65 -25.28
CA ASP D 528 -45.02 29.57 -24.39
C ASP D 528 -44.88 28.14 -23.88
N MET D 529 -44.34 27.27 -24.75
CA MET D 529 -44.10 25.90 -24.34
C MET D 529 -42.95 25.80 -23.35
N LYS D 530 -41.97 26.71 -23.44
CA LYS D 530 -40.85 26.68 -22.50
C LYS D 530 -41.23 27.21 -21.13
N LYS D 531 -42.38 27.89 -21.01
CA LYS D 531 -42.81 28.39 -19.71
C LYS D 531 -43.04 27.25 -18.72
N TYR D 532 -43.40 26.06 -19.21
CA TYR D 532 -43.52 24.89 -18.37
C TYR D 532 -42.43 23.86 -18.61
N LYS D 533 -41.72 23.95 -19.74
CA LYS D 533 -40.66 22.99 -20.05
C LYS D 533 -39.40 23.23 -19.22
N LEU D 534 -39.15 24.48 -18.82
CA LEU D 534 -37.93 24.76 -18.06
C LEU D 534 -37.95 24.08 -16.69
N GLN D 535 -39.12 23.98 -16.07
CA GLN D 535 -39.22 23.32 -14.77
C GLN D 535 -39.48 21.83 -14.95
N ASN D 536 -39.29 21.09 -13.85
CA ASN D 536 -39.44 19.65 -13.88
C ASN D 536 -40.88 19.25 -14.19
N ASN D 537 -41.85 19.94 -13.59
CA ASN D 537 -43.26 19.58 -13.77
C ASN D 537 -43.72 19.91 -15.18
N VAL D 538 -44.86 19.33 -15.58
CA VAL D 538 -45.45 19.51 -16.90
C VAL D 538 -44.44 19.13 -17.99
N ARG D 539 -44.12 17.85 -18.06
CA ARG D 539 -43.24 17.32 -19.11
C ARG D 539 -44.06 16.49 -20.09
N ARG D 540 -43.55 16.37 -21.32
CA ARG D 540 -44.23 15.59 -22.34
C ARG D 540 -44.31 14.12 -21.93
N SER D 541 -45.44 13.50 -22.22
CA SER D 541 -45.66 12.10 -21.89
C SER D 541 -44.95 11.20 -22.89
N ILE D 542 -45.12 9.89 -22.72
CA ILE D 542 -44.41 8.88 -23.48
C ILE D 542 -45.40 7.94 -24.14
N LYS D 543 -45.17 7.63 -25.41
CA LYS D 543 -45.98 6.65 -26.12
C LYS D 543 -45.24 5.36 -26.45
N SER D 544 -43.92 5.41 -26.60
CA SER D 544 -43.12 4.20 -26.87
C SER D 544 -41.68 4.51 -26.51
N SER D 545 -41.16 3.81 -25.50
CA SER D 545 -39.80 4.02 -25.01
C SER D 545 -39.02 2.73 -25.12
N SER D 546 -37.84 2.80 -25.74
CA SER D 546 -36.92 1.68 -25.80
C SER D 546 -35.95 1.67 -24.63
N MET D 547 -36.14 2.55 -23.66
CA MET D 547 -35.23 2.71 -22.54
C MET D 547 -35.63 1.73 -21.43
N ASN D 548 -34.70 0.84 -21.05
CA ASN D 548 -35.01 -0.13 -20.00
C ASN D 548 -35.34 0.55 -18.69
N TYR D 549 -34.47 1.42 -18.21
CA TYR D 549 -34.72 2.19 -17.01
C TYR D 549 -35.36 3.52 -17.35
N ALA D 550 -36.30 3.95 -16.51
CA ALA D 550 -37.00 5.21 -16.71
C ALA D 550 -36.30 6.37 -16.01
N ASN D 551 -35.12 6.15 -15.44
CA ASN D 551 -34.38 7.19 -14.75
C ASN D 551 -32.91 6.81 -14.74
N VAL D 552 -32.03 7.81 -14.86
CA VAL D 552 -30.59 7.61 -14.77
C VAL D 552 -30.04 8.55 -13.72
N ALA D 553 -29.50 7.98 -12.64
CA ALA D 553 -28.95 8.75 -11.54
C ALA D 553 -27.45 8.46 -11.45
N ILE D 554 -26.64 9.50 -11.58
CA ILE D 554 -25.19 9.39 -11.52
C ILE D 554 -24.79 9.59 -10.07
N MET D 555 -24.45 8.50 -9.39
CA MET D 555 -24.03 8.56 -7.99
C MET D 555 -22.52 8.35 -7.92
N THR D 556 -21.79 9.45 -8.10
CA THR D 556 -20.34 9.43 -7.91
C THR D 556 -19.99 10.01 -6.55
N ASP D 557 -18.73 9.94 -6.16
CA ASP D 557 -18.27 10.42 -4.87
C ASP D 557 -18.07 11.93 -4.93
N ALA D 558 -18.40 12.61 -3.83
CA ALA D 558 -18.43 14.06 -3.80
C ALA D 558 -17.06 14.68 -3.58
N ASP D 559 -15.98 13.96 -3.83
CA ASP D 559 -14.65 14.55 -3.78
C ASP D 559 -14.46 15.46 -4.99
N HIS D 560 -13.28 16.07 -5.10
CA HIS D 560 -13.02 16.98 -6.20
C HIS D 560 -13.08 16.26 -7.55
N ASP D 561 -12.44 15.09 -7.64
CA ASP D 561 -12.39 14.36 -8.89
C ASP D 561 -13.78 13.89 -9.33
N GLY D 562 -14.60 13.44 -8.38
CA GLY D 562 -15.91 12.92 -8.73
C GLY D 562 -16.83 13.97 -9.34
N LEU D 563 -16.89 15.14 -8.71
CA LEU D 563 -17.76 16.21 -9.21
C LEU D 563 -17.13 17.02 -10.33
N GLY D 564 -15.82 16.92 -10.54
CA GLY D 564 -15.18 17.79 -11.49
C GLY D 564 -14.77 17.16 -12.81
N SER D 565 -14.43 15.88 -12.78
CA SER D 565 -13.92 15.21 -13.96
C SER D 565 -14.85 14.12 -14.49
N ILE D 566 -15.54 13.41 -13.61
CA ILE D 566 -16.35 12.28 -14.03
C ILE D 566 -17.82 12.66 -14.18
N TYR D 567 -18.37 13.41 -13.24
CA TYR D 567 -19.76 13.83 -13.35
C TYR D 567 -20.00 14.72 -14.57
N PRO D 568 -19.23 15.82 -14.80
CA PRO D 568 -19.43 16.56 -16.05
C PRO D 568 -18.65 15.95 -17.20
N SER D 569 -18.64 14.64 -17.25
CA SER D 569 -18.22 13.84 -18.41
C SER D 569 -19.29 12.82 -18.79
N LEU D 570 -19.90 12.16 -17.80
CA LEU D 570 -21.16 11.48 -18.04
C LEU D 570 -22.24 12.46 -18.45
N LEU D 571 -22.19 13.69 -17.92
CA LEU D 571 -23.11 14.72 -18.40
C LEU D 571 -22.92 14.99 -19.89
N GLY D 572 -21.66 15.14 -20.32
CA GLY D 572 -21.39 15.33 -21.74
C GLY D 572 -21.74 14.15 -22.60
N PHE D 573 -21.57 12.92 -22.09
CA PHE D 573 -21.99 11.73 -22.81
C PHE D 573 -23.51 11.68 -22.98
N PHE D 574 -24.24 11.87 -21.88
CA PHE D 574 -25.70 11.84 -21.91
C PHE D 574 -26.29 13.05 -22.63
N SER D 575 -25.49 14.09 -22.89
CA SER D 575 -25.97 15.22 -23.69
C SER D 575 -26.26 14.85 -25.13
N ASN D 576 -25.84 13.67 -25.58
CA ASN D 576 -26.22 13.18 -26.90
C ASN D 576 -27.72 12.97 -27.04
N TRP D 577 -28.45 12.90 -25.92
CA TRP D 577 -29.90 12.75 -25.92
C TRP D 577 -30.49 13.86 -25.07
N PRO D 578 -30.60 15.07 -25.62
CA PRO D 578 -31.16 16.18 -24.83
C PRO D 578 -32.61 15.97 -24.42
N GLU D 579 -33.33 15.07 -25.08
CA GLU D 579 -34.68 14.74 -24.64
C GLU D 579 -34.68 14.16 -23.24
N LEU D 580 -33.61 13.47 -22.85
CA LEU D 580 -33.48 12.99 -21.49
C LEU D 580 -33.40 14.15 -20.51
N PHE D 581 -32.63 15.18 -20.84
CA PHE D 581 -32.50 16.35 -19.97
C PHE D 581 -33.81 17.13 -19.90
N GLU D 582 -34.52 17.24 -21.03
CA GLU D 582 -35.77 18.00 -21.04
C GLU D 582 -36.81 17.38 -20.10
N GLN D 583 -36.87 16.05 -20.05
CA GLN D 583 -37.86 15.35 -19.25
C GLN D 583 -37.41 15.17 -17.80
N GLY D 584 -36.24 15.67 -17.42
CA GLY D 584 -35.77 15.54 -16.06
C GLY D 584 -35.46 14.11 -15.67
N ARG D 585 -34.78 13.37 -16.55
CA ARG D 585 -34.46 11.98 -16.31
C ARG D 585 -32.97 11.74 -16.03
N ILE D 586 -32.17 12.79 -15.94
CA ILE D 586 -30.76 12.69 -15.61
C ILE D 586 -30.55 13.38 -14.28
N ARG D 587 -30.32 12.60 -13.24
CA ARG D 587 -30.24 13.11 -11.88
C ARG D 587 -28.87 12.83 -11.28
N PHE D 588 -28.55 13.57 -10.22
CA PHE D 588 -27.32 13.38 -9.47
C PHE D 588 -27.67 13.22 -8.01
N VAL D 589 -27.34 12.06 -7.45
CA VAL D 589 -27.61 11.77 -6.04
C VAL D 589 -26.56 12.50 -5.20
N LYS D 590 -27.00 13.47 -4.42
CA LYS D 590 -26.09 14.29 -3.63
C LYS D 590 -25.56 13.45 -2.47
N THR D 591 -24.33 12.96 -2.61
CA THR D 591 -23.58 12.20 -1.62
C THR D 591 -22.76 13.15 -0.75
N PRO D 592 -22.66 12.88 0.55
CA PRO D 592 -21.80 13.71 1.39
C PRO D 592 -20.34 13.51 1.07
N VAL D 593 -19.55 14.57 1.31
CA VAL D 593 -18.11 14.47 1.19
C VAL D 593 -17.50 14.63 2.58
N ILE D 594 -18.21 15.30 3.47
CA ILE D 594 -17.72 15.51 4.84
C ILE D 594 -18.86 15.32 5.80
N ILE D 595 -18.81 14.25 6.59
CA ILE D 595 -19.83 13.97 7.60
C ILE D 595 -19.17 14.22 8.95
N ALA D 596 -19.36 15.42 9.47
CA ALA D 596 -18.70 15.86 10.70
C ALA D 596 -19.72 15.87 11.83
N GLN D 597 -19.39 15.22 12.93
CA GLN D 597 -20.30 15.14 14.06
C GLN D 597 -19.82 16.06 15.20
N VAL D 598 -20.76 16.83 15.74
CA VAL D 598 -20.55 17.67 16.90
C VAL D 598 -21.40 17.13 18.03
N GLY D 599 -20.76 16.79 19.15
CA GLY D 599 -21.46 16.11 20.22
C GLY D 599 -22.03 14.80 19.74
N LYS D 600 -23.36 14.75 19.58
CA LYS D 600 -24.03 13.58 19.06
C LYS D 600 -24.83 13.87 17.79
N LYS D 601 -24.64 15.03 17.17
CA LYS D 601 -25.37 15.44 15.99
C LYS D 601 -24.45 15.46 14.77
N GLN D 602 -24.86 14.77 13.71
CA GLN D 602 -24.07 14.68 12.50
C GLN D 602 -24.45 15.79 11.53
N GLU D 603 -23.47 16.27 10.76
CA GLU D 603 -23.66 17.29 9.75
C GLU D 603 -23.10 16.76 8.44
N TRP D 604 -23.95 16.76 7.41
CA TRP D 604 -23.57 16.26 6.08
C TRP D 604 -23.24 17.45 5.20
N PHE D 605 -22.02 17.50 4.71
CA PHE D 605 -21.57 18.54 3.78
C PHE D 605 -21.26 17.87 2.45
N TYR D 606 -22.01 18.23 1.42
CA TYR D 606 -21.93 17.60 0.12
C TYR D 606 -20.77 18.12 -0.72
N THR D 607 -20.22 19.28 -0.37
CA THR D 607 -19.07 19.83 -1.08
C THR D 607 -18.12 20.44 -0.07
N VAL D 608 -16.85 20.54 -0.48
CA VAL D 608 -15.85 21.17 0.37
C VAL D 608 -16.17 22.65 0.58
N ALA D 609 -16.75 23.29 -0.46
CA ALA D 609 -17.09 24.69 -0.36
C ALA D 609 -18.12 24.95 0.74
N GLU D 610 -19.12 24.06 0.85
CA GLU D 610 -20.12 24.24 1.91
C GLU D 610 -19.52 24.02 3.29
N TYR D 611 -18.56 23.10 3.42
CA TYR D 611 -17.89 22.92 4.70
C TYR D 611 -17.07 24.15 5.07
N GLU D 612 -16.32 24.69 4.11
CA GLU D 612 -15.51 25.88 4.38
C GLU D 612 -16.37 27.12 4.60
N SER D 613 -17.62 27.11 4.11
CA SER D 613 -18.53 28.22 4.36
C SER D 613 -19.22 28.13 5.70
N ALA D 614 -19.05 27.01 6.42
CA ALA D 614 -19.63 26.84 7.75
C ALA D 614 -18.61 26.30 8.75
N LYS D 615 -17.32 26.27 8.39
CA LYS D 615 -16.30 25.73 9.29
C LYS D 615 -16.16 26.58 10.54
N ASP D 616 -16.34 27.90 10.43
CA ASP D 616 -16.15 28.81 11.54
C ASP D 616 -17.47 29.15 12.25
N ALA D 617 -18.47 28.29 12.13
CA ALA D 617 -19.75 28.47 12.81
C ALA D 617 -20.12 27.31 13.70
N LEU D 618 -19.79 26.08 13.31
CA LEU D 618 -20.08 24.91 14.12
C LEU D 618 -19.17 24.88 15.35
N PRO D 619 -19.58 24.17 16.40
CA PRO D 619 -18.68 23.95 17.54
C PRO D 619 -17.50 23.06 17.18
N LYS D 620 -16.67 22.72 18.17
CA LYS D 620 -15.53 21.83 17.94
C LYS D 620 -15.98 20.53 17.30
N HIS D 621 -15.56 20.30 16.06
CA HIS D 621 -16.02 19.18 15.26
C HIS D 621 -14.85 18.29 14.87
N SER D 622 -15.10 16.97 14.86
CA SER D 622 -14.14 15.99 14.36
C SER D 622 -14.55 15.65 12.94
N ILE D 623 -13.83 16.21 11.97
CA ILE D 623 -14.18 16.03 10.57
C ILE D 623 -13.89 14.60 10.13
N ARG D 624 -14.85 13.98 9.45
CA ARG D 624 -14.68 12.66 8.87
C ARG D 624 -14.79 12.83 7.35
N TYR D 625 -13.65 13.03 6.71
CA TYR D 625 -13.61 13.22 5.26
C TYR D 625 -13.73 11.86 4.58
N ILE D 626 -14.86 11.60 3.96
CA ILE D 626 -15.10 10.35 3.26
C ILE D 626 -14.62 10.52 1.83
N LYS D 627 -13.48 9.89 1.51
CA LYS D 627 -12.90 10.04 0.18
C LYS D 627 -13.80 9.49 -0.90
N GLY D 628 -14.41 8.32 -0.66
CA GLY D 628 -15.27 7.70 -1.65
C GLY D 628 -16.52 7.12 -1.01
N LEU D 629 -17.43 6.68 -1.87
CA LEU D 629 -18.68 6.10 -1.40
C LEU D 629 -18.46 4.75 -0.74
N GLY D 630 -17.31 4.13 -0.95
CA GLY D 630 -16.94 2.90 -0.26
C GLY D 630 -16.41 3.07 1.13
N SER D 631 -16.33 4.32 1.61
CA SER D 631 -15.87 4.63 2.95
C SER D 631 -17.01 5.05 3.87
N LEU D 632 -18.23 4.60 3.58
CA LEU D 632 -19.42 5.01 4.30
C LEU D 632 -20.05 3.80 4.99
N GLU D 633 -20.51 4.02 6.23
CA GLU D 633 -21.19 2.98 6.97
C GLU D 633 -22.52 2.64 6.29
N LYS D 634 -23.07 1.48 6.65
CA LYS D 634 -24.30 1.02 6.02
C LYS D 634 -25.50 1.88 6.40
N SER D 635 -25.53 2.43 7.62
CA SER D 635 -26.62 3.32 8.00
C SER D 635 -26.64 4.59 7.15
N GLU D 636 -25.47 5.22 6.97
CA GLU D 636 -25.38 6.41 6.13
C GLU D 636 -25.66 6.12 4.66
N TYR D 637 -25.17 4.99 4.14
CA TYR D 637 -25.50 4.59 2.77
C TYR D 637 -26.99 4.36 2.59
N ARG D 638 -27.63 3.67 3.54
CA ARG D 638 -29.06 3.44 3.49
C ARG D 638 -29.85 4.75 3.56
N GLU D 639 -29.44 5.68 4.42
CA GLU D 639 -30.10 6.97 4.49
C GLU D 639 -29.90 7.76 3.21
N MET D 640 -28.73 7.67 2.60
CA MET D 640 -28.48 8.34 1.33
C MET D 640 -29.38 7.80 0.23
N ILE D 641 -29.50 6.48 0.13
CA ILE D 641 -30.24 5.89 -0.97
C ILE D 641 -31.75 6.02 -0.76
N GLN D 642 -32.24 5.66 0.43
CA GLN D 642 -33.68 5.63 0.67
C GLN D 642 -34.26 7.00 0.97
N ASN D 643 -33.43 7.98 1.31
CA ASN D 643 -33.84 9.37 1.48
C ASN D 643 -32.98 10.22 0.56
N PRO D 644 -33.14 10.09 -0.75
CA PRO D 644 -32.20 10.71 -1.67
C PRO D 644 -32.50 12.18 -1.91
N VAL D 645 -31.44 12.97 -1.99
CA VAL D 645 -31.54 14.39 -2.37
C VAL D 645 -31.06 14.47 -3.81
N TYR D 646 -32.00 14.36 -4.74
CA TYR D 646 -31.67 14.35 -6.16
C TYR D 646 -31.31 15.76 -6.63
N ASP D 647 -30.71 15.81 -7.82
CA ASP D 647 -30.41 17.08 -8.50
C ASP D 647 -30.69 16.84 -9.99
N VAL D 648 -31.91 17.17 -10.41
CA VAL D 648 -32.29 16.99 -11.81
C VAL D 648 -31.54 18.00 -12.66
N VAL D 649 -30.87 17.51 -13.70
CA VAL D 649 -30.07 18.35 -14.57
C VAL D 649 -30.93 18.83 -15.73
N LYS D 650 -30.93 20.14 -15.97
CA LYS D 650 -31.65 20.75 -17.08
C LYS D 650 -30.69 21.62 -17.86
N LEU D 651 -30.67 21.43 -19.17
CA LEU D 651 -29.70 22.12 -20.02
C LEU D 651 -30.23 23.49 -20.44
N PRO D 652 -29.36 24.49 -20.53
CA PRO D 652 -29.79 25.80 -21.02
C PRO D 652 -29.74 25.85 -22.54
N GLU D 653 -30.03 27.04 -23.09
CA GLU D 653 -30.07 27.20 -24.53
C GLU D 653 -28.69 27.00 -25.16
N ASN D 654 -27.65 27.52 -24.53
CA ASN D 654 -26.29 27.50 -25.07
C ASN D 654 -25.44 26.41 -24.43
N TRP D 655 -26.03 25.24 -24.15
CA TRP D 655 -25.27 24.19 -23.48
C TRP D 655 -24.11 23.69 -24.32
N LYS D 656 -24.24 23.72 -25.65
CA LYS D 656 -23.13 23.31 -26.51
C LYS D 656 -21.94 24.26 -26.35
N GLU D 657 -22.21 25.57 -26.24
CA GLU D 657 -21.12 26.53 -26.12
C GLU D 657 -20.40 26.41 -24.77
N LEU D 658 -21.13 26.04 -23.72
CA LEU D 658 -20.53 25.85 -22.41
C LEU D 658 -20.02 24.43 -22.18
N PHE D 659 -20.26 23.52 -23.13
CA PHE D 659 -19.58 22.23 -23.16
C PHE D 659 -18.30 22.27 -23.98
N GLU D 660 -18.28 23.05 -25.06
CA GLU D 660 -17.07 23.14 -25.88
C GLU D 660 -15.91 23.76 -25.11
N MET D 661 -16.22 24.60 -24.12
CA MET D 661 -15.17 25.27 -23.35
C MET D 661 -14.53 24.32 -22.34
N LEU D 662 -15.31 23.40 -21.77
CA LEU D 662 -14.78 22.50 -20.75
C LEU D 662 -14.29 21.18 -21.32
N MET D 663 -14.84 20.72 -22.45
CA MET D 663 -14.50 19.43 -23.01
C MET D 663 -13.80 19.50 -24.36
N GLY D 664 -13.84 20.65 -25.03
CA GLY D 664 -13.22 20.76 -26.33
C GLY D 664 -11.70 20.71 -26.25
N ASP D 665 -11.09 20.61 -27.42
CA ASP D 665 -9.62 20.56 -27.53
C ASP D 665 -9.05 21.95 -27.77
N ASN D 666 -9.29 22.83 -26.79
CA ASN D 666 -8.78 24.20 -26.85
C ASN D 666 -8.54 24.66 -25.41
N ALA D 667 -7.29 24.60 -24.96
CA ALA D 667 -6.96 24.93 -23.58
C ALA D 667 -7.07 26.43 -23.30
N ASP D 668 -7.04 27.27 -24.34
CA ASP D 668 -7.17 28.70 -24.11
C ASP D 668 -8.55 29.07 -23.57
N LEU D 669 -9.58 28.32 -23.96
CA LEU D 669 -10.90 28.54 -23.39
C LEU D 669 -10.91 28.26 -21.90
N ARG D 670 -10.25 27.18 -21.47
CA ARG D 670 -10.13 26.91 -20.05
C ARG D 670 -9.30 27.98 -19.35
N LYS D 671 -8.25 28.47 -20.01
CA LYS D 671 -7.45 29.55 -19.44
C LYS D 671 -8.31 30.79 -19.18
N GLU D 672 -9.13 31.17 -20.15
CA GLU D 672 -9.97 32.36 -20.00
C GLU D 672 -11.09 32.14 -18.99
N TRP D 673 -11.64 30.92 -18.93
CA TRP D 673 -12.75 30.63 -18.02
C TRP D 673 -12.27 30.50 -16.57
N MET D 674 -11.06 29.98 -16.36
CA MET D 674 -10.55 29.84 -15.00
C MET D 674 -10.12 31.18 -14.41
N SER D 675 -9.63 32.09 -15.25
CA SER D 675 -9.16 33.38 -14.78
C SER D 675 -10.31 34.35 -14.58
N GLN D 676 -11.32 33.94 -13.81
CA GLN D 676 -12.48 34.78 -13.54
C GLN D 676 -13.29 34.22 -12.38
#